data_2L7Q
#
_entry.id   2L7Q
#
_entity_poly.entity_id   1
_entity_poly.type   'polypeptide(L)'
_entity_poly.pdbx_seq_one_letter_code
;MNELDIQQEYPFTVESMPVADEIAGDETVEIRLEIKPSGNFIGTVYTLRYFQPDGKGSLKMEDGTVLKPNDRYLLNEWKF
RLYYTSQSDKEAQTIDLYFEDNWGNLQQLTYDFNGKLEHHHHHH
;
_entity_poly.pdbx_strand_id   A
#
# COMPACT_ATOMS: atom_id res chain seq x y z
N MET A 1 -22.11 -22.03 17.33
CA MET A 1 -21.56 -22.17 18.71
C MET A 1 -20.60 -23.35 18.76
N ASN A 2 -21.02 -24.46 18.18
CA ASN A 2 -20.21 -25.67 18.14
C ASN A 2 -19.80 -25.98 16.70
N GLU A 3 -18.82 -25.25 16.19
CA GLU A 3 -18.28 -25.50 14.87
C GLU A 3 -16.80 -25.15 14.84
N LEU A 4 -16.11 -25.57 13.79
CA LEU A 4 -14.67 -25.40 13.70
C LEU A 4 -14.30 -24.01 13.23
N ASP A 5 -14.34 -23.06 14.14
CA ASP A 5 -13.88 -21.72 13.89
C ASP A 5 -13.06 -21.23 15.07
N ILE A 6 -11.80 -20.93 14.83
CA ILE A 6 -10.90 -20.51 15.88
C ILE A 6 -10.66 -19.00 15.84
N GLN A 7 -10.99 -18.34 16.93
CA GLN A 7 -10.75 -16.91 17.07
C GLN A 7 -9.78 -16.63 18.20
N GLN A 8 -8.75 -15.85 17.91
CA GLN A 8 -7.79 -15.43 18.94
C GLN A 8 -7.00 -14.21 18.48
N GLU A 9 -7.25 -13.09 19.17
CA GLU A 9 -6.51 -11.84 18.99
C GLU A 9 -6.35 -11.42 17.52
N TYR A 10 -7.29 -10.62 17.05
CA TYR A 10 -7.19 -10.02 15.73
C TYR A 10 -7.69 -8.58 15.76
N PRO A 11 -7.01 -7.70 16.52
CA PRO A 11 -7.45 -6.32 16.72
C PRO A 11 -7.25 -5.47 15.46
N PHE A 12 -6.15 -5.73 14.76
CA PHE A 12 -5.81 -4.98 13.56
C PHE A 12 -4.72 -5.73 12.79
N THR A 13 -5.13 -6.40 11.73
CA THR A 13 -4.18 -7.11 10.88
C THR A 13 -4.24 -6.60 9.45
N VAL A 14 -3.09 -6.34 8.86
CA VAL A 14 -3.03 -5.85 7.50
C VAL A 14 -2.60 -6.97 6.56
N GLU A 15 -3.53 -7.44 5.75
CA GLU A 15 -3.26 -8.53 4.84
C GLU A 15 -3.11 -7.99 3.43
N SER A 16 -2.01 -8.32 2.79
CA SER A 16 -1.72 -7.83 1.46
C SER A 16 -1.61 -8.98 0.48
N MET A 17 -2.30 -8.85 -0.64
CA MET A 17 -2.22 -9.84 -1.70
C MET A 17 -0.81 -9.83 -2.29
N PRO A 18 -0.13 -10.99 -2.30
CA PRO A 18 1.23 -11.14 -2.82
C PRO A 18 1.38 -10.54 -4.22
N VAL A 19 2.05 -9.40 -4.29
CA VAL A 19 2.30 -8.74 -5.56
C VAL A 19 3.64 -9.18 -6.12
N ALA A 20 3.82 -9.03 -7.42
CA ALA A 20 5.08 -9.35 -8.06
C ALA A 20 6.19 -8.42 -7.58
N ASP A 21 7.28 -9.00 -7.11
CA ASP A 21 8.39 -8.22 -6.59
C ASP A 21 9.04 -7.43 -7.71
N GLU A 22 9.24 -8.07 -8.85
CA GLU A 22 9.85 -7.41 -10.00
C GLU A 22 8.79 -6.92 -10.97
N ILE A 23 8.97 -5.71 -11.47
CA ILE A 23 8.04 -5.11 -12.41
C ILE A 23 8.80 -4.57 -13.61
N ALA A 24 8.20 -4.70 -14.78
CA ALA A 24 8.88 -4.40 -16.05
C ALA A 24 8.80 -2.93 -16.44
N GLY A 25 8.77 -2.04 -15.47
CA GLY A 25 8.65 -0.61 -15.76
C GLY A 25 7.26 -0.26 -16.25
N ASP A 26 7.06 -0.29 -17.56
CA ASP A 26 5.75 -0.05 -18.13
C ASP A 26 4.86 -1.26 -17.91
N GLU A 27 4.28 -1.34 -16.73
CA GLU A 27 3.47 -2.49 -16.34
C GLU A 27 2.51 -2.07 -15.22
N THR A 28 1.42 -2.81 -15.06
CA THR A 28 0.44 -2.49 -14.04
C THR A 28 0.26 -3.66 -13.08
N VAL A 29 0.49 -3.41 -11.80
CA VAL A 29 0.29 -4.42 -10.77
C VAL A 29 -0.83 -3.99 -9.83
N GLU A 30 -1.56 -4.97 -9.29
CA GLU A 30 -2.66 -4.68 -8.39
C GLU A 30 -2.30 -5.03 -6.95
N ILE A 31 -2.26 -4.02 -6.11
CA ILE A 31 -1.97 -4.19 -4.71
C ILE A 31 -3.28 -4.29 -3.93
N ARG A 32 -3.65 -5.50 -3.56
CA ARG A 32 -4.90 -5.74 -2.86
C ARG A 32 -4.68 -5.70 -1.36
N LEU A 33 -5.30 -4.72 -0.71
CA LEU A 33 -5.20 -4.58 0.73
C LEU A 33 -6.46 -5.09 1.40
N GLU A 34 -6.28 -5.93 2.41
CA GLU A 34 -7.38 -6.34 3.25
C GLU A 34 -7.02 -6.14 4.70
N ILE A 35 -7.67 -5.18 5.34
CA ILE A 35 -7.44 -4.93 6.74
C ILE A 35 -8.48 -5.64 7.57
N LYS A 36 -8.03 -6.58 8.39
CA LYS A 36 -8.93 -7.34 9.24
C LYS A 36 -8.75 -6.94 10.70
N PRO A 37 -9.50 -5.93 11.16
CA PRO A 37 -9.47 -5.46 12.53
C PRO A 37 -10.64 -6.02 13.35
N SER A 38 -10.69 -5.65 14.63
CA SER A 38 -11.79 -6.04 15.49
C SER A 38 -13.07 -5.35 14.98
N GLY A 39 -12.96 -4.06 14.71
CA GLY A 39 -14.02 -3.35 14.04
C GLY A 39 -15.11 -2.86 14.98
N ASN A 40 -14.71 -2.37 16.15
CA ASN A 40 -15.66 -1.80 17.09
C ASN A 40 -16.19 -0.47 16.57
N PHE A 41 -15.35 0.23 15.82
CA PHE A 41 -15.70 1.53 15.31
C PHE A 41 -16.42 1.41 13.97
N ILE A 42 -17.66 1.86 13.93
CA ILE A 42 -18.45 1.85 12.71
C ILE A 42 -18.07 3.03 11.82
N GLY A 43 -17.71 4.14 12.46
CA GLY A 43 -17.36 5.33 11.72
C GLY A 43 -16.12 6.00 12.26
N THR A 44 -15.00 5.78 11.61
CA THR A 44 -13.74 6.40 11.99
C THR A 44 -13.20 7.25 10.86
N VAL A 45 -13.79 7.07 9.67
CA VAL A 45 -13.43 7.83 8.47
C VAL A 45 -12.10 7.38 7.88
N TYR A 46 -11.10 7.18 8.75
CA TYR A 46 -9.78 6.69 8.34
C TYR A 46 -9.10 7.71 7.42
N THR A 47 -7.88 7.41 7.00
CA THR A 47 -7.17 8.26 6.05
C THR A 47 -6.13 7.44 5.29
N LEU A 48 -6.10 7.61 3.98
CA LEU A 48 -5.09 6.96 3.15
C LEU A 48 -4.22 8.02 2.50
N ARG A 49 -2.95 8.08 2.89
CA ARG A 49 -2.03 9.07 2.35
C ARG A 49 -0.92 8.38 1.56
N TYR A 50 -0.88 8.64 0.27
CA TYR A 50 0.09 8.01 -0.61
C TYR A 50 1.19 9.01 -0.97
N PHE A 51 2.43 8.54 -0.97
CA PHE A 51 3.55 9.38 -1.37
C PHE A 51 4.42 8.65 -2.39
N GLN A 52 4.87 9.38 -3.40
CA GLN A 52 5.72 8.82 -4.44
C GLN A 52 7.10 9.47 -4.41
N PRO A 53 8.07 8.80 -3.76
CA PRO A 53 9.44 9.27 -3.65
C PRO A 53 10.24 9.05 -4.94
N ASP A 54 10.64 7.81 -5.19
CA ASP A 54 11.41 7.49 -6.38
C ASP A 54 10.61 6.59 -7.31
N GLY A 55 10.92 6.64 -8.59
CA GLY A 55 10.11 5.95 -9.58
C GLY A 55 9.14 6.92 -10.22
N LYS A 56 8.17 6.42 -10.95
CA LYS A 56 7.15 7.29 -11.51
C LYS A 56 5.99 6.50 -12.09
N GLY A 57 4.78 6.91 -11.72
CA GLY A 57 3.59 6.26 -12.20
C GLY A 57 2.37 6.74 -11.44
N SER A 58 1.23 6.20 -11.77
CA SER A 58 -0.01 6.61 -11.11
C SER A 58 -0.62 5.44 -10.34
N LEU A 59 -0.89 5.67 -9.06
CA LEU A 59 -1.56 4.68 -8.25
C LEU A 59 -3.06 4.97 -8.24
N LYS A 60 -3.80 4.16 -8.95
CA LYS A 60 -5.21 4.39 -9.14
C LYS A 60 -6.03 3.45 -8.27
N MET A 61 -7.11 3.95 -7.71
CA MET A 61 -8.03 3.15 -6.92
C MET A 61 -8.77 2.17 -7.81
N GLU A 62 -9.34 1.13 -7.20
CA GLU A 62 -10.19 0.19 -7.90
C GLU A 62 -11.40 0.92 -8.49
N ASP A 63 -11.74 2.04 -7.86
CA ASP A 63 -12.80 2.91 -8.31
C ASP A 63 -12.42 3.64 -9.60
N GLY A 64 -11.15 3.97 -9.72
CA GLY A 64 -10.68 4.70 -10.88
C GLY A 64 -9.91 5.93 -10.51
N THR A 65 -10.38 6.60 -9.45
CA THR A 65 -9.75 7.81 -8.92
C THR A 65 -8.26 7.58 -8.64
N VAL A 66 -7.44 8.55 -9.02
CA VAL A 66 -5.99 8.44 -8.83
C VAL A 66 -5.57 9.02 -7.49
N LEU A 67 -4.68 8.34 -6.80
CA LEU A 67 -4.18 8.80 -5.51
C LEU A 67 -3.09 9.85 -5.71
N LYS A 68 -3.28 11.01 -5.10
CA LYS A 68 -2.34 12.11 -5.23
C LYS A 68 -1.24 12.02 -4.18
N PRO A 69 0.04 12.01 -4.62
CA PRO A 69 1.19 11.96 -3.71
C PRO A 69 1.19 13.10 -2.72
N ASN A 70 1.50 12.78 -1.47
CA ASN A 70 1.57 13.74 -0.36
C ASN A 70 0.18 14.07 0.17
N ASP A 71 -0.83 13.89 -0.66
CA ASP A 71 -2.21 14.18 -0.29
C ASP A 71 -2.86 12.91 0.27
N ARG A 72 -4.16 12.94 0.48
CA ARG A 72 -4.85 11.84 1.15
C ARG A 72 -6.32 11.75 0.77
N TYR A 73 -6.91 10.60 1.05
CA TYR A 73 -8.33 10.36 0.80
C TYR A 73 -8.98 9.72 2.03
N LEU A 74 -10.30 9.85 2.12
CA LEU A 74 -11.06 9.26 3.22
C LEU A 74 -12.00 8.18 2.68
N LEU A 75 -12.10 7.06 3.38
CA LEU A 75 -12.84 5.91 2.86
C LEU A 75 -13.55 5.14 3.97
N ASN A 76 -14.26 4.08 3.60
CA ASN A 76 -15.00 3.27 4.57
C ASN A 76 -14.59 1.81 4.43
N GLU A 77 -14.18 1.42 3.23
CA GLU A 77 -13.79 0.04 2.96
C GLU A 77 -12.43 -0.27 3.57
N TRP A 78 -12.34 -1.41 4.23
CA TRP A 78 -11.08 -1.87 4.82
C TRP A 78 -10.37 -2.81 3.84
N LYS A 79 -11.11 -3.26 2.84
CA LYS A 79 -10.56 -4.12 1.81
C LYS A 79 -10.75 -3.48 0.45
N PHE A 80 -9.67 -3.34 -0.30
CA PHE A 80 -9.72 -2.66 -1.59
C PHE A 80 -8.51 -3.02 -2.45
N ARG A 81 -8.63 -2.78 -3.74
CA ARG A 81 -7.55 -3.06 -4.67
C ARG A 81 -6.97 -1.77 -5.24
N LEU A 82 -5.65 -1.70 -5.31
CA LEU A 82 -4.97 -0.55 -5.90
C LEU A 82 -4.27 -0.97 -7.19
N TYR A 83 -4.36 -0.13 -8.21
CA TYR A 83 -3.69 -0.42 -9.47
C TYR A 83 -2.61 0.60 -9.75
N TYR A 84 -1.37 0.17 -9.63
CA TYR A 84 -0.23 1.04 -9.85
C TYR A 84 0.28 0.87 -11.27
N THR A 85 0.16 1.92 -12.06
CA THR A 85 0.70 1.92 -13.40
C THR A 85 2.01 2.69 -13.43
N SER A 86 3.11 1.96 -13.55
CA SER A 86 4.42 2.56 -13.59
C SER A 86 4.88 2.69 -15.04
N GLN A 87 5.97 3.42 -15.27
CA GLN A 87 6.45 3.63 -16.64
C GLN A 87 7.88 4.17 -16.68
N SER A 88 8.17 5.19 -15.88
CA SER A 88 9.48 5.85 -15.95
C SER A 88 10.35 5.42 -14.77
N ASP A 89 10.00 4.30 -14.19
CA ASP A 89 10.75 3.75 -13.08
C ASP A 89 12.06 3.15 -13.58
N LYS A 90 13.15 3.46 -12.89
CA LYS A 90 14.46 3.02 -13.33
C LYS A 90 14.61 1.52 -13.14
N GLU A 91 14.62 1.09 -11.88
CA GLU A 91 14.73 -0.32 -11.58
C GLU A 91 14.12 -0.63 -10.21
N ALA A 92 14.58 0.06 -9.19
CA ALA A 92 14.12 -0.20 -7.83
C ALA A 92 13.40 1.03 -7.31
N GLN A 93 12.08 0.98 -7.30
CA GLN A 93 11.30 2.14 -6.90
C GLN A 93 10.48 1.83 -5.66
N THR A 94 10.25 2.85 -4.86
CA THR A 94 9.55 2.68 -3.60
C THR A 94 8.30 3.54 -3.56
N ILE A 95 7.19 2.96 -3.15
CA ILE A 95 5.98 3.72 -2.94
C ILE A 95 5.60 3.70 -1.47
N ASP A 96 5.15 4.85 -0.97
CA ASP A 96 4.86 5.00 0.45
C ASP A 96 3.35 5.06 0.68
N LEU A 97 2.84 4.07 1.40
CA LEU A 97 1.43 4.05 1.76
C LEU A 97 1.26 4.32 3.25
N TYR A 98 0.78 5.50 3.58
CA TYR A 98 0.56 5.88 4.95
C TYR A 98 -0.90 5.68 5.33
N PHE A 99 -1.18 4.59 6.03
CA PHE A 99 -2.52 4.36 6.54
C PHE A 99 -2.68 5.10 7.86
N GLU A 100 -3.53 6.09 7.87
CA GLU A 100 -3.67 6.96 9.02
C GLU A 100 -5.08 6.86 9.57
N ASP A 101 -5.22 6.99 10.89
CA ASP A 101 -6.52 6.87 11.52
C ASP A 101 -6.53 7.60 12.86
N ASN A 102 -7.73 7.92 13.35
CA ASN A 102 -7.87 8.65 14.60
C ASN A 102 -7.47 7.78 15.79
N TRP A 103 -7.73 6.48 15.67
CA TRP A 103 -7.46 5.56 16.75
C TRP A 103 -6.25 4.68 16.44
N GLY A 104 -6.12 4.32 15.16
CA GLY A 104 -5.00 3.50 14.74
C GLY A 104 -3.73 4.29 14.53
N ASN A 105 -3.85 5.62 14.65
CA ASN A 105 -2.73 6.55 14.52
C ASN A 105 -2.15 6.52 13.11
N LEU A 106 -1.06 5.79 12.92
CA LEU A 106 -0.40 5.75 11.62
C LEU A 106 0.31 4.42 11.41
N GLN A 107 0.02 3.79 10.28
CA GLN A 107 0.71 2.57 9.88
C GLN A 107 1.29 2.78 8.48
N GLN A 108 2.61 2.83 8.39
CA GLN A 108 3.26 3.11 7.12
C GLN A 108 3.74 1.81 6.47
N LEU A 109 3.36 1.63 5.21
CA LEU A 109 3.78 0.46 4.44
C LEU A 109 4.54 0.89 3.21
N THR A 110 5.77 0.45 3.09
CA THR A 110 6.58 0.77 1.93
C THR A 110 6.73 -0.44 1.03
N TYR A 111 6.32 -0.29 -0.22
CA TYR A 111 6.46 -1.35 -1.20
C TYR A 111 7.56 -1.01 -2.20
N ASP A 112 8.65 -1.74 -2.11
CA ASP A 112 9.77 -1.56 -3.03
C ASP A 112 9.63 -2.52 -4.20
N PHE A 113 9.71 -2.01 -5.41
CA PHE A 113 9.60 -2.85 -6.59
C PHE A 113 10.99 -3.15 -7.14
N ASN A 114 11.17 -4.44 -7.48
CA ASN A 114 12.45 -5.00 -7.91
C ASN A 114 13.43 -5.05 -6.74
N GLY A 115 14.01 -3.92 -6.40
CA GLY A 115 14.88 -3.84 -5.24
C GLY A 115 16.25 -4.44 -5.47
N LYS A 116 16.27 -5.71 -5.90
CA LYS A 116 17.50 -6.45 -6.13
C LYS A 116 18.47 -5.68 -7.05
N LEU A 117 19.73 -5.62 -6.61
CA LEU A 117 20.72 -4.73 -7.22
C LEU A 117 21.64 -5.46 -8.18
N GLU A 118 21.26 -6.67 -8.60
CA GLU A 118 22.06 -7.42 -9.56
C GLU A 118 21.92 -6.82 -10.95
N HIS A 119 22.87 -5.98 -11.31
CA HIS A 119 22.89 -5.32 -12.61
C HIS A 119 23.61 -6.19 -13.63
N HIS A 120 24.40 -7.11 -13.11
CA HIS A 120 25.18 -7.99 -13.97
C HIS A 120 24.92 -9.44 -13.62
N HIS A 121 25.33 -10.34 -14.50
CA HIS A 121 25.27 -11.76 -14.21
C HIS A 121 26.68 -12.32 -14.18
N HIS A 122 27.18 -12.58 -12.97
CA HIS A 122 28.58 -12.97 -12.78
C HIS A 122 28.90 -14.27 -13.52
N HIS A 123 27.90 -15.14 -13.64
CA HIS A 123 28.06 -16.39 -14.38
C HIS A 123 26.71 -17.09 -14.45
N HIS A 124 26.39 -17.64 -15.62
CA HIS A 124 25.16 -18.37 -15.81
C HIS A 124 25.45 -19.80 -16.26
N MET A 1 9.29 10.40 22.08
CA MET A 1 9.32 9.87 20.70
C MET A 1 9.97 8.50 20.68
N ASN A 2 9.26 7.53 20.11
CA ASN A 2 9.71 6.13 20.09
C ASN A 2 9.81 5.60 21.50
N GLU A 3 8.66 5.50 22.17
CA GLU A 3 8.61 5.01 23.55
C GLU A 3 8.98 3.53 23.60
N LEU A 4 8.66 2.84 22.50
CA LEU A 4 9.05 1.44 22.30
C LEU A 4 8.28 0.49 23.22
N ASP A 5 7.11 0.88 23.68
CA ASP A 5 6.25 -0.03 24.42
C ASP A 5 5.39 -0.82 23.45
N ILE A 6 5.63 -2.12 23.43
CA ILE A 6 5.03 -3.01 22.44
C ILE A 6 3.61 -3.45 22.83
N GLN A 7 2.84 -2.52 23.37
CA GLN A 7 1.47 -2.81 23.83
C GLN A 7 0.61 -3.33 22.69
N GLN A 8 0.51 -4.65 22.57
CA GLN A 8 -0.25 -5.32 21.51
C GLN A 8 0.38 -5.09 20.13
N GLU A 9 0.25 -3.84 19.65
CA GLU A 9 0.71 -3.43 18.32
C GLU A 9 -0.14 -4.04 17.20
N TYR A 10 -0.52 -5.29 17.38
CA TYR A 10 -1.32 -6.01 16.40
C TYR A 10 -2.74 -6.25 16.92
N PRO A 11 -3.66 -5.29 16.68
CA PRO A 11 -5.07 -5.44 17.00
C PRO A 11 -5.86 -5.99 15.82
N PHE A 12 -5.86 -5.24 14.73
CA PHE A 12 -6.52 -5.65 13.50
C PHE A 12 -5.60 -6.53 12.67
N THR A 13 -6.17 -7.25 11.71
CA THR A 13 -5.40 -8.15 10.89
C THR A 13 -5.16 -7.55 9.51
N VAL A 14 -3.91 -7.52 9.09
CA VAL A 14 -3.54 -7.00 7.79
C VAL A 14 -3.24 -8.14 6.83
N GLU A 15 -4.05 -8.26 5.79
CA GLU A 15 -3.85 -9.28 4.77
C GLU A 15 -3.28 -8.63 3.52
N SER A 16 -2.16 -9.14 3.04
CA SER A 16 -1.48 -8.57 1.90
C SER A 16 -0.75 -9.65 1.13
N MET A 17 -0.93 -9.68 -0.18
CA MET A 17 -0.21 -10.62 -1.02
C MET A 17 1.18 -10.07 -1.33
N PRO A 18 2.22 -10.92 -1.32
CA PRO A 18 3.57 -10.51 -1.69
C PRO A 18 3.64 -10.08 -3.15
N VAL A 19 3.64 -8.77 -3.37
CA VAL A 19 3.63 -8.20 -4.71
C VAL A 19 5.04 -8.07 -5.27
N ALA A 20 5.99 -8.76 -4.66
CA ALA A 20 7.37 -8.70 -5.09
C ALA A 20 7.74 -9.93 -5.91
N ASP A 21 8.14 -9.69 -7.15
CA ASP A 21 8.62 -10.76 -8.03
C ASP A 21 9.43 -10.15 -9.17
N GLU A 22 8.78 -9.26 -9.92
CA GLU A 22 9.44 -8.49 -10.98
C GLU A 22 8.40 -7.65 -11.72
N ILE A 23 8.87 -6.79 -12.60
CA ILE A 23 8.00 -5.99 -13.43
C ILE A 23 8.73 -5.57 -14.71
N ALA A 24 7.97 -5.25 -15.76
CA ALA A 24 8.56 -4.86 -17.03
C ALA A 24 8.86 -3.37 -17.09
N GLY A 25 8.69 -2.69 -15.96
CA GLY A 25 8.87 -1.26 -15.91
C GLY A 25 7.54 -0.54 -16.02
N ASP A 26 7.16 -0.21 -17.25
CA ASP A 26 5.86 0.40 -17.51
C ASP A 26 4.79 -0.68 -17.50
N GLU A 27 4.29 -0.99 -16.32
CA GLU A 27 3.33 -2.06 -16.14
C GLU A 27 2.42 -1.76 -14.95
N THR A 28 1.15 -2.13 -15.06
CA THR A 28 0.20 -1.89 -13.98
C THR A 28 0.05 -3.15 -13.13
N VAL A 29 0.32 -3.02 -11.84
CA VAL A 29 0.16 -4.12 -10.90
C VAL A 29 -1.05 -3.88 -10.00
N GLU A 30 -1.72 -4.95 -9.62
CA GLU A 30 -2.92 -4.85 -8.79
C GLU A 30 -2.61 -5.28 -7.36
N ILE A 31 -2.65 -4.33 -6.45
CA ILE A 31 -2.35 -4.59 -5.05
C ILE A 31 -3.61 -5.02 -4.31
N ARG A 32 -3.68 -6.30 -3.97
CA ARG A 32 -4.78 -6.83 -3.18
C ARG A 32 -4.49 -6.63 -1.70
N LEU A 33 -5.17 -5.66 -1.11
CA LEU A 33 -4.90 -5.29 0.27
C LEU A 33 -6.18 -5.34 1.11
N GLU A 34 -6.10 -5.99 2.25
CA GLU A 34 -7.24 -6.08 3.14
C GLU A 34 -6.81 -5.77 4.57
N ILE A 35 -7.27 -4.65 5.09
CA ILE A 35 -7.03 -4.27 6.47
C ILE A 35 -8.27 -4.56 7.29
N LYS A 36 -8.33 -5.75 7.85
CA LYS A 36 -9.54 -6.23 8.48
C LYS A 36 -9.46 -6.12 9.99
N PRO A 37 -10.20 -5.16 10.58
CA PRO A 37 -10.23 -4.95 12.01
C PRO A 37 -11.24 -5.85 12.70
N SER A 38 -11.39 -5.69 14.00
CA SER A 38 -12.36 -6.47 14.76
C SER A 38 -13.58 -5.59 15.05
N GLY A 39 -13.72 -4.53 14.28
CA GLY A 39 -14.79 -3.59 14.48
C GLY A 39 -14.45 -2.64 15.61
N ASN A 40 -15.45 -2.31 16.43
CA ASN A 40 -15.25 -1.47 17.61
C ASN A 40 -14.74 -0.09 17.23
N PHE A 41 -15.03 0.35 16.01
CA PHE A 41 -14.61 1.66 15.56
C PHE A 41 -15.79 2.63 15.58
N ILE A 42 -15.82 3.47 16.60
CA ILE A 42 -16.85 4.47 16.75
C ILE A 42 -16.56 5.65 15.83
N GLY A 43 -15.63 6.49 16.25
CA GLY A 43 -15.20 7.60 15.42
C GLY A 43 -13.87 7.30 14.78
N THR A 44 -13.82 7.35 13.46
CA THR A 44 -12.59 7.07 12.75
C THR A 44 -12.56 7.82 11.42
N VAL A 45 -11.71 8.83 11.35
CA VAL A 45 -11.49 9.55 10.10
C VAL A 45 -10.74 8.65 9.12
N TYR A 46 -9.57 8.19 9.55
CA TYR A 46 -8.71 7.30 8.78
C TYR A 46 -8.34 7.93 7.43
N THR A 47 -7.22 8.61 7.41
CA THR A 47 -6.78 9.33 6.22
C THR A 47 -5.74 8.52 5.47
N LEU A 48 -5.92 8.42 4.16
CA LEU A 48 -4.99 7.71 3.31
C LEU A 48 -4.19 8.69 2.47
N ARG A 49 -2.89 8.66 2.64
CA ARG A 49 -1.99 9.50 1.86
C ARG A 49 -0.86 8.67 1.30
N TYR A 50 -0.60 8.79 0.01
CA TYR A 50 0.45 8.01 -0.62
C TYR A 50 1.51 8.93 -1.20
N PHE A 51 2.77 8.62 -0.94
CA PHE A 51 3.87 9.42 -1.44
C PHE A 51 4.92 8.51 -2.07
N GLN A 52 5.61 9.02 -3.07
CA GLN A 52 6.66 8.27 -3.74
C GLN A 52 8.02 8.87 -3.43
N PRO A 53 8.69 8.37 -2.39
CA PRO A 53 10.02 8.84 -2.01
C PRO A 53 11.07 8.44 -3.04
N ASP A 54 10.70 7.48 -3.87
CA ASP A 54 11.59 6.96 -4.89
C ASP A 54 10.78 6.46 -6.09
N GLY A 55 11.31 6.63 -7.28
CA GLY A 55 10.65 6.14 -8.47
C GLY A 55 9.52 7.04 -8.93
N LYS A 56 8.63 6.46 -9.73
CA LYS A 56 7.53 7.22 -10.34
C LYS A 56 6.45 6.26 -10.84
N GLY A 57 5.20 6.57 -10.54
CA GLY A 57 4.10 5.75 -11.00
C GLY A 57 2.75 6.44 -10.82
N SER A 58 1.70 5.77 -11.24
CA SER A 58 0.34 6.27 -11.09
C SER A 58 -0.52 5.27 -10.33
N LEU A 59 -1.14 5.72 -9.25
CA LEU A 59 -1.96 4.86 -8.42
C LEU A 59 -3.43 5.29 -8.49
N LYS A 60 -4.33 4.33 -8.63
CA LYS A 60 -5.75 4.63 -8.66
C LYS A 60 -6.53 3.55 -7.92
N MET A 61 -7.73 3.90 -7.45
CA MET A 61 -8.54 2.98 -6.68
C MET A 61 -9.50 2.20 -7.57
N GLU A 62 -10.21 1.24 -6.96
CA GLU A 62 -11.16 0.39 -7.68
C GLU A 62 -12.07 1.17 -8.61
N ASP A 63 -12.81 2.12 -8.06
CA ASP A 63 -13.77 2.89 -8.84
C ASP A 63 -13.07 3.87 -9.78
N GLY A 64 -11.88 4.30 -9.39
CA GLY A 64 -11.19 5.34 -10.12
C GLY A 64 -10.41 6.23 -9.20
N THR A 65 -10.43 7.53 -9.47
CA THR A 65 -9.68 8.51 -8.70
C THR A 65 -8.18 8.24 -8.78
N VAL A 66 -7.49 9.06 -9.55
CA VAL A 66 -6.05 8.94 -9.67
C VAL A 66 -5.37 9.63 -8.48
N LEU A 67 -4.78 8.83 -7.62
CA LEU A 67 -4.20 9.33 -6.38
C LEU A 67 -2.93 10.11 -6.65
N LYS A 68 -2.84 11.28 -6.03
CA LYS A 68 -1.68 12.15 -6.19
C LYS A 68 -0.70 11.97 -5.04
N PRO A 69 0.60 12.10 -5.31
CA PRO A 69 1.64 12.01 -4.28
C PRO A 69 1.43 13.04 -3.18
N ASN A 70 1.69 12.62 -1.94
CA ASN A 70 1.55 13.45 -0.72
C ASN A 70 0.16 14.08 -0.62
N ASP A 71 -0.81 13.54 -1.34
CA ASP A 71 -2.18 13.99 -1.24
C ASP A 71 -2.95 13.05 -0.31
N ARG A 72 -4.03 13.53 0.26
CA ARG A 72 -4.74 12.78 1.29
C ARG A 72 -6.21 12.61 0.94
N TYR A 73 -6.68 11.39 1.06
CA TYR A 73 -8.06 11.06 0.73
C TYR A 73 -8.75 10.42 1.94
N LEU A 74 -10.07 10.46 1.95
CA LEU A 74 -10.83 9.85 3.02
C LEU A 74 -11.03 8.36 2.74
N LEU A 75 -10.38 7.52 3.52
CA LEU A 75 -10.42 6.09 3.29
C LEU A 75 -11.47 5.43 4.18
N ASN A 76 -12.59 5.06 3.58
CA ASN A 76 -13.64 4.35 4.29
C ASN A 76 -13.47 2.85 4.07
N GLU A 77 -12.82 2.52 2.97
CA GLU A 77 -12.55 1.14 2.61
C GLU A 77 -11.45 0.56 3.49
N TRP A 78 -11.70 -0.63 3.98
CA TRP A 78 -10.69 -1.37 4.74
C TRP A 78 -10.16 -2.51 3.87
N LYS A 79 -11.05 -3.04 3.05
CA LYS A 79 -10.72 -4.10 2.12
C LYS A 79 -10.87 -3.58 0.70
N PHE A 80 -9.83 -3.70 -0.11
CA PHE A 80 -9.86 -3.15 -1.46
C PHE A 80 -8.70 -3.65 -2.32
N ARG A 81 -8.61 -3.10 -3.52
CA ARG A 81 -7.54 -3.39 -4.45
C ARG A 81 -7.09 -2.10 -5.12
N LEU A 82 -5.80 -1.94 -5.30
CA LEU A 82 -5.27 -0.72 -5.90
C LEU A 82 -4.56 -1.03 -7.21
N TYR A 83 -4.77 -0.16 -8.19
CA TYR A 83 -4.10 -0.29 -9.48
C TYR A 83 -2.90 0.65 -9.53
N TYR A 84 -1.71 0.09 -9.50
CA TYR A 84 -0.50 0.89 -9.56
C TYR A 84 0.21 0.67 -10.89
N THR A 85 0.19 1.70 -11.72
CA THR A 85 0.91 1.66 -12.98
C THR A 85 2.31 2.21 -12.77
N SER A 86 3.29 1.32 -12.82
CA SER A 86 4.68 1.72 -12.63
C SER A 86 5.19 2.43 -13.88
N GLN A 87 5.91 3.52 -13.68
CA GLN A 87 6.36 4.34 -14.80
C GLN A 87 7.87 4.55 -14.74
N SER A 88 8.52 3.87 -13.82
CA SER A 88 9.96 3.96 -13.66
C SER A 88 10.60 2.63 -14.05
N ASP A 89 11.37 2.64 -15.13
CA ASP A 89 11.99 1.43 -15.66
C ASP A 89 13.30 1.13 -14.94
N LYS A 90 14.01 2.19 -14.59
CA LYS A 90 15.34 2.06 -14.01
C LYS A 90 15.40 2.71 -12.63
N GLU A 91 16.18 2.08 -11.74
CA GLU A 91 16.31 2.50 -10.34
C GLU A 91 15.03 2.18 -9.57
N ALA A 92 14.14 1.44 -10.22
CA ALA A 92 12.89 0.96 -9.60
C ALA A 92 12.00 2.12 -9.16
N GLN A 93 10.99 1.81 -8.37
CA GLN A 93 10.14 2.81 -7.75
C GLN A 93 9.65 2.33 -6.40
N THR A 94 9.52 3.25 -5.45
CA THR A 94 9.11 2.89 -4.10
C THR A 94 7.95 3.77 -3.66
N ILE A 95 6.86 3.15 -3.22
CA ILE A 95 5.70 3.91 -2.80
C ILE A 95 5.44 3.72 -1.31
N ASP A 96 5.15 4.83 -0.64
CA ASP A 96 4.84 4.82 0.78
C ASP A 96 3.36 5.06 1.00
N LEU A 97 2.66 4.02 1.41
CA LEU A 97 1.25 4.12 1.71
C LEU A 97 1.06 4.42 3.19
N TYR A 98 0.70 5.66 3.50
CA TYR A 98 0.54 6.06 4.88
C TYR A 98 -0.91 5.97 5.30
N PHE A 99 -1.22 4.97 6.11
CA PHE A 99 -2.54 4.83 6.69
C PHE A 99 -2.52 5.44 8.08
N GLU A 100 -3.27 6.51 8.26
CA GLU A 100 -3.30 7.20 9.54
C GLU A 100 -4.60 6.92 10.26
N ASP A 101 -4.47 6.37 11.46
CA ASP A 101 -5.62 5.98 12.28
C ASP A 101 -6.17 7.18 13.06
N ASN A 102 -7.42 7.07 13.46
CA ASN A 102 -8.11 8.15 14.17
C ASN A 102 -7.61 8.24 15.60
N TRP A 103 -7.50 7.10 16.26
CA TRP A 103 -7.18 7.05 17.69
C TRP A 103 -5.77 7.59 17.94
N GLY A 104 -4.82 7.14 17.15
CA GLY A 104 -3.47 7.67 17.27
C GLY A 104 -2.41 6.74 16.73
N ASN A 105 -2.80 5.76 15.93
CA ASN A 105 -1.85 4.84 15.34
C ASN A 105 -1.51 5.28 13.91
N LEU A 106 -0.33 4.90 13.47
CA LEU A 106 0.12 5.23 12.12
C LEU A 106 0.77 4.00 11.48
N GLN A 107 0.24 3.60 10.33
CA GLN A 107 0.77 2.43 9.64
C GLN A 107 1.28 2.82 8.27
N GLN A 108 2.58 2.75 8.09
CA GLN A 108 3.19 3.12 6.83
C GLN A 108 3.64 1.87 6.08
N LEU A 109 2.94 1.55 5.01
CA LEU A 109 3.28 0.40 4.20
C LEU A 109 4.04 0.85 2.96
N THR A 110 5.33 0.55 2.94
CA THR A 110 6.17 0.94 1.82
C THR A 110 6.43 -0.27 0.93
N TYR A 111 6.24 -0.08 -0.37
CA TYR A 111 6.43 -1.15 -1.33
C TYR A 111 7.23 -0.65 -2.53
N ASP A 112 8.36 -1.28 -2.76
CA ASP A 112 9.14 -0.99 -3.95
C ASP A 112 8.71 -1.93 -5.07
N PHE A 113 8.65 -1.42 -6.28
CA PHE A 113 8.29 -2.23 -7.42
C PHE A 113 9.40 -2.26 -8.45
N ASN A 114 9.66 -3.48 -8.90
CA ASN A 114 10.70 -3.80 -9.88
C ASN A 114 10.92 -5.30 -9.79
N GLY A 115 10.74 -5.82 -8.58
CA GLY A 115 10.89 -7.23 -8.34
C GLY A 115 12.00 -7.52 -7.37
N LYS A 116 12.67 -6.45 -6.93
CA LYS A 116 13.85 -6.55 -6.07
C LYS A 116 14.99 -7.22 -6.82
N LEU A 117 16.22 -6.90 -6.44
CA LEU A 117 17.38 -7.46 -7.08
C LEU A 117 17.71 -8.84 -6.49
N GLU A 118 16.90 -9.81 -6.85
CA GLU A 118 17.07 -11.18 -6.41
C GLU A 118 16.99 -12.10 -7.63
N HIS A 119 17.55 -13.29 -7.53
CA HIS A 119 17.53 -14.22 -8.64
C HIS A 119 16.14 -14.82 -8.83
N HIS A 120 15.37 -14.83 -7.73
CA HIS A 120 14.04 -15.44 -7.66
C HIS A 120 13.96 -16.68 -8.56
N HIS A 121 14.76 -17.69 -8.18
CA HIS A 121 14.84 -18.95 -8.92
C HIS A 121 13.46 -19.58 -9.04
N HIS A 122 12.67 -19.40 -8.00
CA HIS A 122 11.26 -19.78 -8.01
C HIS A 122 10.46 -18.70 -7.32
N HIS A 123 9.16 -18.64 -7.61
CA HIS A 123 8.32 -17.60 -7.03
C HIS A 123 8.23 -17.78 -5.51
N HIS A 124 8.78 -16.82 -4.78
CA HIS A 124 8.84 -16.84 -3.32
C HIS A 124 9.76 -17.97 -2.85
N MET A 1 20.28 -18.38 22.27
CA MET A 1 19.12 -18.22 23.18
C MET A 1 17.94 -17.65 22.42
N ASN A 2 16.75 -18.20 22.67
CA ASN A 2 15.54 -17.79 21.97
C ASN A 2 15.14 -16.37 22.38
N GLU A 3 14.38 -15.72 21.52
CA GLU A 3 13.87 -14.39 21.79
C GLU A 3 12.51 -14.49 22.48
N LEU A 4 12.08 -13.41 23.09
CA LEU A 4 10.83 -13.40 23.83
C LEU A 4 9.71 -12.79 22.99
N ASP A 5 8.86 -13.65 22.46
CA ASP A 5 7.75 -13.23 21.61
C ASP A 5 6.45 -13.17 22.40
N ILE A 6 6.59 -13.09 23.71
CA ILE A 6 5.44 -13.11 24.62
C ILE A 6 4.67 -11.78 24.60
N GLN A 7 5.15 -10.84 23.80
CA GLN A 7 4.47 -9.55 23.66
C GLN A 7 4.62 -9.04 22.24
N GLN A 8 3.50 -8.71 21.61
CA GLN A 8 3.51 -8.28 20.21
C GLN A 8 2.61 -7.05 20.00
N GLU A 9 1.39 -7.11 20.55
CA GLU A 9 0.36 -6.07 20.36
C GLU A 9 -0.18 -6.09 18.93
N TYR A 10 -1.48 -5.93 18.79
CA TYR A 10 -2.11 -5.93 17.47
C TYR A 10 -3.49 -5.27 17.51
N PRO A 11 -3.61 -4.06 16.94
CA PRO A 11 -4.89 -3.39 16.79
C PRO A 11 -5.68 -3.94 15.61
N PHE A 12 -4.94 -4.35 14.58
CA PHE A 12 -5.54 -4.89 13.37
C PHE A 12 -4.54 -5.80 12.67
N THR A 13 -5.03 -6.64 11.78
CA THR A 13 -4.19 -7.52 11.00
C THR A 13 -4.24 -7.13 9.53
N VAL A 14 -3.08 -7.04 8.91
CA VAL A 14 -2.99 -6.64 7.50
C VAL A 14 -2.88 -7.85 6.59
N GLU A 15 -3.89 -8.05 5.76
CA GLU A 15 -3.88 -9.12 4.78
C GLU A 15 -3.64 -8.52 3.40
N SER A 16 -2.91 -9.24 2.56
CA SER A 16 -2.58 -8.73 1.24
C SER A 16 -2.22 -9.88 0.29
N MET A 17 -2.48 -9.66 -0.99
CA MET A 17 -2.11 -10.62 -2.02
C MET A 17 -0.70 -10.30 -2.51
N PRO A 18 0.21 -11.28 -2.42
CA PRO A 18 1.63 -11.11 -2.81
C PRO A 18 1.80 -10.33 -4.10
N VAL A 19 2.55 -9.24 -4.03
CA VAL A 19 2.73 -8.35 -5.16
C VAL A 19 3.92 -8.77 -6.01
N ALA A 20 4.12 -8.06 -7.11
CA ALA A 20 5.22 -8.36 -8.02
C ALA A 20 6.45 -7.55 -7.66
N ASP A 21 7.43 -8.22 -7.07
CA ASP A 21 8.73 -7.61 -6.77
C ASP A 21 9.41 -7.17 -8.06
N GLU A 22 9.17 -7.95 -9.10
CA GLU A 22 9.76 -7.72 -10.41
C GLU A 22 8.91 -6.77 -11.26
N ILE A 23 9.30 -5.51 -11.32
CA ILE A 23 8.61 -4.55 -12.17
C ILE A 23 9.61 -3.85 -13.08
N ALA A 24 9.46 -4.10 -14.38
CA ALA A 24 10.36 -3.56 -15.39
C ALA A 24 9.91 -2.17 -15.86
N GLY A 25 8.94 -1.59 -15.16
CA GLY A 25 8.38 -0.34 -15.58
C GLY A 25 7.31 -0.55 -16.65
N ASP A 26 6.49 0.48 -16.88
CA ASP A 26 5.39 0.41 -17.85
C ASP A 26 4.26 -0.48 -17.34
N GLU A 27 4.63 -1.68 -16.89
CA GLU A 27 3.68 -2.68 -16.39
C GLU A 27 2.84 -2.13 -15.23
N THR A 28 1.59 -2.59 -15.17
CA THR A 28 0.68 -2.22 -14.11
C THR A 28 0.38 -3.42 -13.22
N VAL A 29 0.54 -3.26 -11.92
CA VAL A 29 0.25 -4.33 -10.98
C VAL A 29 -0.92 -3.93 -10.10
N GLU A 30 -1.69 -4.92 -9.66
CA GLU A 30 -2.84 -4.67 -8.81
C GLU A 30 -2.58 -5.19 -7.40
N ILE A 31 -2.57 -4.26 -6.45
CA ILE A 31 -2.28 -4.59 -5.07
C ILE A 31 -3.58 -4.80 -4.30
N ARG A 32 -3.84 -6.05 -3.93
CA ARG A 32 -4.99 -6.37 -3.09
C ARG A 32 -4.60 -6.21 -1.63
N LEU A 33 -5.17 -5.20 -0.98
CA LEU A 33 -4.87 -4.94 0.40
C LEU A 33 -6.14 -5.00 1.25
N GLU A 34 -6.07 -5.73 2.35
CA GLU A 34 -7.23 -5.92 3.21
C GLU A 34 -6.83 -5.70 4.66
N ILE A 35 -7.35 -4.65 5.27
CA ILE A 35 -7.07 -4.38 6.67
C ILE A 35 -8.20 -4.92 7.53
N LYS A 36 -7.87 -5.79 8.47
CA LYS A 36 -8.88 -6.39 9.33
C LYS A 36 -8.66 -5.96 10.79
N PRO A 37 -9.47 -5.00 11.27
CA PRO A 37 -9.37 -4.50 12.63
C PRO A 37 -9.85 -5.53 13.65
N SER A 38 -9.09 -5.72 14.72
CA SER A 38 -9.44 -6.69 15.75
C SER A 38 -10.22 -6.03 16.88
N GLY A 39 -10.51 -4.76 16.71
CA GLY A 39 -11.27 -4.02 17.70
C GLY A 39 -12.38 -3.22 17.08
N ASN A 40 -13.20 -2.59 17.90
CA ASN A 40 -14.30 -1.75 17.41
C ASN A 40 -13.78 -0.38 17.01
N PHE A 41 -14.66 0.49 16.58
CA PHE A 41 -14.27 1.80 16.07
C PHE A 41 -14.67 2.91 17.05
N ILE A 42 -13.87 3.96 17.10
CA ILE A 42 -14.11 5.08 18.00
C ILE A 42 -14.30 6.37 17.19
N GLY A 43 -14.11 7.52 17.83
CA GLY A 43 -14.18 8.79 17.13
C GLY A 43 -12.96 9.04 16.25
N THR A 44 -12.73 8.12 15.32
CA THR A 44 -11.61 8.20 14.42
C THR A 44 -12.06 8.65 13.02
N VAL A 45 -11.13 9.19 12.25
CA VAL A 45 -11.45 9.69 10.92
C VAL A 45 -11.05 8.68 9.84
N TYR A 46 -9.84 8.13 10.01
CA TYR A 46 -9.26 7.17 9.06
C TYR A 46 -8.88 7.88 7.75
N THR A 47 -7.58 7.96 7.51
CA THR A 47 -7.06 8.65 6.35
C THR A 47 -5.87 7.89 5.78
N LEU A 48 -5.78 7.84 4.46
CA LEU A 48 -4.64 7.21 3.80
C LEU A 48 -4.01 8.18 2.82
N ARG A 49 -2.78 8.57 3.09
CA ARG A 49 -2.08 9.50 2.22
C ARG A 49 -1.00 8.75 1.43
N TYR A 50 -0.86 9.11 0.17
CA TYR A 50 0.07 8.44 -0.72
C TYR A 50 1.25 9.34 -1.04
N PHE A 51 2.45 8.82 -0.86
CA PHE A 51 3.66 9.53 -1.24
C PHE A 51 4.56 8.63 -2.07
N GLN A 52 5.03 9.16 -3.17
CA GLN A 52 5.89 8.41 -4.08
C GLN A 52 7.20 9.16 -4.28
N PRO A 53 8.18 8.95 -3.41
CA PRO A 53 9.46 9.65 -3.45
C PRO A 53 10.41 9.08 -4.50
N ASP A 54 10.78 7.82 -4.33
CA ASP A 54 11.76 7.16 -5.20
C ASP A 54 11.12 6.73 -6.50
N GLY A 55 9.98 6.08 -6.41
CA GLY A 55 9.29 5.59 -7.59
C GLY A 55 8.14 6.50 -7.97
N LYS A 56 7.81 6.52 -9.24
CA LYS A 56 6.72 7.34 -9.72
C LYS A 56 5.75 6.49 -10.54
N GLY A 57 4.47 6.62 -10.26
CA GLY A 57 3.49 5.85 -10.98
C GLY A 57 2.11 6.43 -10.86
N SER A 58 1.19 5.92 -11.66
CA SER A 58 -0.20 6.33 -11.60
C SER A 58 -0.99 5.26 -10.86
N LEU A 59 -1.42 5.60 -9.65
CA LEU A 59 -2.13 4.67 -8.80
C LEU A 59 -3.63 4.85 -8.98
N LYS A 60 -4.25 3.88 -9.62
CA LYS A 60 -5.66 3.97 -9.95
C LYS A 60 -6.49 3.09 -9.02
N MET A 61 -7.67 3.58 -8.67
CA MET A 61 -8.61 2.80 -7.89
C MET A 61 -9.39 1.87 -8.80
N GLU A 62 -10.14 0.94 -8.21
CA GLU A 62 -10.95 -0.01 -8.97
C GLU A 62 -12.08 0.70 -9.73
N ASP A 63 -12.25 1.99 -9.47
CA ASP A 63 -13.24 2.79 -10.18
C ASP A 63 -12.61 3.53 -11.35
N GLY A 64 -11.33 3.87 -11.22
CA GLY A 64 -10.65 4.63 -12.23
C GLY A 64 -10.10 5.92 -11.68
N THR A 65 -10.52 6.28 -10.47
CA THR A 65 -10.01 7.45 -9.79
C THR A 65 -8.49 7.36 -9.63
N VAL A 66 -7.79 8.41 -10.06
CA VAL A 66 -6.35 8.43 -9.98
C VAL A 66 -5.88 9.06 -8.67
N LEU A 67 -5.13 8.30 -7.90
CA LEU A 67 -4.62 8.74 -6.62
C LEU A 67 -3.27 9.43 -6.83
N LYS A 68 -3.19 10.69 -6.43
CA LYS A 68 -2.00 11.49 -6.67
C LYS A 68 -1.11 11.50 -5.43
N PRO A 69 0.19 11.23 -5.61
CA PRO A 69 1.18 11.27 -4.52
C PRO A 69 1.29 12.67 -3.94
N ASN A 70 0.51 12.91 -2.88
CA ASN A 70 0.32 14.24 -2.29
C ASN A 70 -0.89 14.22 -1.38
N ASP A 71 -1.95 13.61 -1.88
CA ASP A 71 -3.25 13.67 -1.23
C ASP A 71 -3.38 12.64 -0.12
N ARG A 72 -4.38 12.85 0.71
CA ARG A 72 -4.73 11.95 1.78
C ARG A 72 -6.24 11.71 1.73
N TYR A 73 -6.62 10.56 1.21
CA TYR A 73 -8.01 10.28 0.93
C TYR A 73 -8.70 9.62 2.12
N LEU A 74 -9.96 9.96 2.31
CA LEU A 74 -10.74 9.40 3.41
C LEU A 74 -11.31 8.05 2.99
N LEU A 75 -10.63 6.99 3.36
CA LEU A 75 -11.06 5.65 3.01
C LEU A 75 -11.87 5.02 4.12
N ASN A 76 -13.18 4.99 3.92
CA ASN A 76 -14.10 4.37 4.87
C ASN A 76 -14.26 2.89 4.56
N GLU A 77 -13.36 2.39 3.75
CA GLU A 77 -13.36 0.99 3.36
C GLU A 77 -12.03 0.35 3.73
N TRP A 78 -12.08 -0.83 4.32
CA TRP A 78 -10.88 -1.48 4.86
C TRP A 78 -10.30 -2.48 3.86
N LYS A 79 -11.03 -2.78 2.81
CA LYS A 79 -10.57 -3.71 1.79
C LYS A 79 -10.73 -3.09 0.40
N PHE A 80 -9.63 -3.07 -0.35
CA PHE A 80 -9.66 -2.46 -1.68
C PHE A 80 -8.44 -2.89 -2.49
N ARG A 81 -8.53 -2.79 -3.81
CA ARG A 81 -7.40 -3.09 -4.68
C ARG A 81 -6.92 -1.84 -5.40
N LEU A 82 -5.62 -1.64 -5.42
CA LEU A 82 -5.06 -0.48 -6.09
C LEU A 82 -4.27 -0.90 -7.32
N TYR A 83 -4.40 -0.16 -8.41
CA TYR A 83 -3.71 -0.48 -9.65
C TYR A 83 -2.56 0.49 -9.88
N TYR A 84 -1.35 -0.02 -9.80
CA TYR A 84 -0.17 0.82 -9.91
C TYR A 84 0.42 0.72 -11.32
N THR A 85 0.19 1.75 -12.12
CA THR A 85 0.81 1.84 -13.43
C THR A 85 2.15 2.54 -13.32
N SER A 86 3.21 1.79 -13.52
CA SER A 86 4.57 2.30 -13.35
C SER A 86 4.88 3.39 -14.37
N GLN A 87 5.10 4.60 -13.89
CA GLN A 87 5.51 5.72 -14.74
C GLN A 87 7.02 5.75 -14.82
N SER A 88 7.67 5.47 -13.70
CA SER A 88 9.11 5.34 -13.67
C SER A 88 9.49 4.00 -14.28
N ASP A 89 10.72 3.90 -14.77
CA ASP A 89 11.14 2.76 -15.56
C ASP A 89 12.37 2.07 -14.98
N LYS A 90 13.00 2.70 -14.01
CA LYS A 90 14.21 2.16 -13.43
C LYS A 90 13.91 1.09 -12.39
N GLU A 91 14.95 0.59 -11.75
CA GLU A 91 14.80 -0.56 -10.87
C GLU A 91 14.66 -0.13 -9.40
N ALA A 92 14.07 1.04 -9.18
CA ALA A 92 13.85 1.53 -7.83
C ALA A 92 12.52 2.26 -7.74
N GLN A 93 11.46 1.51 -7.44
CA GLN A 93 10.14 2.10 -7.22
C GLN A 93 9.73 1.94 -5.77
N THR A 94 10.05 2.93 -4.96
CA THR A 94 9.71 2.90 -3.55
C THR A 94 8.54 3.83 -3.26
N ILE A 95 7.42 3.26 -2.83
CA ILE A 95 6.23 4.03 -2.51
C ILE A 95 5.85 3.84 -1.05
N ASP A 96 5.30 4.88 -0.44
CA ASP A 96 4.94 4.84 0.97
C ASP A 96 3.45 5.03 1.18
N LEU A 97 2.84 4.09 1.89
CA LEU A 97 1.43 4.16 2.22
C LEU A 97 1.28 4.47 3.71
N TYR A 98 0.71 5.62 4.03
CA TYR A 98 0.56 6.03 5.43
C TYR A 98 -0.88 5.89 5.88
N PHE A 99 -1.14 4.86 6.68
CA PHE A 99 -2.47 4.59 7.20
C PHE A 99 -2.66 5.31 8.53
N GLU A 100 -3.58 6.25 8.55
CA GLU A 100 -3.81 7.07 9.73
C GLU A 100 -5.18 6.81 10.32
N ASP A 101 -5.25 6.68 11.64
CA ASP A 101 -6.54 6.76 12.32
C ASP A 101 -6.99 8.21 12.33
N ASN A 102 -6.00 9.11 12.16
CA ASN A 102 -6.17 10.55 12.27
C ASN A 102 -6.46 10.92 13.72
N TRP A 103 -6.27 9.95 14.60
CA TRP A 103 -6.53 10.14 16.01
C TRP A 103 -5.44 9.48 16.85
N GLY A 104 -5.06 8.26 16.47
CA GLY A 104 -4.11 7.52 17.27
C GLY A 104 -2.90 7.03 16.50
N ASN A 105 -3.03 5.87 15.88
CA ASN A 105 -1.89 5.16 15.31
C ASN A 105 -1.69 5.50 13.83
N LEU A 106 -0.43 5.42 13.41
CA LEU A 106 -0.06 5.58 12.01
C LEU A 106 0.77 4.38 11.56
N GLN A 107 0.44 3.84 10.40
CA GLN A 107 1.18 2.71 9.85
C GLN A 107 1.77 3.07 8.50
N GLN A 108 3.08 2.97 8.40
CA GLN A 108 3.78 3.25 7.15
C GLN A 108 4.18 1.95 6.45
N LEU A 109 3.55 1.69 5.32
CA LEU A 109 3.91 0.53 4.51
C LEU A 109 4.71 0.98 3.30
N THR A 110 5.95 0.57 3.25
CA THR A 110 6.85 0.96 2.17
C THR A 110 7.06 -0.21 1.21
N TYR A 111 6.68 -0.01 -0.04
CA TYR A 111 6.80 -1.05 -1.05
C TYR A 111 7.92 -0.72 -2.03
N ASP A 112 8.82 -1.68 -2.22
CA ASP A 112 9.92 -1.52 -3.17
C ASP A 112 9.73 -2.40 -4.39
N PHE A 113 9.48 -1.79 -5.53
CA PHE A 113 9.36 -2.51 -6.79
C PHE A 113 10.62 -2.29 -7.62
N ASN A 114 11.15 -3.36 -8.19
CA ASN A 114 12.43 -3.29 -8.87
C ASN A 114 12.43 -4.15 -10.13
N GLY A 115 13.17 -3.71 -11.14
CA GLY A 115 13.29 -4.49 -12.34
C GLY A 115 14.10 -5.74 -12.11
N LYS A 116 15.32 -5.56 -11.59
CA LYS A 116 16.19 -6.67 -11.23
C LYS A 116 16.50 -7.51 -12.47
N LEU A 117 16.86 -6.83 -13.54
CA LEU A 117 17.15 -7.50 -14.80
C LEU A 117 18.53 -8.14 -14.75
N GLU A 118 18.59 -9.36 -14.23
CA GLU A 118 19.84 -10.11 -14.18
C GLU A 118 20.15 -10.71 -15.56
N HIS A 119 19.72 -11.95 -15.77
CA HIS A 119 19.83 -12.64 -17.07
C HIS A 119 21.28 -12.81 -17.52
N HIS A 120 21.87 -11.75 -18.06
CA HIS A 120 23.26 -11.81 -18.52
C HIS A 120 24.22 -11.32 -17.45
N HIS A 121 23.70 -11.12 -16.25
CA HIS A 121 24.51 -10.77 -15.10
C HIS A 121 24.03 -11.53 -13.87
N HIS A 122 24.97 -11.94 -13.04
CA HIS A 122 24.65 -12.58 -11.78
C HIS A 122 25.49 -11.97 -10.67
N HIS A 123 26.78 -11.84 -10.94
CA HIS A 123 27.73 -11.15 -10.05
C HIS A 123 28.03 -11.95 -8.77
N HIS A 124 27.06 -12.72 -8.31
CA HIS A 124 27.21 -13.52 -7.10
C HIS A 124 26.46 -14.84 -7.27
N MET A 1 11.70 -20.99 17.50
CA MET A 1 11.56 -19.68 18.17
C MET A 1 10.43 -18.87 17.56
N ASN A 2 10.19 -17.69 18.11
CA ASN A 2 9.06 -16.84 17.71
C ASN A 2 9.32 -16.11 16.38
N GLU A 3 10.18 -16.67 15.54
CA GLU A 3 10.58 -16.01 14.31
C GLU A 3 9.70 -16.45 13.14
N LEU A 4 9.53 -17.75 12.98
CA LEU A 4 8.79 -18.28 11.84
C LEU A 4 7.28 -18.13 12.06
N ASP A 5 6.72 -17.09 11.44
CA ASP A 5 5.27 -16.82 11.48
C ASP A 5 4.82 -16.38 12.87
N ILE A 6 4.26 -15.18 12.94
CA ILE A 6 3.84 -14.61 14.23
C ILE A 6 2.48 -15.15 14.64
N GLN A 7 2.48 -16.03 15.64
CA GLN A 7 1.25 -16.61 16.14
C GLN A 7 0.93 -16.10 17.53
N GLN A 8 0.10 -15.06 17.59
CA GLN A 8 -0.33 -14.48 18.86
C GLN A 8 -1.41 -13.42 18.60
N GLU A 9 -1.84 -12.73 19.66
CA GLU A 9 -2.89 -11.74 19.55
C GLU A 9 -2.34 -10.36 19.19
N TYR A 10 -2.97 -9.72 18.23
CA TYR A 10 -2.62 -8.35 17.85
C TYR A 10 -3.77 -7.71 17.08
N PRO A 11 -4.45 -6.73 17.70
CA PRO A 11 -5.52 -5.98 17.06
C PRO A 11 -5.01 -5.10 15.92
N PHE A 12 -5.80 -5.00 14.87
CA PHE A 12 -5.46 -4.21 13.68
C PHE A 12 -4.35 -4.90 12.89
N THR A 13 -4.77 -5.74 11.95
CA THR A 13 -3.83 -6.47 11.12
C THR A 13 -3.94 -6.02 9.67
N VAL A 14 -2.82 -5.68 9.07
CA VAL A 14 -2.81 -5.24 7.68
C VAL A 14 -2.13 -6.28 6.80
N GLU A 15 -2.91 -6.88 5.92
CA GLU A 15 -2.38 -7.91 5.03
C GLU A 15 -2.73 -7.59 3.58
N SER A 16 -1.98 -8.17 2.67
CA SER A 16 -2.24 -8.01 1.25
C SER A 16 -1.82 -9.28 0.53
N MET A 17 -2.41 -9.53 -0.63
CA MET A 17 -2.03 -10.67 -1.45
C MET A 17 -0.60 -10.49 -1.93
N PRO A 18 0.29 -11.43 -1.59
CA PRO A 18 1.72 -11.36 -1.92
C PRO A 18 1.96 -10.99 -3.38
N VAL A 19 2.56 -9.82 -3.59
CA VAL A 19 2.81 -9.31 -4.93
C VAL A 19 4.20 -9.73 -5.42
N ALA A 20 4.52 -9.36 -6.65
CA ALA A 20 5.80 -9.69 -7.24
C ALA A 20 6.88 -8.71 -6.78
N ASP A 21 8.12 -9.20 -6.75
CA ASP A 21 9.26 -8.37 -6.34
C ASP A 21 9.55 -7.32 -7.40
N GLU A 22 9.20 -7.64 -8.63
CA GLU A 22 9.60 -6.85 -9.77
C GLU A 22 8.42 -6.35 -10.57
N ILE A 23 8.69 -5.39 -11.44
CA ILE A 23 7.70 -4.82 -12.32
C ILE A 23 8.37 -4.36 -13.61
N ALA A 24 7.71 -4.53 -14.75
CA ALA A 24 8.31 -4.22 -16.05
C ALA A 24 8.81 -2.77 -16.13
N GLY A 25 8.05 -1.84 -15.57
CA GLY A 25 8.42 -0.43 -15.64
C GLY A 25 7.31 0.40 -16.22
N ASP A 26 6.54 -0.19 -17.12
CA ASP A 26 5.34 0.45 -17.66
C ASP A 26 4.13 -0.41 -17.30
N GLU A 27 4.39 -1.37 -16.44
CA GLU A 27 3.41 -2.39 -16.08
C GLU A 27 2.44 -1.86 -15.03
N THR A 28 1.22 -2.36 -15.07
CA THR A 28 0.23 -2.07 -14.05
C THR A 28 0.07 -3.28 -13.13
N VAL A 29 0.44 -3.12 -11.87
CA VAL A 29 0.27 -4.19 -10.89
C VAL A 29 -0.88 -3.85 -9.96
N GLU A 30 -1.71 -4.82 -9.65
CA GLU A 30 -2.85 -4.58 -8.78
C GLU A 30 -2.61 -5.17 -7.39
N ILE A 31 -2.36 -4.30 -6.43
CA ILE A 31 -2.13 -4.72 -5.06
C ILE A 31 -3.47 -4.92 -4.37
N ARG A 32 -3.73 -6.15 -3.97
CA ARG A 32 -4.99 -6.47 -3.31
C ARG A 32 -4.81 -6.35 -1.81
N LEU A 33 -5.31 -5.26 -1.28
CA LEU A 33 -5.10 -4.92 0.12
C LEU A 33 -6.35 -5.23 0.95
N GLU A 34 -6.15 -5.92 2.05
CA GLU A 34 -7.25 -6.25 2.95
C GLU A 34 -6.83 -6.00 4.40
N ILE A 35 -7.41 -4.99 5.01
CA ILE A 35 -7.06 -4.63 6.37
C ILE A 35 -8.10 -5.16 7.36
N LYS A 36 -7.61 -5.62 8.51
CA LYS A 36 -8.48 -6.04 9.59
C LYS A 36 -8.47 -4.98 10.69
N PRO A 37 -9.48 -4.11 10.71
CA PRO A 37 -9.52 -2.97 11.63
C PRO A 37 -9.84 -3.35 13.07
N SER A 38 -9.59 -2.41 13.97
CA SER A 38 -9.95 -2.56 15.38
C SER A 38 -10.30 -1.20 15.96
N GLY A 39 -11.58 -0.99 16.22
CA GLY A 39 -12.06 0.28 16.74
C GLY A 39 -13.55 0.38 16.58
N ASN A 40 -14.01 0.07 15.38
CA ASN A 40 -15.44 -0.11 15.08
C ASN A 40 -16.20 1.22 15.09
N PHE A 41 -17.25 1.29 14.27
CA PHE A 41 -18.07 2.49 14.10
C PHE A 41 -17.25 3.62 13.48
N ILE A 42 -16.65 4.43 14.34
CA ILE A 42 -15.92 5.61 13.90
C ILE A 42 -14.61 5.73 14.66
N GLY A 43 -13.52 5.94 13.93
CA GLY A 43 -12.25 6.18 14.56
C GLY A 43 -11.69 7.54 14.19
N THR A 44 -12.26 8.58 14.79
CA THR A 44 -11.92 9.95 14.47
C THR A 44 -12.14 10.22 12.98
N VAL A 45 -11.05 10.29 12.22
CA VAL A 45 -11.09 10.45 10.78
C VAL A 45 -9.93 9.70 10.17
N TYR A 46 -10.17 8.45 9.80
CA TYR A 46 -9.14 7.63 9.18
C TYR A 46 -8.69 8.26 7.87
N THR A 47 -7.48 8.76 7.87
CA THR A 47 -6.92 9.44 6.72
C THR A 47 -5.99 8.52 5.95
N LEU A 48 -6.13 8.50 4.65
CA LEU A 48 -5.32 7.66 3.80
C LEU A 48 -4.50 8.52 2.86
N ARG A 49 -3.20 8.55 3.04
CA ARG A 49 -2.34 9.39 2.20
C ARG A 49 -1.24 8.57 1.57
N TYR A 50 -0.98 8.83 0.31
CA TYR A 50 0.03 8.11 -0.44
C TYR A 50 1.23 8.99 -0.69
N PHE A 51 2.40 8.39 -0.78
CA PHE A 51 3.61 9.12 -1.09
C PHE A 51 4.63 8.20 -1.75
N GLN A 52 5.17 8.65 -2.87
CA GLN A 52 6.22 7.91 -3.55
C GLN A 52 7.49 8.76 -3.61
N PRO A 53 8.45 8.50 -2.72
CA PRO A 53 9.73 9.22 -2.70
C PRO A 53 10.45 9.10 -4.03
N ASP A 54 10.70 7.87 -4.44
CA ASP A 54 11.33 7.60 -5.72
C ASP A 54 10.47 6.67 -6.54
N GLY A 55 9.73 7.24 -7.47
CA GLY A 55 8.82 6.46 -8.30
C GLY A 55 7.72 7.34 -8.85
N LYS A 56 7.47 7.23 -10.15
CA LYS A 56 6.49 8.08 -10.81
C LYS A 56 5.57 7.25 -11.68
N GLY A 57 4.30 7.58 -11.66
CA GLY A 57 3.32 6.83 -12.44
C GLY A 57 1.91 7.22 -12.08
N SER A 58 1.04 6.25 -12.01
CA SER A 58 -0.35 6.48 -11.66
C SER A 58 -0.90 5.33 -10.83
N LEU A 59 -1.20 5.61 -9.57
CA LEU A 59 -1.82 4.64 -8.70
C LEU A 59 -3.33 4.82 -8.76
N LYS A 60 -4.00 3.87 -9.37
CA LYS A 60 -5.43 3.97 -9.62
C LYS A 60 -6.20 3.12 -8.65
N MET A 61 -7.42 3.54 -8.33
CA MET A 61 -8.31 2.73 -7.52
C MET A 61 -9.03 1.72 -8.41
N GLU A 62 -9.99 1.02 -7.84
CA GLU A 62 -10.71 -0.03 -8.54
C GLU A 62 -11.56 0.53 -9.69
N ASP A 63 -11.79 1.85 -9.67
CA ASP A 63 -12.56 2.48 -10.73
C ASP A 63 -11.64 3.23 -11.70
N GLY A 64 -10.38 3.33 -11.33
CA GLY A 64 -9.41 3.99 -12.19
C GLY A 64 -8.99 5.36 -11.68
N THR A 65 -9.57 5.80 -10.56
CA THR A 65 -9.23 7.10 -9.99
C THR A 65 -7.78 7.13 -9.53
N VAL A 66 -7.00 8.03 -10.12
CA VAL A 66 -5.59 8.17 -9.81
C VAL A 66 -5.40 8.91 -8.48
N LEU A 67 -4.57 8.35 -7.62
CA LEU A 67 -4.31 8.90 -6.30
C LEU A 67 -3.05 9.76 -6.32
N LYS A 68 -3.10 10.89 -5.62
CA LYS A 68 -1.98 11.82 -5.57
C LYS A 68 -1.00 11.46 -4.45
N PRO A 69 0.28 11.27 -4.80
CA PRO A 69 1.34 10.97 -3.85
C PRO A 69 1.74 12.21 -3.04
N ASN A 70 0.88 12.59 -2.11
CA ASN A 70 1.03 13.83 -1.34
C ASN A 70 -0.24 14.14 -0.57
N ASP A 71 -1.38 13.87 -1.20
CA ASP A 71 -2.67 14.33 -0.70
C ASP A 71 -3.26 13.35 0.32
N ARG A 72 -4.11 13.89 1.20
CA ARG A 72 -4.73 13.11 2.26
C ARG A 72 -6.16 12.75 1.89
N TYR A 73 -6.38 11.47 1.60
CA TYR A 73 -7.72 10.97 1.31
C TYR A 73 -8.36 10.44 2.57
N LEU A 74 -9.53 9.82 2.45
CA LEU A 74 -10.25 9.29 3.60
C LEU A 74 -10.39 7.78 3.48
N LEU A 75 -10.08 7.08 4.56
CA LEU A 75 -10.12 5.64 4.58
C LEU A 75 -11.35 5.15 5.35
N ASN A 76 -12.37 4.71 4.62
CA ASN A 76 -13.58 4.19 5.25
C ASN A 76 -13.66 2.68 5.09
N GLU A 77 -13.30 2.20 3.91
CA GLU A 77 -13.30 0.77 3.64
C GLU A 77 -11.89 0.21 3.74
N TRP A 78 -11.79 -1.04 4.17
CA TRP A 78 -10.51 -1.60 4.57
C TRP A 78 -10.02 -2.66 3.59
N LYS A 79 -10.89 -3.11 2.71
CA LYS A 79 -10.50 -4.08 1.69
C LYS A 79 -10.74 -3.48 0.31
N PHE A 80 -9.70 -3.45 -0.52
CA PHE A 80 -9.78 -2.86 -1.86
C PHE A 80 -8.52 -3.17 -2.68
N ARG A 81 -8.61 -2.98 -3.98
CA ARG A 81 -7.48 -3.22 -4.87
C ARG A 81 -6.94 -1.91 -5.45
N LEU A 82 -5.62 -1.77 -5.47
CA LEU A 82 -4.99 -0.61 -6.07
C LEU A 82 -4.21 -1.02 -7.30
N TYR A 83 -4.29 -0.21 -8.35
CA TYR A 83 -3.63 -0.50 -9.62
C TYR A 83 -2.51 0.49 -9.88
N TYR A 84 -1.27 0.03 -9.76
CA TYR A 84 -0.14 0.92 -9.90
C TYR A 84 0.47 0.81 -11.30
N THR A 85 0.23 1.83 -12.11
CA THR A 85 0.82 1.93 -13.43
C THR A 85 2.09 2.76 -13.36
N SER A 86 3.23 2.17 -13.66
CA SER A 86 4.50 2.87 -13.59
C SER A 86 4.78 3.62 -14.89
N GLN A 87 5.48 4.75 -14.76
CA GLN A 87 5.86 5.56 -15.92
C GLN A 87 7.26 6.13 -15.72
N SER A 88 7.70 6.93 -16.69
CA SER A 88 8.99 7.62 -16.59
C SER A 88 10.14 6.62 -16.57
N ASP A 89 9.86 5.40 -17.05
CA ASP A 89 10.83 4.32 -17.07
C ASP A 89 11.41 4.05 -15.70
N LYS A 90 10.67 4.37 -14.66
CA LYS A 90 11.11 4.09 -13.31
C LYS A 90 10.85 2.64 -12.98
N GLU A 91 11.92 1.87 -12.88
CA GLU A 91 11.83 0.47 -12.54
C GLU A 91 11.92 0.31 -11.02
N ALA A 92 12.97 0.85 -10.44
CA ALA A 92 13.14 0.82 -8.99
C ALA A 92 12.28 1.89 -8.34
N GLN A 93 11.20 1.46 -7.71
CA GLN A 93 10.24 2.41 -7.16
C GLN A 93 9.90 2.05 -5.72
N THR A 94 9.88 3.06 -4.87
CA THR A 94 9.48 2.88 -3.49
C THR A 94 8.15 3.57 -3.25
N ILE A 95 7.16 2.83 -2.78
CA ILE A 95 5.86 3.41 -2.50
C ILE A 95 5.56 3.37 -1.01
N ASP A 96 5.13 4.49 -0.48
CA ASP A 96 4.80 4.62 0.93
C ASP A 96 3.29 4.69 1.11
N LEU A 97 2.72 3.64 1.68
CA LEU A 97 1.28 3.61 1.96
C LEU A 97 1.05 3.95 3.42
N TYR A 98 0.49 5.14 3.68
CA TYR A 98 0.28 5.59 5.04
C TYR A 98 -1.19 5.44 5.46
N PHE A 99 -1.44 4.51 6.36
CA PHE A 99 -2.75 4.38 6.98
C PHE A 99 -2.71 5.12 8.30
N GLU A 100 -3.45 6.19 8.42
CA GLU A 100 -3.23 7.12 9.51
C GLU A 100 -4.52 7.67 10.09
N ASP A 101 -4.72 7.46 11.38
CA ASP A 101 -5.71 8.22 12.12
C ASP A 101 -4.98 9.32 12.86
N ASN A 102 -5.39 10.56 12.62
CA ASN A 102 -4.69 11.72 13.14
C ASN A 102 -4.61 11.70 14.65
N TRP A 103 -5.62 11.11 15.29
CA TRP A 103 -5.64 10.98 16.73
C TRP A 103 -5.55 9.51 17.14
N GLY A 104 -5.15 8.67 16.21
CA GLY A 104 -5.16 7.24 16.47
C GLY A 104 -3.89 6.54 16.05
N ASN A 105 -4.02 5.58 15.14
CA ASN A 105 -2.89 4.72 14.77
C ASN A 105 -2.34 5.11 13.39
N LEU A 106 -1.03 5.03 13.27
CA LEU A 106 -0.34 5.25 12.00
C LEU A 106 0.43 4.00 11.60
N GLN A 107 0.06 3.42 10.46
CA GLN A 107 0.70 2.22 9.97
C GLN A 107 1.29 2.49 8.59
N GLN A 108 2.51 2.03 8.36
CA GLN A 108 3.21 2.29 7.11
C GLN A 108 3.51 1.00 6.35
N LEU A 109 3.02 0.91 5.14
CA LEU A 109 3.39 -0.18 4.24
C LEU A 109 4.24 0.37 3.10
N THR A 110 5.51 0.03 3.11
CA THR A 110 6.42 0.45 2.07
C THR A 110 6.76 -0.70 1.14
N TYR A 111 6.41 -0.55 -0.13
CA TYR A 111 6.71 -1.56 -1.12
C TYR A 111 7.74 -1.02 -2.11
N ASP A 112 8.88 -1.70 -2.16
CA ASP A 112 9.95 -1.31 -3.07
C ASP A 112 10.04 -2.35 -4.19
N PHE A 113 9.75 -1.92 -5.40
CA PHE A 113 9.72 -2.82 -6.55
C PHE A 113 11.01 -2.74 -7.33
N ASN A 114 11.47 -3.89 -7.83
CA ASN A 114 12.71 -3.98 -8.59
C ASN A 114 13.89 -3.58 -7.71
N GLY A 115 13.87 -4.05 -6.47
CA GLY A 115 14.90 -3.73 -5.50
C GLY A 115 16.30 -4.06 -6.01
N LYS A 116 17.06 -3.02 -6.34
CA LYS A 116 18.39 -3.20 -6.87
C LYS A 116 19.36 -3.52 -5.75
N LEU A 117 19.96 -4.72 -5.83
CA LEU A 117 20.87 -5.22 -4.81
C LEU A 117 20.12 -5.54 -3.51
N GLU A 118 18.80 -5.59 -3.61
CA GLU A 118 17.96 -5.87 -2.46
C GLU A 118 17.46 -7.31 -2.50
N HIS A 119 18.28 -8.20 -3.03
CA HIS A 119 17.95 -9.62 -3.06
C HIS A 119 18.32 -10.27 -1.72
N HIS A 120 18.23 -9.49 -0.67
CA HIS A 120 18.58 -9.95 0.67
C HIS A 120 17.59 -11.01 1.12
N HIS A 121 16.37 -10.93 0.61
CA HIS A 121 15.45 -12.07 0.69
C HIS A 121 15.79 -13.04 -0.42
N HIS A 122 16.41 -14.14 -0.04
CA HIS A 122 16.99 -15.07 -1.01
C HIS A 122 15.91 -15.96 -1.60
N HIS A 123 14.84 -16.16 -0.86
CA HIS A 123 13.74 -16.99 -1.33
C HIS A 123 12.58 -16.10 -1.78
N HIS A 124 11.92 -15.45 -0.82
CA HIS A 124 10.84 -14.54 -1.13
C HIS A 124 10.36 -13.85 0.14
N MET A 1 14.66 -12.85 9.78
CA MET A 1 13.55 -11.91 9.48
C MET A 1 13.07 -11.27 10.77
N ASN A 2 13.32 -9.97 10.92
CA ASN A 2 13.09 -9.26 12.18
C ASN A 2 14.00 -9.86 13.25
N GLU A 3 15.19 -9.30 13.37
CA GLU A 3 16.24 -9.92 14.17
C GLU A 3 16.10 -9.58 15.65
N LEU A 4 15.06 -8.84 16.01
CA LEU A 4 14.81 -8.50 17.39
C LEU A 4 13.59 -9.24 17.91
N ASP A 5 13.23 -9.01 19.17
CA ASP A 5 12.05 -9.62 19.75
C ASP A 5 10.81 -8.85 19.35
N ILE A 6 10.02 -9.45 18.46
CA ILE A 6 8.80 -8.83 17.97
C ILE A 6 7.80 -8.65 19.10
N GLN A 7 7.50 -7.39 19.43
CA GLN A 7 6.56 -7.09 20.49
C GLN A 7 5.12 -7.15 19.96
N GLN A 8 4.26 -7.79 20.73
CA GLN A 8 2.88 -8.02 20.32
C GLN A 8 2.04 -6.76 20.52
N GLU A 9 1.77 -6.07 19.43
CA GLU A 9 0.94 -4.86 19.46
C GLU A 9 -0.15 -4.93 18.41
N TYR A 10 -0.42 -6.13 17.90
CA TYR A 10 -1.35 -6.29 16.79
C TYR A 10 -2.53 -7.19 17.15
N PRO A 11 -3.64 -6.58 17.59
CA PRO A 11 -4.87 -7.31 17.88
C PRO A 11 -5.70 -7.53 16.61
N PHE A 12 -5.15 -7.13 15.48
CA PHE A 12 -5.84 -7.25 14.19
C PHE A 12 -4.89 -7.78 13.13
N THR A 13 -5.39 -7.97 11.92
CA THR A 13 -4.59 -8.55 10.85
C THR A 13 -4.67 -7.72 9.57
N VAL A 14 -3.51 -7.41 9.00
CA VAL A 14 -3.47 -6.71 7.73
C VAL A 14 -3.08 -7.68 6.62
N GLU A 15 -3.88 -7.71 5.55
CA GLU A 15 -3.64 -8.62 4.45
C GLU A 15 -3.07 -7.86 3.26
N SER A 16 -2.11 -8.47 2.58
CA SER A 16 -1.48 -7.86 1.43
C SER A 16 -1.07 -8.92 0.42
N MET A 17 -1.64 -8.85 -0.77
CA MET A 17 -1.29 -9.75 -1.86
C MET A 17 0.15 -9.51 -2.30
N PRO A 18 0.90 -10.59 -2.57
CA PRO A 18 2.28 -10.50 -3.06
C PRO A 18 2.38 -9.72 -4.37
N VAL A 19 2.69 -8.44 -4.25
CA VAL A 19 2.85 -7.57 -5.41
C VAL A 19 4.23 -7.76 -6.04
N ALA A 20 5.06 -8.55 -5.34
CA ALA A 20 6.42 -8.87 -5.79
C ALA A 20 7.35 -7.67 -5.65
N ASP A 21 8.64 -7.93 -5.84
CA ASP A 21 9.66 -6.91 -5.74
C ASP A 21 10.22 -6.56 -7.12
N GLU A 22 9.50 -6.94 -8.15
CA GLU A 22 9.90 -6.68 -9.53
C GLU A 22 8.75 -6.05 -10.29
N ILE A 23 9.07 -5.18 -11.24
CA ILE A 23 8.06 -4.49 -12.04
C ILE A 23 8.69 -3.96 -13.32
N ALA A 24 7.93 -3.96 -14.40
CA ALA A 24 8.42 -3.47 -15.67
C ALA A 24 7.69 -2.20 -16.10
N GLY A 25 8.27 -1.48 -17.04
CA GLY A 25 7.63 -0.28 -17.55
C GLY A 25 6.30 -0.57 -18.21
N ASP A 26 5.35 0.34 -18.03
CA ASP A 26 4.01 0.25 -18.63
C ASP A 26 3.12 -0.78 -17.92
N GLU A 27 3.74 -1.64 -17.12
CA GLU A 27 3.03 -2.70 -16.42
C GLU A 27 2.14 -2.13 -15.31
N THR A 28 1.08 -2.84 -15.00
CA THR A 28 0.18 -2.47 -13.93
C THR A 28 -0.03 -3.64 -12.98
N VAL A 29 0.37 -3.46 -11.73
CA VAL A 29 0.23 -4.51 -10.73
C VAL A 29 -0.96 -4.23 -9.83
N GLU A 30 -1.61 -5.30 -9.37
CA GLU A 30 -2.78 -5.17 -8.52
C GLU A 30 -2.41 -5.30 -7.06
N ILE A 31 -2.54 -4.22 -6.32
CA ILE A 31 -2.27 -4.21 -4.90
C ILE A 31 -3.54 -4.56 -4.14
N ARG A 32 -3.64 -5.80 -3.72
CA ARG A 32 -4.80 -6.28 -2.97
C ARG A 32 -4.51 -6.18 -1.48
N LEU A 33 -5.08 -5.16 -0.85
CA LEU A 33 -4.82 -4.91 0.56
C LEU A 33 -6.12 -4.93 1.34
N GLU A 34 -6.12 -5.68 2.45
CA GLU A 34 -7.32 -5.83 3.27
C GLU A 34 -6.98 -5.64 4.74
N ILE A 35 -7.48 -4.59 5.34
CA ILE A 35 -7.29 -4.39 6.77
C ILE A 35 -8.44 -5.06 7.53
N LYS A 36 -8.09 -5.99 8.39
CA LYS A 36 -9.07 -6.73 9.17
C LYS A 36 -8.95 -6.38 10.65
N PRO A 37 -9.73 -5.39 11.11
CA PRO A 37 -9.73 -4.96 12.50
C PRO A 37 -10.69 -5.78 13.35
N SER A 38 -10.22 -6.22 14.50
CA SER A 38 -11.05 -6.99 15.42
C SER A 38 -12.04 -6.07 16.14
N GLY A 39 -11.57 -4.90 16.54
CA GLY A 39 -12.44 -3.93 17.17
C GLY A 39 -11.66 -2.80 17.78
N ASN A 40 -12.15 -1.58 17.61
CA ASN A 40 -11.53 -0.39 18.19
C ASN A 40 -12.55 0.74 18.23
N PHE A 41 -12.25 1.78 19.00
CA PHE A 41 -13.15 2.92 19.10
C PHE A 41 -13.14 3.73 17.81
N ILE A 42 -14.23 3.66 17.07
CA ILE A 42 -14.34 4.34 15.79
C ILE A 42 -14.66 5.82 15.96
N GLY A 43 -14.29 6.37 17.10
CA GLY A 43 -14.52 7.77 17.37
C GLY A 43 -13.59 8.67 16.60
N THR A 44 -12.48 8.12 16.14
CA THR A 44 -11.49 8.87 15.38
C THR A 44 -11.71 8.64 13.88
N VAL A 45 -10.96 9.36 13.06
CA VAL A 45 -11.09 9.28 11.61
C VAL A 45 -9.83 8.68 11.00
N TYR A 46 -10.01 7.79 10.03
CA TYR A 46 -8.89 7.17 9.33
C TYR A 46 -8.87 7.60 7.88
N THR A 47 -7.77 8.18 7.45
CA THR A 47 -7.62 8.63 6.08
C THR A 47 -6.40 7.99 5.42
N LEU A 48 -6.51 7.71 4.13
CA LEU A 48 -5.43 7.08 3.39
C LEU A 48 -4.77 8.09 2.45
N ARG A 49 -3.45 8.14 2.50
CA ARG A 49 -2.66 8.95 1.59
C ARG A 49 -1.30 8.29 1.38
N TYR A 50 -0.64 8.57 0.27
CA TYR A 50 0.65 7.97 0.01
C TYR A 50 1.64 9.00 -0.52
N PHE A 51 2.90 8.59 -0.58
CA PHE A 51 3.98 9.44 -1.09
C PHE A 51 4.82 8.68 -2.11
N GLN A 52 5.38 9.42 -3.06
CA GLN A 52 6.25 8.87 -4.09
C GLN A 52 7.68 9.35 -3.89
N PRO A 53 8.44 8.68 -3.00
CA PRO A 53 9.83 9.05 -2.70
C PRO A 53 10.79 8.64 -3.82
N ASP A 54 10.80 7.36 -4.15
CA ASP A 54 11.71 6.84 -5.15
C ASP A 54 10.96 6.34 -6.38
N GLY A 55 10.97 7.12 -7.44
CA GLY A 55 10.31 6.71 -8.65
C GLY A 55 9.09 7.54 -8.96
N LYS A 56 8.27 7.06 -9.88
CA LYS A 56 7.08 7.77 -10.30
C LYS A 56 6.12 6.85 -11.05
N GLY A 57 4.86 6.89 -10.67
CA GLY A 57 3.85 6.06 -11.30
C GLY A 57 2.46 6.47 -10.87
N SER A 58 1.45 5.98 -11.56
CA SER A 58 0.08 6.36 -11.26
C SER A 58 -0.63 5.27 -10.46
N LEU A 59 -0.99 5.59 -9.22
CA LEU A 59 -1.71 4.67 -8.37
C LEU A 59 -3.21 4.96 -8.43
N LYS A 60 -3.94 4.09 -9.10
CA LYS A 60 -5.36 4.28 -9.29
C LYS A 60 -6.14 3.18 -8.56
N MET A 61 -7.37 3.48 -8.15
CA MET A 61 -8.25 2.47 -7.57
C MET A 61 -8.87 1.64 -8.68
N GLU A 62 -9.83 0.77 -8.34
CA GLU A 62 -10.43 -0.16 -9.30
C GLU A 62 -10.90 0.55 -10.57
N ASP A 63 -10.02 0.57 -11.58
CA ASP A 63 -10.30 1.16 -12.89
C ASP A 63 -10.45 2.69 -12.85
N GLY A 64 -10.57 3.25 -11.66
CA GLY A 64 -10.89 4.67 -11.55
C GLY A 64 -10.38 5.29 -10.27
N THR A 65 -10.38 6.62 -10.22
CA THR A 65 -9.89 7.36 -9.06
C THR A 65 -8.38 7.21 -8.89
N VAL A 66 -7.64 8.16 -9.43
CA VAL A 66 -6.19 8.18 -9.26
C VAL A 66 -5.83 8.91 -7.98
N LEU A 67 -5.16 8.21 -7.08
CA LEU A 67 -4.79 8.78 -5.79
C LEU A 67 -3.60 9.72 -5.97
N LYS A 68 -3.58 10.78 -5.19
CA LYS A 68 -2.55 11.81 -5.34
C LYS A 68 -1.68 11.87 -4.10
N PRO A 69 -0.43 12.36 -4.25
CA PRO A 69 0.48 12.54 -3.12
C PRO A 69 -0.20 13.24 -1.95
N ASN A 70 -0.27 12.53 -0.82
CA ASN A 70 -0.94 12.98 0.41
C ASN A 70 -2.17 13.88 0.19
N ASP A 71 -3.08 13.44 -0.67
CA ASP A 71 -4.32 14.20 -0.89
C ASP A 71 -5.39 13.79 0.12
N ARG A 72 -5.22 12.60 0.70
CA ARG A 72 -6.07 12.08 1.78
C ARG A 72 -7.48 11.71 1.30
N TYR A 73 -7.78 10.43 1.38
CA TYR A 73 -9.14 9.95 1.15
C TYR A 73 -9.70 9.33 2.41
N LEU A 74 -10.92 9.73 2.77
CA LEU A 74 -11.59 9.16 3.92
C LEU A 74 -12.28 7.87 3.50
N LEU A 75 -11.73 6.75 3.94
CA LEU A 75 -12.24 5.45 3.53
C LEU A 75 -12.97 4.75 4.67
N ASN A 76 -14.25 4.48 4.45
CA ASN A 76 -15.04 3.70 5.40
C ASN A 76 -14.83 2.21 5.15
N GLU A 77 -14.21 1.91 4.02
CA GLU A 77 -13.89 0.54 3.67
C GLU A 77 -12.42 0.26 4.03
N TRP A 78 -12.17 -0.88 4.64
CA TRP A 78 -10.85 -1.19 5.17
C TRP A 78 -10.04 -2.05 4.19
N LYS A 79 -10.66 -2.40 3.07
CA LYS A 79 -9.97 -3.17 2.05
C LYS A 79 -10.19 -2.53 0.69
N PHE A 80 -9.20 -2.63 -0.17
CA PHE A 80 -9.25 -1.98 -1.46
C PHE A 80 -8.30 -2.63 -2.45
N ARG A 81 -8.55 -2.40 -3.73
CA ARG A 81 -7.71 -2.90 -4.79
C ARG A 81 -7.03 -1.73 -5.47
N LEU A 82 -5.71 -1.78 -5.58
CA LEU A 82 -4.98 -0.69 -6.19
C LEU A 82 -4.35 -1.14 -7.50
N TYR A 83 -4.41 -0.26 -8.48
CA TYR A 83 -3.79 -0.49 -9.76
C TYR A 83 -2.65 0.49 -9.95
N TYR A 84 -1.44 -0.02 -9.84
CA TYR A 84 -0.26 0.82 -9.96
C TYR A 84 0.37 0.67 -11.34
N THR A 85 0.22 1.70 -12.15
CA THR A 85 0.79 1.70 -13.49
C THR A 85 2.13 2.42 -13.50
N SER A 86 3.18 1.70 -13.81
CA SER A 86 4.51 2.27 -13.90
C SER A 86 4.68 3.02 -15.22
N GLN A 87 4.55 4.32 -15.15
CA GLN A 87 4.65 5.17 -16.32
C GLN A 87 6.04 5.78 -16.44
N SER A 88 6.75 5.86 -15.32
CA SER A 88 8.08 6.43 -15.29
C SER A 88 9.07 5.42 -14.72
N ASP A 89 8.88 4.15 -15.08
CA ASP A 89 9.71 3.08 -14.58
C ASP A 89 11.06 3.06 -15.29
N LYS A 90 12.09 3.50 -14.57
CA LYS A 90 13.45 3.42 -15.06
C LYS A 90 14.31 2.78 -13.99
N GLU A 91 14.21 3.32 -12.78
CA GLU A 91 14.96 2.82 -11.64
C GLU A 91 14.02 2.11 -10.68
N ALA A 92 14.52 1.82 -9.49
CA ALA A 92 13.72 1.16 -8.45
C ALA A 92 12.57 2.06 -8.02
N GLN A 93 11.38 1.47 -7.98
CA GLN A 93 10.20 2.20 -7.53
C GLN A 93 9.88 1.84 -6.10
N THR A 94 9.76 2.85 -5.26
CA THR A 94 9.46 2.65 -3.86
C THR A 94 8.32 3.55 -3.45
N ILE A 95 7.20 2.93 -3.09
CA ILE A 95 6.02 3.68 -2.70
C ILE A 95 5.70 3.44 -1.23
N ASP A 96 5.25 4.49 -0.55
CA ASP A 96 4.90 4.38 0.85
C ASP A 96 3.42 4.68 1.07
N LEU A 97 2.68 3.66 1.51
CA LEU A 97 1.26 3.82 1.80
C LEU A 97 1.07 4.19 3.27
N TYR A 98 0.54 5.38 3.51
CA TYR A 98 0.37 5.87 4.86
C TYR A 98 -1.09 5.74 5.31
N PHE A 99 -1.35 4.79 6.19
CA PHE A 99 -2.66 4.70 6.83
C PHE A 99 -2.64 5.60 8.05
N GLU A 100 -3.44 6.65 8.01
CA GLU A 100 -3.31 7.73 8.96
C GLU A 100 -4.55 7.88 9.82
N ASP A 101 -4.33 7.88 11.13
CA ASP A 101 -5.36 8.22 12.09
C ASP A 101 -5.37 9.73 12.26
N ASN A 102 -6.55 10.29 12.56
CA ASN A 102 -6.70 11.73 12.73
C ASN A 102 -5.67 12.29 13.71
N TRP A 103 -5.39 11.54 14.77
CA TRP A 103 -4.44 12.00 15.79
C TRP A 103 -3.70 10.85 16.47
N GLY A 104 -4.18 9.62 16.31
CA GLY A 104 -3.62 8.50 17.03
C GLY A 104 -2.34 7.96 16.41
N ASN A 105 -2.46 6.90 15.64
CA ASN A 105 -1.30 6.19 15.13
C ASN A 105 -1.16 6.28 13.62
N LEU A 106 0.07 6.26 13.14
CA LEU A 106 0.35 6.24 11.72
C LEU A 106 0.99 4.90 11.34
N GLN A 107 0.36 4.18 10.44
CA GLN A 107 0.85 2.87 10.04
C GLN A 107 1.16 2.91 8.55
N GLN A 108 2.44 2.82 8.22
CA GLN A 108 2.87 3.00 6.85
C GLN A 108 3.44 1.69 6.29
N LEU A 109 3.01 1.36 5.08
CA LEU A 109 3.50 0.17 4.41
C LEU A 109 4.29 0.55 3.17
N THR A 110 5.59 0.28 3.21
CA THR A 110 6.45 0.57 2.07
C THR A 110 6.52 -0.65 1.15
N TYR A 111 6.50 -0.40 -0.15
CA TYR A 111 6.58 -1.48 -1.12
C TYR A 111 7.69 -1.20 -2.12
N ASP A 112 8.63 -2.13 -2.19
CA ASP A 112 9.77 -2.02 -3.08
C ASP A 112 9.51 -2.75 -4.38
N PHE A 113 9.64 -2.02 -5.47
CA PHE A 113 9.52 -2.61 -6.80
C PHE A 113 10.79 -2.37 -7.59
N ASN A 114 11.27 -3.42 -8.26
CA ASN A 114 12.37 -3.33 -9.22
C ASN A 114 13.74 -3.21 -8.54
N GLY A 115 13.75 -2.83 -7.27
CA GLY A 115 15.01 -2.60 -6.57
C GLY A 115 15.23 -3.60 -5.45
N LYS A 116 16.49 -3.76 -5.05
CA LYS A 116 16.88 -4.70 -4.00
C LYS A 116 16.41 -6.11 -4.31
N LEU A 117 17.10 -6.75 -5.26
CA LEU A 117 16.69 -8.06 -5.74
C LEU A 117 17.77 -9.11 -5.56
N GLU A 118 17.66 -9.86 -4.47
CA GLU A 118 18.45 -11.07 -4.30
C GLU A 118 17.48 -12.24 -4.13
N HIS A 119 17.99 -13.46 -4.15
CA HIS A 119 17.12 -14.64 -4.17
C HIS A 119 16.49 -14.89 -2.80
N HIS A 120 15.32 -14.27 -2.59
CA HIS A 120 14.53 -14.44 -1.36
C HIS A 120 15.31 -13.97 -0.14
N HIS A 121 16.27 -13.09 -0.37
CA HIS A 121 17.12 -12.55 0.68
C HIS A 121 17.63 -11.18 0.29
N HIS A 122 18.31 -10.52 1.21
CA HIS A 122 19.09 -9.34 0.92
C HIS A 122 20.19 -9.21 1.96
N HIS A 123 21.41 -8.99 1.52
CA HIS A 123 22.54 -8.89 2.43
C HIS A 123 23.30 -7.60 2.20
N HIS A 124 24.36 -7.39 2.98
CA HIS A 124 25.16 -6.19 2.86
C HIS A 124 26.56 -6.55 2.39
N MET A 1 -26.60 -9.74 4.87
CA MET A 1 -26.56 -8.34 5.35
C MET A 1 -25.14 -7.80 5.25
N ASN A 2 -25.00 -6.47 5.27
CA ASN A 2 -23.70 -5.84 5.10
C ASN A 2 -22.88 -5.93 6.39
N GLU A 3 -21.56 -5.89 6.23
CA GLU A 3 -20.65 -5.95 7.37
C GLU A 3 -19.79 -4.69 7.43
N LEU A 4 -18.82 -4.68 8.34
CA LEU A 4 -17.88 -3.57 8.48
C LEU A 4 -18.60 -2.25 8.78
N ASP A 5 -19.69 -2.33 9.52
CA ASP A 5 -20.42 -1.14 9.93
C ASP A 5 -19.78 -0.52 11.17
N ILE A 6 -19.22 -1.38 12.02
CA ILE A 6 -18.53 -0.92 13.22
C ILE A 6 -17.12 -0.43 12.88
N GLN A 7 -16.44 0.14 13.86
CA GLN A 7 -15.11 0.69 13.64
C GLN A 7 -14.06 -0.11 14.40
N GLN A 8 -12.81 0.11 14.05
CA GLN A 8 -11.70 -0.63 14.62
C GLN A 8 -10.93 0.22 15.61
N GLU A 9 -10.71 -0.32 16.79
CA GLU A 9 -9.90 0.34 17.81
C GLU A 9 -8.88 -0.64 18.38
N TYR A 10 -9.18 -1.92 18.24
CA TYR A 10 -8.32 -2.99 18.74
C TYR A 10 -7.61 -3.67 17.56
N PRO A 11 -6.61 -4.55 17.85
CA PRO A 11 -5.86 -5.31 16.85
C PRO A 11 -6.61 -5.59 15.55
N PHE A 12 -5.93 -5.33 14.45
CA PHE A 12 -6.49 -5.52 13.12
C PHE A 12 -5.49 -6.23 12.24
N THR A 13 -5.98 -7.08 11.36
CA THR A 13 -5.11 -7.82 10.47
C THR A 13 -4.97 -7.09 9.14
N VAL A 14 -3.73 -6.89 8.73
CA VAL A 14 -3.45 -6.27 7.44
C VAL A 14 -2.92 -7.33 6.49
N GLU A 15 -3.65 -7.58 5.43
CA GLU A 15 -3.27 -8.58 4.46
C GLU A 15 -2.70 -7.90 3.22
N SER A 16 -1.49 -8.29 2.86
CA SER A 16 -0.80 -7.72 1.72
C SER A 16 -0.37 -8.81 0.76
N MET A 17 -0.80 -8.69 -0.49
CA MET A 17 -0.46 -9.66 -1.52
C MET A 17 0.86 -9.31 -2.17
N PRO A 18 1.66 -10.33 -2.54
CA PRO A 18 2.88 -10.12 -3.33
C PRO A 18 2.53 -9.61 -4.72
N VAL A 19 2.61 -8.29 -4.88
CA VAL A 19 2.10 -7.65 -6.07
C VAL A 19 3.07 -7.74 -7.25
N ALA A 20 4.36 -7.62 -6.96
CA ALA A 20 5.38 -7.65 -8.00
C ALA A 20 6.77 -7.71 -7.41
N ASP A 21 7.48 -8.79 -7.70
CA ASP A 21 8.88 -8.89 -7.33
C ASP A 21 9.71 -8.00 -8.26
N GLU A 22 9.18 -7.80 -9.47
CA GLU A 22 9.69 -6.80 -10.39
C GLU A 22 8.56 -6.39 -11.32
N ILE A 23 8.67 -5.22 -11.92
CA ILE A 23 7.62 -4.72 -12.79
C ILE A 23 8.18 -4.31 -14.14
N ALA A 24 7.49 -4.70 -15.20
CA ALA A 24 7.96 -4.49 -16.57
C ALA A 24 7.62 -3.09 -17.10
N GLY A 25 7.59 -2.12 -16.21
CA GLY A 25 7.27 -0.76 -16.60
C GLY A 25 5.80 -0.58 -16.94
N ASP A 26 5.43 -0.98 -18.14
CA ASP A 26 4.05 -0.82 -18.63
C ASP A 26 3.07 -1.68 -17.83
N GLU A 27 3.61 -2.60 -17.04
CA GLU A 27 2.79 -3.48 -16.24
C GLU A 27 1.98 -2.72 -15.20
N THR A 28 0.85 -3.31 -14.86
CA THR A 28 -0.02 -2.77 -13.84
C THR A 28 -0.29 -3.85 -12.81
N VAL A 29 0.17 -3.62 -11.60
CA VAL A 29 0.10 -4.62 -10.56
C VAL A 29 -1.06 -4.36 -9.61
N GLU A 30 -1.77 -5.42 -9.27
CA GLU A 30 -2.91 -5.34 -8.38
C GLU A 30 -2.44 -5.28 -6.93
N ILE A 31 -2.40 -4.08 -6.39
CA ILE A 31 -2.06 -3.91 -4.99
C ILE A 31 -3.31 -4.16 -4.18
N ARG A 32 -3.41 -5.35 -3.64
CA ARG A 32 -4.60 -5.77 -2.94
C ARG A 32 -4.39 -5.73 -1.45
N LEU A 33 -5.09 -4.82 -0.79
CA LEU A 33 -5.05 -4.74 0.65
C LEU A 33 -6.40 -5.15 1.22
N GLU A 34 -6.35 -6.04 2.19
CA GLU A 34 -7.54 -6.46 2.89
C GLU A 34 -7.28 -6.42 4.38
N ILE A 35 -7.94 -5.51 5.05
CA ILE A 35 -7.74 -5.31 6.47
C ILE A 35 -8.95 -5.80 7.25
N LYS A 36 -8.73 -6.85 8.03
CA LYS A 36 -9.80 -7.43 8.84
C LYS A 36 -9.59 -7.06 10.30
N PRO A 37 -10.44 -6.16 10.84
CA PRO A 37 -10.38 -5.75 12.24
C PRO A 37 -10.86 -6.86 13.18
N SER A 38 -10.03 -7.19 14.16
CA SER A 38 -10.38 -8.23 15.11
C SER A 38 -11.16 -7.66 16.29
N GLY A 39 -10.89 -6.39 16.60
CA GLY A 39 -11.61 -5.71 17.66
C GLY A 39 -12.55 -4.66 17.10
N ASN A 40 -13.73 -4.55 17.70
CA ASN A 40 -14.75 -3.62 17.21
C ASN A 40 -15.17 -2.63 18.30
N PHE A 41 -14.95 -1.35 18.03
CA PHE A 41 -15.24 -0.28 18.97
C PHE A 41 -15.59 1.00 18.21
N ILE A 42 -15.51 2.14 18.89
CA ILE A 42 -15.73 3.42 18.24
C ILE A 42 -14.50 3.80 17.41
N GLY A 43 -13.33 3.58 17.99
CA GLY A 43 -12.10 3.78 17.25
C GLY A 43 -11.77 5.24 17.03
N THR A 44 -11.52 5.58 15.77
CA THR A 44 -11.03 6.90 15.41
C THR A 44 -11.03 7.02 13.88
N VAL A 45 -10.87 8.24 13.36
CA VAL A 45 -10.93 8.47 11.92
C VAL A 45 -9.61 8.10 11.26
N TYR A 46 -9.61 6.99 10.54
CA TYR A 46 -8.42 6.54 9.83
C TYR A 46 -8.39 7.14 8.42
N THR A 47 -7.29 7.82 8.11
CA THR A 47 -7.11 8.43 6.82
C THR A 47 -5.92 7.79 6.10
N LEU A 48 -5.97 7.76 4.78
CA LEU A 48 -4.93 7.12 3.99
C LEU A 48 -4.17 8.16 3.16
N ARG A 49 -2.89 8.30 3.45
CA ARG A 49 -2.05 9.24 2.73
C ARG A 49 -1.10 8.50 1.81
N TYR A 50 -1.02 8.94 0.56
CA TYR A 50 -0.18 8.29 -0.44
C TYR A 50 1.07 9.12 -0.69
N PHE A 51 2.20 8.46 -0.88
CA PHE A 51 3.43 9.15 -1.24
C PHE A 51 4.36 8.21 -2.00
N GLN A 52 5.08 8.74 -2.98
CA GLN A 52 6.04 7.96 -3.74
C GLN A 52 7.40 8.65 -3.71
N PRO A 53 8.28 8.25 -2.76
CA PRO A 53 9.61 8.84 -2.59
C PRO A 53 10.49 8.66 -3.84
N ASP A 54 10.52 7.43 -4.36
CA ASP A 54 11.39 7.11 -5.49
C ASP A 54 10.60 6.39 -6.57
N GLY A 55 11.02 6.59 -7.82
CA GLY A 55 10.37 5.94 -8.93
C GLY A 55 9.31 6.82 -9.57
N LYS A 56 8.51 6.24 -10.46
CA LYS A 56 7.46 6.97 -11.13
C LYS A 56 6.36 6.02 -11.57
N GLY A 57 5.12 6.39 -11.32
CA GLY A 57 4.01 5.56 -11.72
C GLY A 57 2.68 6.20 -11.40
N SER A 58 1.60 5.47 -11.66
CA SER A 58 0.28 5.96 -11.37
C SER A 58 -0.47 4.96 -10.48
N LEU A 59 -0.76 5.39 -9.27
CA LEU A 59 -1.53 4.57 -8.35
C LEU A 59 -3.01 4.92 -8.47
N LYS A 60 -3.80 3.94 -8.86
CA LYS A 60 -5.19 4.18 -9.16
C LYS A 60 -6.11 3.42 -8.23
N MET A 61 -7.18 4.08 -7.79
CA MET A 61 -8.24 3.43 -7.03
C MET A 61 -9.02 2.50 -7.95
N GLU A 62 -8.62 1.22 -7.96
CA GLU A 62 -9.19 0.22 -8.88
C GLU A 62 -9.21 0.73 -10.32
N ASP A 63 -8.17 1.50 -10.69
CA ASP A 63 -8.00 2.05 -12.04
C ASP A 63 -9.15 2.99 -12.41
N GLY A 64 -9.83 3.50 -11.39
CA GLY A 64 -10.93 4.41 -11.63
C GLY A 64 -10.68 5.82 -11.12
N THR A 65 -9.54 6.01 -10.46
CA THR A 65 -9.19 7.32 -9.92
C THR A 65 -7.68 7.42 -9.72
N VAL A 66 -7.07 8.48 -10.22
CA VAL A 66 -5.64 8.70 -10.05
C VAL A 66 -5.37 9.44 -8.76
N LEU A 67 -4.43 8.95 -7.97
CA LEU A 67 -4.14 9.50 -6.65
C LEU A 67 -2.93 10.43 -6.68
N LYS A 68 -2.98 11.47 -5.86
CA LYS A 68 -1.88 12.42 -5.77
C LYS A 68 -0.98 12.09 -4.57
N PRO A 69 0.30 11.78 -4.83
CA PRO A 69 1.26 11.37 -3.80
C PRO A 69 1.71 12.52 -2.89
N ASN A 70 0.92 12.76 -1.85
CA ASN A 70 1.21 13.75 -0.79
C ASN A 70 -0.06 14.06 -0.01
N ASP A 71 -1.21 13.84 -0.65
CA ASP A 71 -2.49 14.23 -0.07
C ASP A 71 -3.07 13.11 0.79
N ARG A 72 -3.84 13.50 1.81
CA ARG A 72 -4.47 12.54 2.70
C ARG A 72 -5.90 12.27 2.25
N TYR A 73 -6.16 11.06 1.79
CA TYR A 73 -7.46 10.70 1.25
C TYR A 73 -8.30 9.94 2.27
N LEU A 74 -9.52 10.42 2.49
CA LEU A 74 -10.49 9.71 3.31
C LEU A 74 -11.46 8.96 2.39
N LEU A 75 -11.09 7.74 2.02
CA LEU A 75 -11.82 7.00 1.00
C LEU A 75 -12.33 5.66 1.55
N ASN A 76 -12.82 4.81 0.64
CA ASN A 76 -13.25 3.47 1.01
C ASN A 76 -12.11 2.72 1.70
N GLU A 77 -12.38 2.24 2.89
CA GLU A 77 -11.33 1.73 3.76
C GLU A 77 -11.47 0.23 4.01
N TRP A 78 -10.48 -0.31 4.74
CA TRP A 78 -10.43 -1.71 5.15
C TRP A 78 -10.11 -2.65 3.98
N LYS A 79 -10.99 -2.70 2.98
CA LYS A 79 -10.82 -3.60 1.85
C LYS A 79 -10.89 -2.83 0.54
N PHE A 80 -9.86 -2.95 -0.29
CA PHE A 80 -9.83 -2.26 -1.57
C PHE A 80 -8.67 -2.78 -2.44
N ARG A 81 -8.76 -2.56 -3.76
CA ARG A 81 -7.72 -2.98 -4.67
C ARG A 81 -7.13 -1.76 -5.38
N LEU A 82 -5.83 -1.68 -5.45
CA LEU A 82 -5.18 -0.57 -6.11
C LEU A 82 -4.49 -1.04 -7.38
N TYR A 83 -4.60 -0.26 -8.43
CA TYR A 83 -3.95 -0.60 -9.68
C TYR A 83 -2.79 0.33 -9.94
N TYR A 84 -1.59 -0.20 -9.81
CA TYR A 84 -0.39 0.58 -10.02
C TYR A 84 0.15 0.37 -11.43
N THR A 85 -0.13 1.33 -12.29
CA THR A 85 0.47 1.35 -13.63
C THR A 85 1.76 2.14 -13.56
N SER A 86 2.88 1.44 -13.68
CA SER A 86 4.17 2.07 -13.48
C SER A 86 4.57 2.86 -14.72
N GLN A 87 5.32 3.93 -14.50
CA GLN A 87 5.83 4.75 -15.60
C GLN A 87 7.35 4.71 -15.60
N SER A 88 7.89 3.84 -14.75
CA SER A 88 9.33 3.75 -14.57
C SER A 88 9.76 2.30 -14.40
N ASP A 89 10.91 1.97 -14.97
CA ASP A 89 11.52 0.65 -14.79
C ASP A 89 12.85 0.81 -14.06
N LYS A 90 13.82 1.44 -14.72
CA LYS A 90 15.08 1.88 -14.12
C LYS A 90 15.66 0.87 -13.12
N GLU A 91 15.54 1.15 -11.83
CA GLU A 91 16.06 0.25 -10.81
C GLU A 91 15.13 0.13 -9.61
N ALA A 92 14.39 1.18 -9.27
CA ALA A 92 13.56 1.15 -8.08
C ALA A 92 12.34 2.05 -8.17
N GLN A 93 11.19 1.53 -7.71
CA GLN A 93 9.98 2.31 -7.56
C GLN A 93 9.45 2.11 -6.15
N THR A 94 9.55 3.13 -5.32
CA THR A 94 9.18 3.00 -3.93
C THR A 94 7.91 3.80 -3.63
N ILE A 95 6.89 3.11 -3.12
CA ILE A 95 5.66 3.78 -2.69
C ILE A 95 5.44 3.55 -1.21
N ASP A 96 4.91 4.54 -0.52
CA ASP A 96 4.73 4.46 0.93
C ASP A 96 3.29 4.85 1.28
N LEU A 97 2.54 3.90 1.83
CA LEU A 97 1.13 4.12 2.16
C LEU A 97 0.97 4.39 3.64
N TYR A 98 0.43 5.56 3.98
CA TYR A 98 0.30 5.97 5.37
C TYR A 98 -1.14 5.86 5.85
N PHE A 99 -1.39 4.88 6.72
CA PHE A 99 -2.68 4.79 7.39
C PHE A 99 -2.58 5.47 8.75
N GLU A 100 -3.31 6.55 8.93
CA GLU A 100 -3.17 7.34 10.15
C GLU A 100 -4.52 7.57 10.84
N ASP A 101 -4.47 7.72 12.16
CA ASP A 101 -5.63 8.09 12.94
C ASP A 101 -5.49 9.54 13.39
N ASN A 102 -6.42 10.03 14.18
CA ASN A 102 -6.44 11.43 14.60
C ASN A 102 -5.23 11.81 15.47
N TRP A 103 -4.81 10.95 16.41
CA TRP A 103 -3.84 11.39 17.40
C TRP A 103 -2.52 10.59 17.46
N GLY A 104 -2.55 9.29 17.19
CA GLY A 104 -1.36 8.50 17.47
C GLY A 104 -1.02 7.47 16.42
N ASN A 105 -2.03 6.79 15.89
CA ASN A 105 -1.80 5.67 14.99
C ASN A 105 -1.39 6.18 13.61
N LEU A 106 -0.25 5.72 13.14
CA LEU A 106 0.18 5.97 11.77
C LEU A 106 1.06 4.82 11.30
N GLN A 107 0.60 4.11 10.30
CA GLN A 107 1.30 2.94 9.81
C GLN A 107 1.67 3.12 8.34
N GLN A 108 2.96 3.09 8.06
CA GLN A 108 3.45 3.27 6.71
C GLN A 108 3.79 1.91 6.08
N LEU A 109 3.07 1.57 5.03
CA LEU A 109 3.36 0.36 4.28
C LEU A 109 4.22 0.72 3.07
N THR A 110 5.47 0.31 3.11
CA THR A 110 6.42 0.66 2.08
C THR A 110 6.61 -0.48 1.09
N TYR A 111 6.24 -0.25 -0.16
CA TYR A 111 6.41 -1.22 -1.22
C TYR A 111 7.48 -0.74 -2.18
N ASP A 112 8.49 -1.57 -2.40
CA ASP A 112 9.62 -1.18 -3.25
C ASP A 112 9.75 -2.12 -4.44
N PHE A 113 9.54 -1.57 -5.62
CA PHE A 113 9.58 -2.35 -6.86
C PHE A 113 10.90 -2.15 -7.59
N ASN A 114 11.08 -2.90 -8.66
CA ASN A 114 12.22 -2.71 -9.56
C ASN A 114 11.85 -3.26 -10.93
N GLY A 115 12.63 -2.94 -11.94
CA GLY A 115 12.34 -3.46 -13.27
C GLY A 115 13.59 -3.78 -14.05
N LYS A 116 14.58 -4.35 -13.37
CA LYS A 116 15.85 -4.64 -13.99
C LYS A 116 16.41 -6.00 -13.56
N LEU A 117 16.06 -6.44 -12.36
CA LEU A 117 16.60 -7.69 -11.83
C LEU A 117 16.09 -8.89 -12.62
N GLU A 118 16.96 -9.38 -13.51
CA GLU A 118 16.63 -10.48 -14.44
C GLU A 118 15.60 -10.03 -15.47
N HIS A 119 14.40 -9.70 -14.98
CA HIS A 119 13.30 -9.23 -15.81
C HIS A 119 12.78 -10.34 -16.73
N HIS A 120 13.35 -10.44 -17.93
CA HIS A 120 12.83 -11.34 -18.97
C HIS A 120 11.32 -11.18 -19.10
N HIS A 121 10.57 -12.21 -18.72
CA HIS A 121 9.11 -12.15 -18.69
C HIS A 121 8.59 -13.17 -17.69
N HIS A 122 8.20 -12.71 -16.51
CA HIS A 122 7.69 -13.63 -15.49
C HIS A 122 6.18 -13.72 -15.57
N HIS A 123 5.70 -14.91 -15.86
CA HIS A 123 4.26 -15.15 -15.98
C HIS A 123 3.69 -15.43 -14.59
N HIS A 124 4.08 -14.57 -13.65
CA HIS A 124 3.74 -14.73 -12.25
C HIS A 124 3.69 -13.38 -11.58
N MET A 1 3.94 -2.30 20.46
CA MET A 1 4.31 -1.19 21.38
C MET A 1 4.44 -1.71 22.81
N ASN A 2 3.53 -2.60 23.21
CA ASN A 2 3.45 -3.09 24.58
C ASN A 2 3.20 -1.92 25.53
N GLU A 3 1.92 -1.59 25.68
CA GLU A 3 1.53 -0.44 26.48
C GLU A 3 0.78 -0.91 27.72
N LEU A 4 1.54 -1.44 28.68
CA LEU A 4 1.01 -1.94 29.96
C LEU A 4 0.26 -3.25 29.80
N ASP A 5 -0.92 -3.20 29.19
CA ASP A 5 -1.74 -4.40 29.04
C ASP A 5 -1.35 -5.12 27.75
N ILE A 6 -1.41 -6.45 27.81
CA ILE A 6 -0.92 -7.29 26.72
C ILE A 6 -2.01 -8.24 26.23
N GLN A 7 -1.60 -9.31 25.54
CA GLN A 7 -2.52 -10.30 24.99
C GLN A 7 -3.37 -9.69 23.87
N GLN A 8 -2.88 -9.86 22.63
CA GLN A 8 -3.52 -9.28 21.44
C GLN A 8 -3.42 -7.76 21.45
N GLU A 9 -2.37 -7.25 20.82
CA GLU A 9 -2.16 -5.83 20.68
C GLU A 9 -2.82 -5.33 19.40
N TYR A 10 -2.89 -6.20 18.41
CA TYR A 10 -3.42 -5.85 17.11
C TYR A 10 -4.94 -5.84 17.11
N PRO A 11 -5.56 -4.67 16.89
CA PRO A 11 -7.00 -4.55 16.73
C PRO A 11 -7.42 -4.80 15.28
N PHE A 12 -6.43 -5.15 14.46
CA PHE A 12 -6.65 -5.41 13.06
C PHE A 12 -5.57 -6.36 12.53
N THR A 13 -5.82 -6.93 11.37
CA THR A 13 -4.84 -7.77 10.70
C THR A 13 -4.55 -7.23 9.30
N VAL A 14 -3.27 -7.04 8.98
CA VAL A 14 -2.89 -6.53 7.68
C VAL A 14 -2.65 -7.67 6.71
N GLU A 15 -3.62 -7.92 5.86
CA GLU A 15 -3.51 -8.96 4.86
C GLU A 15 -3.42 -8.35 3.47
N SER A 16 -2.40 -8.71 2.73
CA SER A 16 -2.18 -8.15 1.41
C SER A 16 -1.36 -9.10 0.56
N MET A 17 -1.33 -8.85 -0.74
CA MET A 17 -0.51 -9.64 -1.63
C MET A 17 0.88 -9.04 -1.72
N PRO A 18 1.92 -9.85 -1.50
CA PRO A 18 3.30 -9.41 -1.65
C PRO A 18 3.58 -9.00 -3.10
N VAL A 19 3.48 -7.70 -3.35
CA VAL A 19 3.66 -7.17 -4.70
C VAL A 19 5.10 -6.78 -4.96
N ALA A 20 5.98 -7.10 -4.02
CA ALA A 20 7.41 -6.88 -4.23
C ALA A 20 7.93 -7.93 -5.20
N ASP A 21 7.70 -7.68 -6.48
CA ASP A 21 7.99 -8.63 -7.53
C ASP A 21 8.60 -7.91 -8.72
N GLU A 22 8.58 -8.55 -9.87
CA GLU A 22 9.17 -7.99 -11.08
C GLU A 22 8.16 -7.13 -11.82
N ILE A 23 8.63 -6.05 -12.42
CA ILE A 23 7.78 -5.14 -13.16
C ILE A 23 8.60 -4.40 -14.20
N ALA A 24 7.95 -3.81 -15.19
CA ALA A 24 8.64 -3.07 -16.22
C ALA A 24 8.01 -1.70 -16.42
N GLY A 25 8.63 -0.89 -17.25
CA GLY A 25 8.11 0.43 -17.54
C GLY A 25 6.73 0.38 -18.16
N ASP A 26 5.80 1.15 -17.57
CA ASP A 26 4.42 1.28 -18.06
C ASP A 26 3.59 0.04 -17.74
N GLU A 27 4.16 -0.88 -16.97
CA GLU A 27 3.42 -2.07 -16.57
C GLU A 27 2.56 -1.76 -15.35
N THR A 28 1.46 -2.49 -15.21
CA THR A 28 0.52 -2.25 -14.12
C THR A 28 0.38 -3.49 -13.24
N VAL A 29 0.40 -3.28 -11.93
CA VAL A 29 0.22 -4.36 -10.97
C VAL A 29 -0.95 -4.05 -10.05
N GLU A 30 -1.79 -5.06 -9.82
CA GLU A 30 -2.91 -4.90 -8.90
C GLU A 30 -2.46 -5.24 -7.48
N ILE A 31 -2.53 -4.26 -6.61
CA ILE A 31 -2.13 -4.42 -5.23
C ILE A 31 -3.36 -4.43 -4.33
N ARG A 32 -3.76 -5.60 -3.85
CA ARG A 32 -4.92 -5.68 -2.97
C ARG A 32 -4.52 -5.48 -1.51
N LEU A 33 -5.26 -4.64 -0.84
CA LEU A 33 -5.04 -4.37 0.58
C LEU A 33 -6.28 -4.73 1.37
N GLU A 34 -6.09 -5.49 2.44
CA GLU A 34 -7.19 -5.81 3.32
C GLU A 34 -6.76 -5.66 4.76
N ILE A 35 -7.31 -4.68 5.44
CA ILE A 35 -7.03 -4.50 6.85
C ILE A 35 -8.20 -5.05 7.66
N LYS A 36 -8.16 -6.36 7.90
CA LYS A 36 -9.25 -7.05 8.56
C LYS A 36 -9.37 -6.56 10.00
N PRO A 37 -10.44 -5.82 10.32
CA PRO A 37 -10.63 -5.24 11.64
C PRO A 37 -11.18 -6.24 12.66
N SER A 38 -10.49 -6.36 13.77
CA SER A 38 -10.96 -7.18 14.87
C SER A 38 -12.00 -6.40 15.67
N GLY A 39 -11.77 -5.10 15.77
CA GLY A 39 -12.72 -4.21 16.41
C GLY A 39 -12.81 -2.88 15.70
N ASN A 40 -13.93 -2.65 15.03
CA ASN A 40 -14.14 -1.42 14.29
C ASN A 40 -15.10 -0.51 15.05
N PHE A 41 -14.56 0.58 15.60
CA PHE A 41 -15.33 1.46 16.46
C PHE A 41 -15.80 2.70 15.68
N ILE A 42 -16.63 3.50 16.32
CA ILE A 42 -17.09 4.74 15.71
C ILE A 42 -16.00 5.81 15.85
N GLY A 43 -15.74 6.51 14.76
CA GLY A 43 -14.65 7.46 14.75
C GLY A 43 -13.44 6.90 14.03
N THR A 44 -13.41 5.57 13.94
CA THR A 44 -12.38 4.87 13.22
C THR A 44 -12.73 4.86 11.73
N VAL A 45 -12.30 5.89 11.03
CA VAL A 45 -12.68 6.06 9.63
C VAL A 45 -11.52 5.71 8.70
N TYR A 46 -10.30 5.89 9.20
CA TYR A 46 -9.08 5.60 8.45
C TYR A 46 -8.88 6.54 7.26
N THR A 47 -7.63 6.89 7.02
CA THR A 47 -7.27 7.77 5.93
C THR A 47 -6.01 7.28 5.24
N LEU A 48 -6.03 7.24 3.92
CA LEU A 48 -4.91 6.76 3.14
C LEU A 48 -4.21 7.93 2.46
N ARG A 49 -2.94 8.12 2.78
CA ARG A 49 -2.15 9.13 2.09
C ARG A 49 -1.07 8.45 1.27
N TYR A 50 -0.99 8.81 0.00
CA TYR A 50 -0.02 8.20 -0.90
C TYR A 50 1.14 9.14 -1.14
N PHE A 51 2.35 8.59 -1.13
CA PHE A 51 3.56 9.35 -1.39
C PHE A 51 4.51 8.52 -2.25
N GLN A 52 5.22 9.17 -3.15
CA GLN A 52 6.16 8.47 -4.02
C GLN A 52 7.51 9.21 -4.08
N PRO A 53 8.53 8.67 -3.41
CA PRO A 53 9.87 9.23 -3.45
C PRO A 53 10.63 8.76 -4.70
N ASP A 54 11.24 7.59 -4.62
CA ASP A 54 11.89 7.00 -5.77
C ASP A 54 11.03 5.88 -6.33
N GLY A 55 10.17 6.25 -7.25
CA GLY A 55 9.22 5.31 -7.81
C GLY A 55 8.00 6.05 -8.31
N LYS A 56 8.00 6.38 -9.60
CA LYS A 56 6.94 7.19 -10.17
C LYS A 56 5.94 6.30 -10.90
N GLY A 57 4.67 6.55 -10.63
CA GLY A 57 3.64 5.79 -11.28
C GLY A 57 2.27 6.30 -10.93
N SER A 58 1.26 5.82 -11.64
CA SER A 58 -0.11 6.22 -11.39
C SER A 58 -0.83 5.14 -10.59
N LEU A 59 -1.10 5.45 -9.33
CA LEU A 59 -1.79 4.51 -8.45
C LEU A 59 -3.26 4.89 -8.34
N LYS A 60 -4.11 4.12 -9.00
CA LYS A 60 -5.54 4.41 -9.03
C LYS A 60 -6.32 3.33 -8.30
N MET A 61 -7.43 3.73 -7.69
CA MET A 61 -8.30 2.78 -7.00
C MET A 61 -9.40 2.28 -7.93
N GLU A 62 -10.27 1.41 -7.41
CA GLU A 62 -11.34 0.83 -8.21
C GLU A 62 -12.40 1.88 -8.56
N ASP A 63 -12.45 2.94 -7.74
CA ASP A 63 -13.33 4.07 -8.02
C ASP A 63 -12.88 4.82 -9.26
N GLY A 64 -11.66 4.55 -9.70
CA GLY A 64 -11.09 5.26 -10.81
C GLY A 64 -10.30 6.46 -10.34
N THR A 65 -10.44 6.76 -9.06
CA THR A 65 -9.76 7.87 -8.42
C THR A 65 -8.26 7.60 -8.33
N VAL A 66 -7.47 8.37 -9.07
CA VAL A 66 -6.03 8.25 -9.00
C VAL A 66 -5.51 8.96 -7.76
N LEU A 67 -4.67 8.28 -7.00
CA LEU A 67 -4.15 8.81 -5.76
C LEU A 67 -3.07 9.86 -6.02
N LYS A 68 -3.01 10.84 -5.15
CA LYS A 68 -2.09 11.95 -5.29
C LYS A 68 -0.98 11.84 -4.24
N PRO A 69 0.30 11.87 -4.68
CA PRO A 69 1.45 11.77 -3.78
C PRO A 69 1.62 12.97 -2.84
N ASN A 70 0.67 13.11 -1.92
CA ASN A 70 0.64 14.20 -0.93
C ASN A 70 -0.76 14.35 -0.34
N ASP A 71 -1.76 13.86 -1.08
CA ASP A 71 -3.16 14.08 -0.71
C ASP A 71 -3.67 12.92 0.14
N ARG A 72 -4.70 13.19 0.94
CA ARG A 72 -5.24 12.20 1.85
C ARG A 72 -6.61 11.73 1.38
N TYR A 73 -6.80 10.43 1.35
CA TYR A 73 -8.06 9.82 0.92
C TYR A 73 -8.62 8.96 2.05
N LEU A 74 -9.72 9.40 2.66
CA LEU A 74 -10.31 8.62 3.74
C LEU A 74 -11.05 7.41 3.18
N LEU A 75 -10.77 6.25 3.74
CA LEU A 75 -11.34 5.00 3.28
C LEU A 75 -12.01 4.27 4.43
N ASN A 76 -13.34 4.33 4.47
CA ASN A 76 -14.09 3.77 5.60
C ASN A 76 -14.15 2.25 5.49
N GLU A 77 -14.07 1.74 4.28
CA GLU A 77 -14.06 0.30 4.07
C GLU A 77 -12.62 -0.22 4.20
N TRP A 78 -12.46 -1.29 4.95
CA TRP A 78 -11.13 -1.80 5.32
C TRP A 78 -10.56 -2.70 4.22
N LYS A 79 -11.31 -2.86 3.12
CA LYS A 79 -10.86 -3.68 2.01
C LYS A 79 -10.84 -2.85 0.73
N PHE A 80 -9.76 -2.91 -0.03
CA PHE A 80 -9.67 -2.16 -1.28
C PHE A 80 -8.55 -2.67 -2.19
N ARG A 81 -8.63 -2.32 -3.46
CA ARG A 81 -7.61 -2.64 -4.44
C ARG A 81 -6.91 -1.39 -4.93
N LEU A 82 -5.64 -1.50 -5.23
CA LEU A 82 -4.86 -0.42 -5.81
C LEU A 82 -4.28 -0.88 -7.15
N TYR A 83 -4.30 -0.01 -8.14
CA TYR A 83 -3.72 -0.33 -9.44
C TYR A 83 -2.55 0.59 -9.73
N TYR A 84 -1.35 0.03 -9.75
CA TYR A 84 -0.14 0.83 -9.91
C TYR A 84 0.46 0.65 -11.31
N THR A 85 0.44 1.72 -12.09
CA THR A 85 1.07 1.74 -13.39
C THR A 85 2.37 2.53 -13.32
N SER A 86 3.50 1.85 -13.40
CA SER A 86 4.81 2.50 -13.31
C SER A 86 5.04 3.44 -14.48
N GLN A 87 5.39 4.68 -14.16
CA GLN A 87 5.72 5.66 -15.18
C GLN A 87 7.23 5.84 -15.26
N SER A 88 7.91 5.55 -14.16
CA SER A 88 9.38 5.61 -14.14
C SER A 88 9.96 4.28 -14.57
N ASP A 89 10.74 4.29 -15.65
CA ASP A 89 11.37 3.09 -16.18
C ASP A 89 12.52 2.67 -15.27
N LYS A 90 12.98 3.61 -14.45
CA LYS A 90 14.03 3.38 -13.48
C LYS A 90 13.70 2.19 -12.60
N GLU A 91 14.53 1.16 -12.65
CA GLU A 91 14.27 -0.09 -11.94
C GLU A 91 14.41 0.06 -10.43
N ALA A 92 13.36 0.62 -9.82
CA ALA A 92 13.26 0.77 -8.37
C ALA A 92 12.04 1.60 -8.02
N GLN A 93 10.88 0.95 -7.96
CA GLN A 93 9.65 1.65 -7.60
C GLN A 93 9.33 1.43 -6.13
N THR A 94 9.66 2.39 -5.30
CA THR A 94 9.33 2.32 -3.89
C THR A 94 8.23 3.34 -3.57
N ILE A 95 7.09 2.84 -3.13
CA ILE A 95 5.96 3.69 -2.83
C ILE A 95 5.64 3.67 -1.34
N ASP A 96 5.22 4.82 -0.82
CA ASP A 96 4.90 4.96 0.60
C ASP A 96 3.39 5.07 0.79
N LEU A 97 2.82 4.05 1.42
CA LEU A 97 1.41 4.07 1.77
C LEU A 97 1.24 4.41 3.24
N TYR A 98 0.73 5.59 3.51
CA TYR A 98 0.54 6.03 4.88
C TYR A 98 -0.91 5.86 5.30
N PHE A 99 -1.14 4.91 6.21
CA PHE A 99 -2.48 4.68 6.74
C PHE A 99 -2.62 5.38 8.08
N GLU A 100 -3.48 6.38 8.11
CA GLU A 100 -3.72 7.13 9.33
C GLU A 100 -5.13 6.88 9.80
N ASP A 101 -5.43 7.20 11.04
CA ASP A 101 -6.81 7.20 11.50
C ASP A 101 -7.03 8.30 12.52
N ASN A 102 -8.26 8.78 12.59
CA ASN A 102 -8.64 9.87 13.50
C ASN A 102 -8.81 9.33 14.92
N TRP A 103 -9.08 8.04 15.02
CA TRP A 103 -9.35 7.40 16.30
C TRP A 103 -8.15 6.58 16.77
N GLY A 104 -7.60 5.79 15.86
CA GLY A 104 -6.53 4.86 16.23
C GLY A 104 -5.14 5.42 16.08
N ASN A 105 -4.39 4.89 15.11
CA ASN A 105 -2.96 5.15 15.02
C ASN A 105 -2.51 5.49 13.58
N LEU A 106 -1.20 5.41 13.37
CA LEU A 106 -0.61 5.63 12.06
C LEU A 106 0.30 4.44 11.69
N GLN A 107 0.09 3.89 10.50
CA GLN A 107 0.94 2.82 10.00
C GLN A 107 1.39 3.11 8.57
N GLN A 108 2.68 3.03 8.35
CA GLN A 108 3.24 3.26 7.02
C GLN A 108 3.75 1.95 6.42
N LEU A 109 3.41 1.72 5.16
CA LEU A 109 3.86 0.52 4.45
C LEU A 109 4.52 0.91 3.13
N THR A 110 5.80 0.60 3.00
CA THR A 110 6.53 0.86 1.77
C THR A 110 6.66 -0.40 0.93
N TYR A 111 6.22 -0.32 -0.32
CA TYR A 111 6.31 -1.45 -1.23
C TYR A 111 7.32 -1.17 -2.33
N ASP A 112 8.16 -2.16 -2.62
CA ASP A 112 9.21 -2.02 -3.63
C ASP A 112 8.88 -2.87 -4.86
N PHE A 113 9.20 -2.35 -6.03
CA PHE A 113 8.98 -3.08 -7.27
C PHE A 113 10.27 -3.19 -8.08
N ASN A 114 10.37 -4.28 -8.85
CA ASN A 114 11.46 -4.52 -9.81
C ASN A 114 12.74 -4.95 -9.10
N GLY A 115 13.31 -4.06 -8.32
CA GLY A 115 14.56 -4.36 -7.65
C GLY A 115 15.76 -3.99 -8.49
N LYS A 116 16.78 -3.41 -7.86
CA LYS A 116 17.97 -2.97 -8.57
C LYS A 116 18.90 -4.15 -8.85
N LEU A 117 18.62 -4.87 -9.95
CA LEU A 117 19.48 -5.97 -10.40
C LEU A 117 19.63 -7.03 -9.32
N GLU A 118 18.55 -7.31 -8.60
CA GLU A 118 18.56 -8.31 -7.56
C GLU A 118 17.44 -9.32 -7.79
N HIS A 119 17.70 -10.58 -7.44
CA HIS A 119 16.74 -11.66 -7.63
C HIS A 119 16.47 -11.91 -9.11
N HIS A 120 17.48 -11.70 -9.94
CA HIS A 120 17.32 -11.85 -11.37
C HIS A 120 18.26 -12.91 -11.94
N HIS A 121 17.71 -14.10 -12.16
CA HIS A 121 18.44 -15.18 -12.80
C HIS A 121 17.80 -15.51 -14.14
N HIS A 122 16.48 -15.72 -14.10
CA HIS A 122 15.68 -15.92 -15.31
C HIS A 122 16.12 -17.14 -16.11
N HIS A 123 15.51 -17.28 -17.27
CA HIS A 123 15.88 -18.28 -18.26
C HIS A 123 15.47 -17.80 -19.64
N HIS A 124 15.78 -18.57 -20.67
CA HIS A 124 15.39 -18.20 -22.03
C HIS A 124 15.44 -19.43 -22.91
N MET A 1 -19.31 -25.47 18.48
CA MET A 1 -18.93 -25.13 17.09
C MET A 1 -19.53 -23.78 16.70
N ASN A 2 -18.69 -22.90 16.15
CA ASN A 2 -19.13 -21.58 15.71
C ASN A 2 -19.52 -20.70 16.91
N GLU A 3 -19.99 -19.48 16.63
CA GLU A 3 -20.40 -18.52 17.67
C GLU A 3 -19.20 -18.03 18.48
N LEU A 4 -18.01 -18.41 18.06
CA LEU A 4 -16.79 -18.03 18.78
C LEU A 4 -16.29 -16.68 18.31
N ASP A 5 -17.19 -15.72 18.22
CA ASP A 5 -16.82 -14.35 17.91
C ASP A 5 -16.40 -13.64 19.18
N ILE A 6 -15.19 -13.94 19.62
CA ILE A 6 -14.69 -13.43 20.88
C ILE A 6 -13.25 -12.95 20.73
N GLN A 7 -12.81 -12.17 21.69
CA GLN A 7 -11.45 -11.64 21.65
C GLN A 7 -10.75 -11.87 22.99
N GLN A 8 -9.68 -12.64 22.95
CA GLN A 8 -8.79 -12.78 24.10
C GLN A 8 -7.80 -11.63 24.08
N GLU A 9 -7.10 -11.53 22.97
CA GLU A 9 -6.31 -10.37 22.62
C GLU A 9 -6.67 -9.95 21.21
N TYR A 10 -6.90 -10.96 20.38
CA TYR A 10 -7.28 -10.81 18.98
C TYR A 10 -6.21 -10.05 18.20
N PRO A 11 -5.33 -10.77 17.50
CA PRO A 11 -4.29 -10.17 16.68
C PRO A 11 -4.87 -9.55 15.40
N PHE A 12 -4.31 -8.42 15.01
CA PHE A 12 -4.73 -7.78 13.77
C PHE A 12 -3.89 -8.32 12.63
N THR A 13 -4.32 -8.09 11.40
CA THR A 13 -3.59 -8.57 10.25
C THR A 13 -3.73 -7.63 9.06
N VAL A 14 -2.61 -7.25 8.48
CA VAL A 14 -2.61 -6.53 7.22
C VAL A 14 -2.53 -7.53 6.09
N GLU A 15 -3.60 -7.63 5.32
CA GLU A 15 -3.72 -8.64 4.29
C GLU A 15 -3.49 -8.02 2.92
N SER A 16 -2.55 -8.58 2.18
CA SER A 16 -2.20 -8.09 0.87
C SER A 16 -1.60 -9.22 0.05
N MET A 17 -1.41 -8.99 -1.24
CA MET A 17 -0.85 -10.00 -2.12
C MET A 17 0.63 -9.74 -2.37
N PRO A 18 1.42 -10.81 -2.51
CA PRO A 18 2.86 -10.69 -2.80
C PRO A 18 3.10 -9.98 -4.13
N VAL A 19 3.56 -8.74 -4.05
CA VAL A 19 3.81 -7.93 -5.24
C VAL A 19 5.24 -7.39 -5.23
N ALA A 20 6.01 -7.79 -4.23
CA ALA A 20 7.35 -7.25 -4.05
C ALA A 20 8.43 -8.17 -4.58
N ASP A 21 8.73 -8.05 -5.87
CA ASP A 21 9.85 -8.74 -6.48
C ASP A 21 10.46 -7.89 -7.60
N GLU A 22 9.83 -7.90 -8.77
CA GLU A 22 10.29 -7.09 -9.89
C GLU A 22 9.11 -6.58 -10.69
N ILE A 23 9.31 -5.49 -11.42
CA ILE A 23 8.26 -4.91 -12.24
C ILE A 23 8.88 -4.27 -13.47
N ALA A 24 8.19 -4.39 -14.61
CA ALA A 24 8.67 -3.84 -15.86
C ALA A 24 8.10 -2.44 -16.09
N GLY A 25 8.53 -1.81 -17.17
CA GLY A 25 8.03 -0.48 -17.49
C GLY A 25 6.66 -0.52 -18.12
N ASP A 26 5.77 0.35 -17.64
CA ASP A 26 4.39 0.41 -18.12
C ASP A 26 3.67 -0.90 -17.82
N GLU A 27 3.83 -1.36 -16.59
CA GLU A 27 3.18 -2.57 -16.12
C GLU A 27 2.27 -2.25 -14.94
N THR A 28 1.01 -2.65 -15.07
CA THR A 28 0.04 -2.40 -14.02
C THR A 28 -0.07 -3.61 -13.09
N VAL A 29 0.32 -3.41 -11.84
CA VAL A 29 0.26 -4.47 -10.84
C VAL A 29 -0.94 -4.27 -9.93
N GLU A 30 -1.63 -5.36 -9.62
CA GLU A 30 -2.78 -5.32 -8.72
C GLU A 30 -2.32 -5.46 -7.27
N ILE A 31 -2.71 -4.50 -6.44
CA ILE A 31 -2.46 -4.59 -5.02
C ILE A 31 -3.79 -4.82 -4.29
N ARG A 32 -4.03 -6.06 -3.91
CA ARG A 32 -5.22 -6.42 -3.16
C ARG A 32 -4.98 -6.18 -1.68
N LEU A 33 -5.50 -5.09 -1.16
CA LEU A 33 -5.24 -4.71 0.22
C LEU A 33 -6.51 -4.82 1.05
N GLU A 34 -6.40 -5.48 2.20
CA GLU A 34 -7.50 -5.60 3.13
C GLU A 34 -6.95 -5.66 4.56
N ILE A 35 -7.41 -4.76 5.40
CA ILE A 35 -6.94 -4.71 6.78
C ILE A 35 -8.01 -5.22 7.73
N LYS A 36 -7.68 -6.24 8.50
CA LYS A 36 -8.59 -6.75 9.52
C LYS A 36 -8.09 -6.31 10.90
N PRO A 37 -8.77 -5.31 11.49
CA PRO A 37 -8.37 -4.72 12.76
C PRO A 37 -8.83 -5.51 13.97
N SER A 38 -8.24 -5.21 15.12
CA SER A 38 -8.55 -5.90 16.35
C SER A 38 -9.77 -5.25 17.03
N GLY A 39 -9.82 -3.93 16.98
CA GLY A 39 -10.89 -3.19 17.65
C GLY A 39 -12.21 -3.21 16.89
N ASN A 40 -12.70 -4.42 16.61
CA ASN A 40 -14.00 -4.63 15.98
C ASN A 40 -14.02 -4.18 14.51
N PHE A 41 -14.02 -2.86 14.31
CA PHE A 41 -14.20 -2.28 12.99
C PHE A 41 -14.10 -0.77 13.05
N ILE A 42 -14.56 -0.20 14.16
CA ILE A 42 -14.62 1.25 14.31
C ILE A 42 -13.25 1.86 14.60
N GLY A 43 -12.83 2.75 13.73
CA GLY A 43 -11.65 3.56 13.98
C GLY A 43 -12.04 5.00 14.20
N THR A 44 -11.10 5.92 14.13
CA THR A 44 -11.44 7.33 14.27
C THR A 44 -11.71 7.95 12.91
N VAL A 45 -10.67 8.45 12.28
CA VAL A 45 -10.76 8.99 10.94
C VAL A 45 -9.62 8.44 10.10
N TYR A 46 -9.86 7.32 9.45
CA TYR A 46 -8.83 6.62 8.71
C TYR A 46 -8.62 7.26 7.35
N THR A 47 -7.57 8.05 7.25
CA THR A 47 -7.25 8.71 6.00
C THR A 47 -5.99 8.13 5.40
N LEU A 48 -5.97 8.00 4.08
CA LEU A 48 -4.84 7.43 3.38
C LEU A 48 -4.06 8.51 2.63
N ARG A 49 -2.75 8.52 2.83
CA ARG A 49 -1.86 9.37 2.06
C ARG A 49 -0.97 8.53 1.16
N TYR A 50 -0.88 8.92 -0.09
CA TYR A 50 -0.02 8.25 -1.04
C TYR A 50 1.22 9.10 -1.29
N PHE A 51 2.39 8.52 -1.06
CA PHE A 51 3.63 9.27 -1.19
C PHE A 51 4.65 8.46 -1.99
N GLN A 52 5.41 9.13 -2.84
CA GLN A 52 6.45 8.47 -3.62
C GLN A 52 7.79 9.15 -3.42
N PRO A 53 8.61 8.63 -2.50
CA PRO A 53 9.93 9.18 -2.22
C PRO A 53 10.99 8.67 -3.19
N ASP A 54 10.59 7.79 -4.10
CA ASP A 54 11.52 7.19 -5.05
C ASP A 54 10.77 6.58 -6.23
N GLY A 55 11.16 6.97 -7.44
CA GLY A 55 10.56 6.40 -8.63
C GLY A 55 9.39 7.20 -9.12
N LYS A 56 8.77 6.73 -10.19
CA LYS A 56 7.62 7.40 -10.78
C LYS A 56 6.54 6.37 -11.12
N GLY A 57 5.30 6.65 -10.74
CA GLY A 57 4.23 5.74 -11.01
C GLY A 57 2.89 6.30 -10.59
N SER A 58 1.83 5.58 -10.92
CA SER A 58 0.48 6.02 -10.59
C SER A 58 -0.29 4.88 -9.93
N LEU A 59 -0.64 5.07 -8.66
CA LEU A 59 -1.46 4.10 -7.95
C LEU A 59 -2.92 4.53 -8.04
N LYS A 60 -3.71 3.73 -8.72
CA LYS A 60 -5.09 4.08 -8.98
C LYS A 60 -6.04 3.26 -8.14
N MET A 61 -7.01 3.93 -7.52
CA MET A 61 -8.09 3.26 -6.81
C MET A 61 -8.96 2.55 -7.84
N GLU A 62 -8.73 1.25 -8.01
CA GLU A 62 -9.32 0.49 -9.10
C GLU A 62 -9.02 1.17 -10.42
N ASP A 63 -10.01 1.86 -10.96
CA ASP A 63 -9.85 2.59 -12.21
C ASP A 63 -10.64 3.89 -12.13
N GLY A 64 -10.93 4.30 -10.90
CA GLY A 64 -11.76 5.48 -10.70
C GLY A 64 -10.97 6.72 -10.32
N THR A 65 -10.04 6.57 -9.38
CA THR A 65 -9.31 7.72 -8.87
C THR A 65 -7.82 7.42 -8.70
N VAL A 66 -6.98 8.19 -9.37
CA VAL A 66 -5.54 8.06 -9.22
C VAL A 66 -5.07 8.84 -8.00
N LEU A 67 -4.36 8.17 -7.10
CA LEU A 67 -3.90 8.80 -5.87
C LEU A 67 -2.74 9.76 -6.14
N LYS A 68 -2.76 10.89 -5.44
CA LYS A 68 -1.75 11.91 -5.60
C LYS A 68 -0.87 11.99 -4.37
N PRO A 69 0.38 12.47 -4.53
CA PRO A 69 1.32 12.64 -3.43
C PRO A 69 0.76 13.48 -2.28
N ASN A 70 0.63 12.86 -1.12
CA ASN A 70 0.17 13.51 0.11
C ASN A 70 -1.28 13.98 0.01
N ASP A 71 -2.03 13.41 -0.93
CA ASP A 71 -3.44 13.71 -1.04
C ASP A 71 -4.23 12.69 -0.22
N ARG A 72 -5.12 13.18 0.64
CA ARG A 72 -5.81 12.31 1.58
C ARG A 72 -7.21 11.95 1.12
N TYR A 73 -7.52 10.67 1.21
CA TYR A 73 -8.88 10.20 0.99
C TYR A 73 -9.37 9.46 2.23
N LEU A 74 -10.60 9.74 2.63
CA LEU A 74 -11.19 9.14 3.81
C LEU A 74 -11.70 7.74 3.49
N LEU A 75 -11.19 6.75 4.20
CA LEU A 75 -11.57 5.37 3.97
C LEU A 75 -12.14 4.75 5.24
N ASN A 76 -13.46 4.64 5.29
CA ASN A 76 -14.14 3.93 6.37
C ASN A 76 -14.21 2.46 6.04
N GLU A 77 -13.64 2.12 4.89
CA GLU A 77 -13.57 0.76 4.42
C GLU A 77 -12.15 0.24 4.61
N TRP A 78 -12.02 -0.95 5.17
CA TRP A 78 -10.72 -1.54 5.44
C TRP A 78 -10.30 -2.46 4.31
N LYS A 79 -11.03 -2.41 3.20
CA LYS A 79 -10.79 -3.29 2.07
C LYS A 79 -10.87 -2.51 0.78
N PHE A 80 -9.85 -2.64 -0.07
CA PHE A 80 -9.87 -1.97 -1.36
C PHE A 80 -8.88 -2.59 -2.35
N ARG A 81 -9.15 -2.44 -3.63
CA ARG A 81 -8.27 -2.93 -4.67
C ARG A 81 -7.59 -1.77 -5.37
N LEU A 82 -6.27 -1.84 -5.48
CA LEU A 82 -5.50 -0.77 -6.10
C LEU A 82 -4.71 -1.29 -7.29
N TYR A 83 -4.64 -0.50 -8.34
CA TYR A 83 -3.82 -0.83 -9.51
C TYR A 83 -2.67 0.16 -9.63
N TYR A 84 -1.45 -0.35 -9.57
CA TYR A 84 -0.27 0.50 -9.69
C TYR A 84 0.38 0.32 -11.05
N THR A 85 0.31 1.34 -11.87
CA THR A 85 0.98 1.32 -13.15
C THR A 85 2.37 1.94 -13.03
N SER A 86 3.38 1.19 -13.41
CA SER A 86 4.74 1.68 -13.38
C SER A 86 4.99 2.68 -14.48
N GLN A 87 5.39 3.89 -14.10
CA GLN A 87 5.70 4.92 -15.07
C GLN A 87 7.21 5.07 -15.20
N SER A 88 7.92 4.19 -14.52
CA SER A 88 9.36 4.08 -14.68
C SER A 88 9.68 2.83 -15.50
N ASP A 89 10.60 2.96 -16.44
CA ASP A 89 10.86 1.89 -17.40
C ASP A 89 11.96 0.95 -16.92
N LYS A 90 12.91 1.47 -16.14
CA LYS A 90 14.02 0.66 -15.67
C LYS A 90 14.47 1.08 -14.27
N GLU A 91 13.76 2.02 -13.68
CA GLU A 91 14.17 2.59 -12.41
C GLU A 91 13.26 2.11 -11.29
N ALA A 92 13.81 2.03 -10.08
CA ALA A 92 13.08 1.54 -8.92
C ALA A 92 11.91 2.44 -8.57
N GLN A 93 10.89 1.85 -7.97
CA GLN A 93 9.68 2.58 -7.61
C GLN A 93 9.27 2.25 -6.18
N THR A 94 9.58 3.16 -5.27
CA THR A 94 9.27 2.96 -3.87
C THR A 94 8.09 3.84 -3.46
N ILE A 95 6.97 3.23 -3.12
CA ILE A 95 5.78 3.99 -2.77
C ILE A 95 5.39 3.75 -1.30
N ASP A 96 4.94 4.79 -0.63
CA ASP A 96 4.53 4.70 0.76
C ASP A 96 3.04 4.95 0.91
N LEU A 97 2.36 4.05 1.59
CA LEU A 97 0.95 4.22 1.90
C LEU A 97 0.79 4.53 3.38
N TYR A 98 0.41 5.76 3.68
CA TYR A 98 0.24 6.18 5.06
C TYR A 98 -1.21 6.09 5.49
N PHE A 99 -1.50 5.13 6.36
CA PHE A 99 -2.81 5.01 6.96
C PHE A 99 -2.77 5.64 8.35
N GLU A 100 -3.53 6.71 8.53
CA GLU A 100 -3.44 7.48 9.76
C GLU A 100 -4.80 7.64 10.43
N ASP A 101 -4.83 7.36 11.72
CA ASP A 101 -6.00 7.64 12.56
C ASP A 101 -5.84 9.00 13.21
N ASN A 102 -6.96 9.65 13.51
CA ASN A 102 -6.93 10.88 14.29
C ASN A 102 -6.56 10.55 15.73
N TRP A 103 -6.78 9.29 16.11
CA TRP A 103 -6.39 8.78 17.41
C TRP A 103 -4.89 8.88 17.61
N GLY A 104 -4.15 8.75 16.51
CA GLY A 104 -2.70 8.76 16.58
C GLY A 104 -2.08 7.47 16.05
N ASN A 105 -2.86 6.71 15.30
CA ASN A 105 -2.38 5.46 14.71
C ASN A 105 -1.73 5.74 13.37
N LEU A 106 -0.43 5.48 13.27
CA LEU A 106 0.29 5.64 12.03
C LEU A 106 0.72 4.28 11.50
N GLN A 107 0.17 3.91 10.35
CA GLN A 107 0.56 2.68 9.67
C GLN A 107 1.11 3.02 8.29
N GLN A 108 2.39 2.79 8.09
CA GLN A 108 3.03 3.14 6.84
C GLN A 108 3.47 1.88 6.10
N LEU A 109 2.82 1.61 4.98
CA LEU A 109 3.16 0.47 4.17
C LEU A 109 4.06 0.89 3.03
N THR A 110 5.32 0.50 3.10
CA THR A 110 6.28 0.81 2.06
C THR A 110 6.34 -0.31 1.03
N TYR A 111 5.89 -0.02 -0.18
CA TYR A 111 5.94 -0.99 -1.26
C TYR A 111 7.02 -0.59 -2.27
N ASP A 112 8.11 -1.32 -2.27
CA ASP A 112 9.20 -1.05 -3.20
C ASP A 112 9.15 -2.01 -4.38
N PHE A 113 8.92 -1.45 -5.55
CA PHE A 113 8.84 -2.21 -6.78
C PHE A 113 10.08 -1.99 -7.62
N ASN A 114 10.48 -3.03 -8.34
CA ASN A 114 11.66 -2.99 -9.22
C ASN A 114 12.94 -2.91 -8.40
N GLY A 115 13.68 -4.02 -8.41
CA GLY A 115 14.96 -4.03 -7.76
C GLY A 115 16.05 -3.63 -8.71
N LYS A 116 15.92 -4.10 -9.95
CA LYS A 116 16.87 -3.79 -11.01
C LYS A 116 16.48 -4.50 -12.32
N LEU A 117 15.78 -5.64 -12.18
CA LEU A 117 15.41 -6.50 -13.30
C LEU A 117 16.60 -7.33 -13.78
N GLU A 118 16.32 -8.51 -14.28
CA GLU A 118 17.36 -9.40 -14.78
C GLU A 118 17.51 -9.21 -16.29
N HIS A 119 18.72 -9.41 -16.78
CA HIS A 119 19.01 -9.26 -18.20
C HIS A 119 18.38 -10.42 -18.97
N HIS A 120 18.60 -11.62 -18.47
CA HIS A 120 18.00 -12.83 -19.03
C HIS A 120 17.90 -13.89 -17.93
N HIS A 121 16.69 -14.33 -17.63
CA HIS A 121 16.49 -15.24 -16.52
C HIS A 121 15.92 -16.57 -16.98
N HIS A 122 16.81 -17.51 -17.28
CA HIS A 122 16.43 -18.87 -17.62
C HIS A 122 16.99 -19.83 -16.57
N HIS A 123 17.22 -19.28 -15.38
CA HIS A 123 17.74 -20.05 -14.26
C HIS A 123 16.78 -19.92 -13.07
N HIS A 124 16.36 -21.04 -12.52
CA HIS A 124 15.44 -21.03 -11.40
C HIS A 124 16.19 -21.31 -10.11
N MET A 1 16.02 -21.82 15.62
CA MET A 1 15.93 -20.64 14.73
C MET A 1 14.51 -20.51 14.19
N ASN A 2 14.20 -19.35 13.62
CA ASN A 2 12.85 -19.06 13.13
C ASN A 2 11.86 -19.13 14.29
N GLU A 3 11.75 -18.04 15.02
CA GLU A 3 10.98 -18.03 16.24
C GLU A 3 9.51 -17.74 15.95
N LEU A 4 8.64 -18.35 16.73
CA LEU A 4 7.21 -18.23 16.51
C LEU A 4 6.62 -17.05 17.28
N ASP A 5 6.55 -15.91 16.63
CA ASP A 5 5.90 -14.74 17.20
C ASP A 5 4.46 -14.70 16.72
N ILE A 6 3.64 -15.60 17.25
CA ILE A 6 2.26 -15.71 16.85
C ILE A 6 1.31 -15.29 17.95
N GLN A 7 0.66 -14.15 17.76
CA GLN A 7 -0.35 -13.67 18.70
C GLN A 7 -1.59 -14.55 18.60
N GLN A 8 -1.97 -15.14 19.73
CA GLN A 8 -3.07 -16.09 19.79
C GLN A 8 -4.35 -15.50 19.19
N GLU A 9 -4.66 -14.28 19.58
CA GLU A 9 -5.83 -13.59 19.07
C GLU A 9 -5.41 -12.34 18.32
N TYR A 10 -5.71 -12.29 17.03
CA TYR A 10 -5.41 -11.10 16.25
C TYR A 10 -6.68 -10.30 16.00
N PRO A 11 -6.83 -9.16 16.69
CA PRO A 11 -8.01 -8.31 16.58
C PRO A 11 -7.85 -7.24 15.50
N PHE A 12 -6.67 -7.19 14.91
CA PHE A 12 -6.39 -6.24 13.84
C PHE A 12 -5.47 -6.90 12.83
N THR A 13 -6.05 -7.32 11.72
CA THR A 13 -5.31 -8.07 10.71
C THR A 13 -4.94 -7.18 9.53
N VAL A 14 -3.70 -7.28 9.08
CA VAL A 14 -3.24 -6.58 7.89
C VAL A 14 -2.63 -7.59 6.92
N GLU A 15 -3.35 -7.91 5.86
CA GLU A 15 -2.87 -8.88 4.89
C GLU A 15 -2.68 -8.23 3.54
N SER A 16 -1.72 -8.72 2.77
CA SER A 16 -1.41 -8.17 1.48
C SER A 16 -1.07 -9.30 0.50
N MET A 17 -1.50 -9.16 -0.73
CA MET A 17 -1.15 -10.12 -1.77
C MET A 17 0.30 -9.91 -2.20
N PRO A 18 1.06 -10.99 -2.42
CA PRO A 18 2.46 -10.91 -2.81
C PRO A 18 2.65 -10.20 -4.14
N VAL A 19 3.14 -8.96 -4.08
CA VAL A 19 3.36 -8.16 -5.28
C VAL A 19 4.67 -8.58 -5.94
N ALA A 20 4.84 -8.18 -7.19
CA ALA A 20 6.02 -8.56 -7.97
C ALA A 20 7.28 -7.94 -7.39
N ASP A 21 8.30 -8.79 -7.18
CA ASP A 21 9.61 -8.34 -6.74
C ASP A 21 10.17 -7.31 -7.71
N GLU A 22 10.09 -7.62 -9.00
CA GLU A 22 10.53 -6.70 -10.03
C GLU A 22 9.38 -6.37 -10.98
N ILE A 23 9.25 -5.10 -11.28
CA ILE A 23 8.19 -4.62 -12.15
C ILE A 23 8.81 -3.99 -13.40
N ALA A 24 8.11 -4.13 -14.52
CA ALA A 24 8.58 -3.54 -15.76
C ALA A 24 7.92 -2.18 -15.98
N GLY A 25 8.43 -1.42 -16.93
CA GLY A 25 7.82 -0.15 -17.29
C GLY A 25 6.56 -0.36 -18.09
N ASP A 26 5.58 0.55 -17.96
CA ASP A 26 4.30 0.44 -18.65
C ASP A 26 3.52 -0.76 -18.15
N GLU A 27 3.81 -1.16 -16.92
CA GLU A 27 3.20 -2.34 -16.35
C GLU A 27 2.31 -1.94 -15.17
N THR A 28 1.17 -2.59 -15.05
CA THR A 28 0.24 -2.30 -13.99
C THR A 28 0.05 -3.51 -13.10
N VAL A 29 0.32 -3.35 -11.82
CA VAL A 29 0.11 -4.40 -10.85
C VAL A 29 -1.01 -4.02 -9.90
N GLU A 30 -1.84 -4.99 -9.54
CA GLU A 30 -2.93 -4.73 -8.62
C GLU A 30 -2.51 -5.08 -7.20
N ILE A 31 -2.54 -4.08 -6.34
CA ILE A 31 -2.21 -4.28 -4.94
C ILE A 31 -3.50 -4.50 -4.15
N ARG A 32 -3.77 -5.74 -3.81
CA ARG A 32 -4.92 -6.06 -3.00
C ARG A 32 -4.54 -6.04 -1.53
N LEU A 33 -4.99 -5.02 -0.84
CA LEU A 33 -4.66 -4.84 0.56
C LEU A 33 -5.91 -5.08 1.39
N GLU A 34 -5.79 -5.93 2.41
CA GLU A 34 -6.93 -6.28 3.23
C GLU A 34 -6.66 -5.99 4.70
N ILE A 35 -7.36 -5.01 5.23
CA ILE A 35 -7.32 -4.75 6.66
C ILE A 35 -8.54 -5.34 7.32
N LYS A 36 -8.33 -6.23 8.27
CA LYS A 36 -9.42 -6.91 8.95
C LYS A 36 -9.38 -6.58 10.43
N PRO A 37 -10.00 -5.46 10.82
CA PRO A 37 -10.04 -5.02 12.22
C PRO A 37 -11.31 -5.48 12.94
N SER A 38 -11.26 -5.47 14.26
CA SER A 38 -12.43 -5.78 15.07
C SER A 38 -13.30 -4.56 15.21
N GLY A 39 -12.69 -3.39 15.12
CA GLY A 39 -13.42 -2.14 15.17
C GLY A 39 -14.09 -1.82 13.86
N ASN A 40 -15.03 -2.67 13.47
CA ASN A 40 -15.76 -2.49 12.22
C ASN A 40 -16.74 -1.33 12.35
N PHE A 41 -17.04 -0.95 13.59
CA PHE A 41 -17.82 0.24 13.87
C PHE A 41 -16.89 1.44 13.79
N ILE A 42 -16.89 2.13 12.66
CA ILE A 42 -15.90 3.17 12.41
C ILE A 42 -16.34 4.51 12.97
N GLY A 43 -15.50 5.06 13.81
CA GLY A 43 -15.67 6.40 14.32
C GLY A 43 -14.36 7.14 14.24
N THR A 44 -13.82 7.20 13.04
CA THR A 44 -12.48 7.74 12.83
C THR A 44 -12.35 8.24 11.39
N VAL A 45 -11.48 9.22 11.18
CA VAL A 45 -11.23 9.74 9.83
C VAL A 45 -9.99 9.06 9.26
N TYR A 46 -10.21 7.88 8.68
CA TYR A 46 -9.11 7.09 8.15
C TYR A 46 -8.60 7.73 6.86
N THR A 47 -7.43 8.35 6.97
CA THR A 47 -6.86 9.13 5.88
C THR A 47 -5.87 8.30 5.07
N LEU A 48 -6.00 8.36 3.75
CA LEU A 48 -5.12 7.62 2.87
C LEU A 48 -4.29 8.56 1.99
N ARG A 49 -2.98 8.33 1.99
CA ARG A 49 -2.08 9.03 1.09
C ARG A 49 -0.90 8.14 0.77
N TYR A 50 -0.26 8.36 -0.36
CA TYR A 50 0.98 7.68 -0.66
C TYR A 50 2.02 8.66 -1.15
N PHE A 51 3.28 8.37 -0.85
CA PHE A 51 4.37 9.23 -1.27
C PHE A 51 5.44 8.40 -1.94
N GLN A 52 6.04 8.92 -3.00
CA GLN A 52 7.07 8.19 -3.72
C GLN A 52 8.40 8.93 -3.63
N PRO A 53 9.33 8.42 -2.79
CA PRO A 53 10.67 8.99 -2.66
C PRO A 53 11.46 8.88 -3.96
N ASP A 54 11.28 7.78 -4.67
CA ASP A 54 11.96 7.56 -5.94
C ASP A 54 11.12 6.64 -6.83
N GLY A 55 10.87 7.10 -8.04
CA GLY A 55 10.05 6.35 -8.98
C GLY A 55 8.85 7.15 -9.43
N LYS A 56 8.21 6.74 -10.51
CA LYS A 56 7.05 7.46 -11.00
C LYS A 56 5.95 6.52 -11.45
N GLY A 57 4.74 6.80 -11.01
CA GLY A 57 3.59 6.03 -11.41
C GLY A 57 2.32 6.72 -11.00
N SER A 58 1.21 6.01 -11.02
CA SER A 58 -0.04 6.54 -10.53
C SER A 58 -0.91 5.44 -9.94
N LEU A 59 -1.41 5.68 -8.75
CA LEU A 59 -2.23 4.70 -8.05
C LEU A 59 -3.70 5.04 -8.20
N LYS A 60 -4.48 4.10 -8.71
CA LYS A 60 -5.91 4.30 -8.90
C LYS A 60 -6.70 3.22 -8.18
N MET A 61 -8.00 3.44 -8.04
CA MET A 61 -8.89 2.46 -7.42
C MET A 61 -9.80 1.83 -8.46
N GLU A 62 -10.82 1.11 -7.99
CA GLU A 62 -11.76 0.44 -8.90
C GLU A 62 -12.73 1.45 -9.50
N ASP A 63 -12.79 2.64 -8.91
CA ASP A 63 -13.60 3.73 -9.44
C ASP A 63 -12.73 4.75 -10.13
N GLY A 64 -11.53 4.33 -10.50
CA GLY A 64 -10.56 5.25 -11.04
C GLY A 64 -9.98 6.12 -9.94
N THR A 65 -10.21 7.42 -10.03
CA THR A 65 -9.79 8.36 -9.00
C THR A 65 -8.28 8.32 -8.79
N VAL A 66 -7.57 9.16 -9.51
CA VAL A 66 -6.12 9.21 -9.42
C VAL A 66 -5.70 9.76 -8.07
N LEU A 67 -5.13 8.89 -7.24
CA LEU A 67 -4.62 9.30 -5.96
C LEU A 67 -3.32 10.06 -6.17
N LYS A 68 -3.10 11.12 -5.40
CA LYS A 68 -1.94 11.95 -5.60
C LYS A 68 -0.98 11.84 -4.42
N PRO A 69 0.33 11.99 -4.68
CA PRO A 69 1.36 11.93 -3.63
C PRO A 69 1.12 12.93 -2.50
N ASN A 70 1.08 12.42 -1.26
CA ASN A 70 0.90 13.23 -0.05
C ASN A 70 -0.53 13.76 0.09
N ASP A 71 -1.30 13.64 -0.98
CA ASP A 71 -2.67 14.12 -1.01
C ASP A 71 -3.57 13.25 -0.15
N ARG A 72 -4.47 13.87 0.58
CA ARG A 72 -5.29 13.18 1.56
C ARG A 72 -6.64 12.77 1.00
N TYR A 73 -6.83 11.47 0.82
CA TYR A 73 -8.11 10.91 0.46
C TYR A 73 -8.72 10.19 1.65
N LEU A 74 -10.03 10.02 1.62
CA LEU A 74 -10.72 9.27 2.66
C LEU A 74 -10.93 7.84 2.18
N LEU A 75 -10.52 6.86 2.98
CA LEU A 75 -10.66 5.46 2.61
C LEU A 75 -12.08 4.99 2.87
N ASN A 76 -12.62 4.20 1.95
CA ASN A 76 -14.00 3.74 2.05
C ASN A 76 -14.08 2.45 2.85
N GLU A 77 -13.41 1.41 2.36
CA GLU A 77 -13.42 0.11 3.01
C GLU A 77 -12.02 -0.31 3.41
N TRP A 78 -11.94 -1.27 4.33
CA TRP A 78 -10.67 -1.74 4.86
C TRP A 78 -10.10 -2.83 3.97
N LYS A 79 -10.98 -3.52 3.26
CA LYS A 79 -10.57 -4.47 2.24
C LYS A 79 -10.73 -3.81 0.89
N PHE A 80 -9.67 -3.74 0.09
CA PHE A 80 -9.72 -3.00 -1.17
C PHE A 80 -8.66 -3.44 -2.17
N ARG A 81 -8.74 -2.84 -3.35
CA ARG A 81 -7.86 -3.17 -4.46
C ARG A 81 -7.33 -1.88 -5.09
N LEU A 82 -6.03 -1.84 -5.37
CA LEU A 82 -5.42 -0.65 -5.93
C LEU A 82 -4.66 -0.98 -7.21
N TYR A 83 -4.77 -0.10 -8.20
CA TYR A 83 -4.06 -0.25 -9.46
C TYR A 83 -2.83 0.63 -9.50
N TYR A 84 -1.65 0.02 -9.47
CA TYR A 84 -0.41 0.78 -9.55
C TYR A 84 0.24 0.57 -10.92
N THR A 85 0.37 1.66 -11.67
CA THR A 85 0.98 1.60 -12.99
C THR A 85 2.33 2.31 -12.97
N SER A 86 3.34 1.65 -13.54
CA SER A 86 4.67 2.22 -13.65
C SER A 86 4.76 3.15 -14.86
N GLN A 87 5.22 4.37 -14.64
CA GLN A 87 5.34 5.34 -15.70
C GLN A 87 6.79 5.71 -15.96
N SER A 88 7.63 5.53 -14.94
CA SER A 88 9.06 5.73 -15.07
C SER A 88 9.80 4.86 -14.08
N ASP A 89 10.34 3.75 -14.57
CA ASP A 89 11.09 2.83 -13.74
C ASP A 89 12.57 3.15 -13.80
N LYS A 90 13.20 3.22 -12.63
CA LYS A 90 14.61 3.50 -12.54
C LYS A 90 15.33 2.26 -12.02
N GLU A 91 14.78 1.10 -12.36
CA GLU A 91 15.21 -0.18 -11.81
C GLU A 91 14.94 -0.19 -10.30
N ALA A 92 13.98 0.64 -9.89
CA ALA A 92 13.60 0.81 -8.50
C ALA A 92 12.45 1.79 -8.38
N GLN A 93 11.38 1.36 -7.72
CA GLN A 93 10.23 2.21 -7.44
C GLN A 93 9.78 2.02 -6.01
N THR A 94 9.89 3.06 -5.21
CA THR A 94 9.48 3.00 -3.82
C THR A 94 8.20 3.79 -3.59
N ILE A 95 7.16 3.12 -3.12
CA ILE A 95 5.91 3.78 -2.79
C ILE A 95 5.58 3.59 -1.31
N ASP A 96 5.32 4.69 -0.64
CA ASP A 96 5.01 4.68 0.78
C ASP A 96 3.53 4.95 1.01
N LEU A 97 2.80 3.93 1.42
CA LEU A 97 1.39 4.07 1.74
C LEU A 97 1.23 4.49 3.19
N TYR A 98 0.69 5.68 3.40
CA TYR A 98 0.50 6.19 4.75
C TYR A 98 -0.98 6.19 5.13
N PHE A 99 -1.32 5.36 6.10
CA PHE A 99 -2.68 5.30 6.63
C PHE A 99 -2.75 6.01 7.96
N GLU A 100 -3.57 7.04 8.04
CA GLU A 100 -3.75 7.78 9.28
C GLU A 100 -5.08 7.45 9.93
N ASP A 101 -5.04 7.10 11.21
CA ASP A 101 -6.24 6.84 11.98
C ASP A 101 -6.34 7.81 13.15
N ASN A 102 -7.56 8.28 13.42
CA ASN A 102 -7.79 9.29 14.44
C ASN A 102 -7.80 8.71 15.84
N TRP A 103 -7.93 7.39 15.97
CA TRP A 103 -7.88 6.75 17.28
C TRP A 103 -6.46 6.78 17.82
N GLY A 104 -5.50 6.95 16.94
CA GLY A 104 -4.11 7.09 17.35
C GLY A 104 -3.21 6.04 16.75
N ASN A 105 -3.59 5.53 15.58
CA ASN A 105 -2.79 4.52 14.90
C ASN A 105 -2.20 5.07 13.61
N LEU A 106 -0.97 4.67 13.31
CA LEU A 106 -0.30 5.09 12.10
C LEU A 106 0.24 3.87 11.36
N GLN A 107 -0.16 3.70 10.12
CA GLN A 107 0.26 2.54 9.35
C GLN A 107 1.00 2.98 8.11
N GLN A 108 2.28 2.70 8.06
CA GLN A 108 3.11 3.04 6.92
C GLN A 108 3.59 1.78 6.21
N LEU A 109 3.06 1.57 5.01
CA LEU A 109 3.42 0.40 4.22
C LEU A 109 4.24 0.83 3.01
N THR A 110 5.51 0.53 3.01
CA THR A 110 6.38 0.90 1.91
C THR A 110 6.61 -0.31 1.01
N TYR A 111 6.37 -0.13 -0.28
CA TYR A 111 6.55 -1.19 -1.24
C TYR A 111 7.67 -0.86 -2.20
N ASP A 112 8.70 -1.72 -2.18
CA ASP A 112 9.85 -1.54 -3.04
C ASP A 112 9.74 -2.43 -4.26
N PHE A 113 9.57 -1.83 -5.43
CA PHE A 113 9.43 -2.59 -6.66
C PHE A 113 10.69 -2.50 -7.50
N ASN A 114 11.12 -3.66 -8.00
CA ASN A 114 12.21 -3.77 -8.97
C ASN A 114 13.58 -3.49 -8.35
N GLY A 115 13.60 -2.77 -7.24
CA GLY A 115 14.85 -2.48 -6.56
C GLY A 115 15.42 -3.72 -5.89
N LYS A 116 16.63 -4.09 -6.26
CA LYS A 116 17.27 -5.26 -5.70
C LYS A 116 18.77 -5.07 -5.63
N LEU A 117 19.38 -5.57 -4.56
CA LEU A 117 20.83 -5.52 -4.42
C LEU A 117 21.50 -6.38 -5.49
N GLU A 118 22.73 -6.05 -5.80
CA GLU A 118 23.46 -6.75 -6.85
C GLU A 118 24.68 -7.44 -6.27
N HIS A 119 25.37 -8.18 -7.11
CA HIS A 119 26.71 -8.66 -6.79
C HIS A 119 27.71 -7.91 -7.64
N HIS A 120 27.21 -6.84 -8.27
CA HIS A 120 28.00 -5.99 -9.15
C HIS A 120 29.05 -5.21 -8.37
N HIS A 121 28.60 -4.16 -7.67
CA HIS A 121 29.52 -3.35 -6.87
C HIS A 121 29.36 -3.69 -5.40
N HIS A 122 28.88 -4.89 -5.15
CA HIS A 122 28.65 -5.36 -3.80
C HIS A 122 29.57 -6.54 -3.49
N HIS A 123 30.87 -6.30 -3.58
CA HIS A 123 31.85 -7.27 -3.14
C HIS A 123 32.43 -6.83 -1.80
N HIS A 124 32.01 -5.65 -1.38
CA HIS A 124 32.34 -5.13 -0.06
C HIS A 124 31.08 -5.02 0.78
N MET A 1 -27.00 -13.67 2.24
CA MET A 1 -26.02 -13.28 3.29
C MET A 1 -24.60 -13.33 2.73
N ASN A 2 -23.89 -12.22 2.87
CA ASN A 2 -22.51 -12.15 2.40
C ASN A 2 -21.60 -11.69 3.53
N GLU A 3 -22.19 -11.46 4.69
CA GLU A 3 -21.46 -11.03 5.87
C GLU A 3 -20.70 -12.23 6.45
N LEU A 4 -21.46 -13.18 6.98
CA LEU A 4 -20.92 -14.45 7.47
C LEU A 4 -19.92 -14.24 8.60
N ASP A 5 -20.06 -13.14 9.32
CA ASP A 5 -19.20 -12.85 10.46
C ASP A 5 -19.69 -13.60 11.69
N ILE A 6 -19.35 -14.89 11.74
CA ILE A 6 -19.77 -15.75 12.84
C ILE A 6 -18.78 -15.64 13.98
N GLN A 7 -17.52 -15.42 13.63
CA GLN A 7 -16.47 -15.22 14.62
C GLN A 7 -16.80 -14.03 15.51
N GLN A 8 -16.76 -14.24 16.81
CA GLN A 8 -17.16 -13.23 17.77
C GLN A 8 -16.07 -12.18 17.97
N GLU A 9 -14.83 -12.60 17.77
CA GLU A 9 -13.70 -11.70 17.87
C GLU A 9 -13.43 -11.02 16.55
N TYR A 10 -13.14 -9.73 16.59
CA TYR A 10 -12.77 -9.00 15.39
C TYR A 10 -11.60 -8.09 15.70
N PRO A 11 -10.38 -8.62 15.60
CA PRO A 11 -9.16 -7.90 15.94
C PRO A 11 -8.51 -7.21 14.75
N PHE A 12 -7.22 -6.92 14.89
CA PHE A 12 -6.46 -6.28 13.82
C PHE A 12 -5.89 -7.34 12.88
N THR A 13 -6.05 -7.13 11.58
CA THR A 13 -5.52 -8.06 10.59
C THR A 13 -5.14 -7.32 9.31
N VAL A 14 -3.95 -7.63 8.80
CA VAL A 14 -3.49 -7.08 7.53
C VAL A 14 -3.28 -8.21 6.53
N GLU A 15 -4.16 -8.27 5.54
CA GLU A 15 -4.08 -9.26 4.48
C GLU A 15 -3.57 -8.59 3.22
N SER A 16 -2.59 -9.21 2.58
CA SER A 16 -1.98 -8.62 1.41
C SER A 16 -1.53 -9.71 0.44
N MET A 17 -1.85 -9.51 -0.83
CA MET A 17 -1.45 -10.43 -1.88
C MET A 17 -0.05 -10.07 -2.36
N PRO A 18 0.89 -11.03 -2.31
CA PRO A 18 2.29 -10.82 -2.72
C PRO A 18 2.43 -10.31 -4.15
N VAL A 19 2.76 -9.03 -4.28
CA VAL A 19 2.89 -8.41 -5.58
C VAL A 19 4.27 -8.64 -6.18
N ALA A 20 4.40 -8.41 -7.48
CA ALA A 20 5.67 -8.57 -8.16
C ALA A 20 6.55 -7.34 -7.95
N ASP A 21 7.74 -7.55 -7.41
CA ASP A 21 8.66 -6.45 -7.13
C ASP A 21 9.30 -5.94 -8.41
N GLU A 22 9.47 -6.82 -9.38
CA GLU A 22 10.06 -6.42 -10.65
C GLU A 22 8.97 -6.07 -11.66
N ILE A 23 8.58 -4.81 -11.66
CA ILE A 23 7.57 -4.32 -12.59
C ILE A 23 8.24 -3.46 -13.66
N ALA A 24 7.74 -3.55 -14.89
CA ALA A 24 8.35 -2.85 -16.01
C ALA A 24 7.58 -1.58 -16.35
N GLY A 25 8.03 -0.88 -17.38
CA GLY A 25 7.34 0.30 -17.84
C GLY A 25 6.04 -0.05 -18.55
N ASP A 26 5.12 0.91 -18.61
CA ASP A 26 3.79 0.75 -19.22
C ASP A 26 3.11 -0.55 -18.80
N GLU A 27 3.35 -0.93 -17.54
CA GLU A 27 2.79 -2.16 -16.98
C GLU A 27 2.03 -1.85 -15.68
N THR A 28 0.94 -2.57 -15.44
CA THR A 28 0.12 -2.35 -14.26
C THR A 28 -0.02 -3.63 -13.43
N VAL A 29 0.18 -3.50 -12.13
CA VAL A 29 -0.02 -4.61 -11.20
C VAL A 29 -1.16 -4.29 -10.23
N GLU A 30 -1.80 -5.32 -9.71
CA GLU A 30 -2.90 -5.13 -8.77
C GLU A 30 -2.50 -5.56 -7.35
N ILE A 31 -2.60 -4.62 -6.43
CA ILE A 31 -2.30 -4.88 -5.03
C ILE A 31 -3.57 -5.22 -4.28
N ARG A 32 -3.79 -6.51 -4.06
CA ARG A 32 -4.96 -6.97 -3.31
C ARG A 32 -4.71 -6.79 -1.82
N LEU A 33 -5.52 -5.96 -1.18
CA LEU A 33 -5.27 -5.59 0.21
C LEU A 33 -6.55 -5.66 1.05
N GLU A 34 -6.42 -6.24 2.24
CA GLU A 34 -7.47 -6.22 3.24
C GLU A 34 -6.92 -5.78 4.58
N ILE A 35 -7.31 -4.60 5.03
CA ILE A 35 -6.91 -4.15 6.34
C ILE A 35 -8.11 -4.09 7.25
N LYS A 36 -8.12 -4.92 8.27
CA LYS A 36 -9.21 -4.96 9.22
C LYS A 36 -8.75 -4.43 10.57
N PRO A 37 -8.90 -3.10 10.79
CA PRO A 37 -8.44 -2.44 12.00
C PRO A 37 -9.54 -2.34 13.03
N SER A 38 -10.30 -3.42 13.20
CA SER A 38 -11.47 -3.45 14.05
C SER A 38 -12.54 -2.52 13.49
N GLY A 39 -13.25 -3.00 12.48
CA GLY A 39 -14.25 -2.19 11.79
C GLY A 39 -15.54 -2.05 12.57
N ASN A 40 -15.55 -2.57 13.79
CA ASN A 40 -16.72 -2.44 14.65
C ASN A 40 -16.67 -1.13 15.42
N PHE A 41 -15.52 -0.45 15.35
CA PHE A 41 -15.33 0.81 16.03
C PHE A 41 -14.80 1.85 15.05
N ILE A 42 -15.34 3.06 15.14
CA ILE A 42 -14.88 4.16 14.30
C ILE A 42 -13.90 5.03 15.07
N GLY A 43 -12.62 4.88 14.76
CA GLY A 43 -11.58 5.62 15.44
C GLY A 43 -11.72 7.12 15.30
N THR A 44 -11.50 7.63 14.11
CA THR A 44 -11.59 9.07 13.87
C THR A 44 -12.18 9.37 12.49
N VAL A 45 -11.43 9.08 11.44
CA VAL A 45 -11.86 9.43 10.09
C VAL A 45 -11.28 8.48 9.05
N TYR A 46 -10.12 7.87 9.38
CA TYR A 46 -9.43 6.95 8.49
C TYR A 46 -8.96 7.66 7.20
N THR A 47 -7.72 8.11 7.22
CA THR A 47 -7.14 8.83 6.11
C THR A 47 -6.00 8.03 5.48
N LEU A 48 -5.91 8.09 4.16
CA LEU A 48 -4.81 7.47 3.44
C LEU A 48 -3.95 8.55 2.82
N ARG A 49 -2.71 8.63 3.27
CA ARG A 49 -1.78 9.63 2.76
C ARG A 49 -0.73 8.94 1.89
N TYR A 50 -0.61 9.39 0.66
CA TYR A 50 0.26 8.73 -0.31
C TYR A 50 1.51 9.56 -0.57
N PHE A 51 2.64 8.89 -0.69
CA PHE A 51 3.91 9.56 -0.98
C PHE A 51 4.73 8.71 -1.96
N GLN A 52 5.51 9.39 -2.80
CA GLN A 52 6.31 8.70 -3.81
C GLN A 52 7.57 9.50 -4.11
N PRO A 53 8.71 9.13 -3.49
CA PRO A 53 9.98 9.82 -3.67
C PRO A 53 10.71 9.38 -4.93
N ASP A 54 11.09 8.13 -4.97
CA ASP A 54 11.86 7.60 -6.10
C ASP A 54 10.95 6.80 -7.03
N GLY A 55 11.34 6.71 -8.29
CA GLY A 55 10.50 6.09 -9.29
C GLY A 55 9.39 7.01 -9.71
N LYS A 56 8.39 6.49 -10.41
CA LYS A 56 7.22 7.28 -10.77
C LYS A 56 6.16 6.39 -11.40
N GLY A 57 4.95 6.51 -10.92
CA GLY A 57 3.86 5.73 -11.44
C GLY A 57 2.53 6.25 -10.97
N SER A 58 1.45 5.62 -11.40
CA SER A 58 0.12 6.04 -11.03
C SER A 58 -0.60 4.94 -10.26
N LEU A 59 -0.97 5.24 -9.02
CA LEU A 59 -1.67 4.28 -8.18
C LEU A 59 -3.15 4.63 -8.09
N LYS A 60 -3.98 3.80 -8.72
CA LYS A 60 -5.41 4.02 -8.72
C LYS A 60 -6.08 3.01 -7.80
N MET A 61 -7.16 3.41 -7.17
CA MET A 61 -7.97 2.48 -6.41
C MET A 61 -9.23 2.14 -7.21
N GLU A 62 -9.86 1.00 -6.88
CA GLU A 62 -10.91 0.41 -7.71
C GLU A 62 -12.05 1.36 -8.06
N ASP A 63 -12.40 2.25 -7.14
CA ASP A 63 -13.50 3.19 -7.38
C ASP A 63 -13.15 4.13 -8.53
N GLY A 64 -11.87 4.40 -8.70
CA GLY A 64 -11.42 5.28 -9.74
C GLY A 64 -10.65 6.48 -9.21
N THR A 65 -10.46 6.53 -7.90
CA THR A 65 -9.69 7.60 -7.29
C THR A 65 -8.19 7.42 -7.54
N VAL A 66 -7.54 8.46 -8.02
CA VAL A 66 -6.10 8.42 -8.22
C VAL A 66 -5.39 8.95 -6.99
N LEU A 67 -4.62 8.09 -6.34
CA LEU A 67 -3.90 8.46 -5.14
C LEU A 67 -2.72 9.35 -5.50
N LYS A 68 -2.58 10.46 -4.79
CA LYS A 68 -1.68 11.53 -5.18
C LYS A 68 -0.66 11.80 -4.07
N PRO A 69 0.63 11.79 -4.42
CA PRO A 69 1.73 12.02 -3.47
C PRO A 69 1.62 13.37 -2.78
N ASN A 70 1.86 13.36 -1.46
CA ASN A 70 1.86 14.57 -0.63
C ASN A 70 0.44 15.04 -0.32
N ASP A 71 -0.56 14.21 -0.65
CA ASP A 71 -1.93 14.55 -0.34
C ASP A 71 -2.61 13.40 0.41
N ARG A 72 -3.89 13.58 0.74
CA ARG A 72 -4.60 12.65 1.60
C ARG A 72 -6.01 12.38 1.09
N TYR A 73 -6.46 11.15 1.24
CA TYR A 73 -7.82 10.77 0.88
C TYR A 73 -8.49 10.01 2.03
N LEU A 74 -9.81 9.96 2.04
CA LEU A 74 -10.53 9.28 3.09
C LEU A 74 -11.03 7.93 2.60
N LEU A 75 -10.98 6.92 3.46
CA LEU A 75 -11.46 5.59 3.10
C LEU A 75 -12.35 5.02 4.20
N ASN A 76 -13.60 4.77 3.86
CA ASN A 76 -14.56 4.22 4.82
C ASN A 76 -14.42 2.71 4.90
N GLU A 77 -14.29 2.08 3.74
CA GLU A 77 -14.11 0.65 3.67
C GLU A 77 -12.66 0.32 3.32
N TRP A 78 -12.10 -0.66 4.04
CA TRP A 78 -10.68 -0.96 3.96
C TRP A 78 -10.39 -2.22 3.17
N LYS A 79 -11.37 -2.68 2.40
CA LYS A 79 -11.15 -3.81 1.51
C LYS A 79 -11.19 -3.32 0.07
N PHE A 80 -10.12 -3.58 -0.67
CA PHE A 80 -10.01 -3.12 -2.05
C PHE A 80 -8.74 -3.66 -2.69
N ARG A 81 -8.55 -3.35 -3.96
CA ARG A 81 -7.29 -3.63 -4.64
C ARG A 81 -6.77 -2.35 -5.29
N LEU A 82 -5.47 -2.26 -5.45
CA LEU A 82 -4.86 -1.07 -6.01
C LEU A 82 -4.25 -1.36 -7.37
N TYR A 83 -4.42 -0.45 -8.30
CA TYR A 83 -3.83 -0.58 -9.63
C TYR A 83 -2.63 0.34 -9.75
N TYR A 84 -1.44 -0.23 -9.74
CA TYR A 84 -0.24 0.58 -9.86
C TYR A 84 0.34 0.47 -11.27
N THR A 85 0.20 1.55 -12.02
CA THR A 85 0.72 1.59 -13.38
C THR A 85 2.06 2.31 -13.40
N SER A 86 3.12 1.55 -13.61
CA SER A 86 4.44 2.11 -13.78
C SER A 86 4.61 2.58 -15.22
N GLN A 87 4.67 3.88 -15.43
CA GLN A 87 4.74 4.43 -16.77
C GLN A 87 6.07 5.15 -16.99
N SER A 88 7.01 4.89 -16.11
CA SER A 88 8.28 5.58 -16.14
C SER A 88 9.44 4.59 -16.22
N ASP A 89 10.65 5.11 -16.13
CA ASP A 89 11.85 4.29 -16.16
C ASP A 89 12.46 4.25 -14.76
N LYS A 90 13.80 4.18 -14.68
CA LYS A 90 14.53 4.07 -13.43
C LYS A 90 14.35 2.69 -12.79
N GLU A 91 15.45 2.16 -12.27
CA GLU A 91 15.51 0.78 -11.82
C GLU A 91 14.92 0.59 -10.43
N ALA A 92 14.17 1.57 -9.96
CA ALA A 92 13.60 1.52 -8.62
C ALA A 92 12.42 2.48 -8.50
N GLN A 93 11.33 1.97 -7.93
CA GLN A 93 10.13 2.76 -7.72
C GLN A 93 9.66 2.58 -6.28
N THR A 94 9.63 3.67 -5.53
CA THR A 94 9.30 3.61 -4.11
C THR A 94 7.97 4.30 -3.84
N ILE A 95 7.00 3.52 -3.38
CA ILE A 95 5.72 4.11 -2.98
C ILE A 95 5.51 3.92 -1.49
N ASP A 96 5.07 4.99 -0.82
CA ASP A 96 4.88 4.96 0.61
C ASP A 96 3.41 5.16 0.94
N LEU A 97 2.83 4.20 1.66
CA LEU A 97 1.43 4.27 2.05
C LEU A 97 1.32 4.58 3.53
N TYR A 98 0.88 5.79 3.84
CA TYR A 98 0.68 6.18 5.22
C TYR A 98 -0.79 6.04 5.58
N PHE A 99 -1.12 4.97 6.31
CA PHE A 99 -2.46 4.81 6.82
C PHE A 99 -2.57 5.57 8.13
N GLU A 100 -3.40 6.61 8.13
CA GLU A 100 -3.40 7.57 9.22
C GLU A 100 -4.81 7.76 9.80
N ASP A 101 -4.91 7.72 11.11
CA ASP A 101 -6.18 7.94 11.81
C ASP A 101 -5.90 8.36 13.24
N ASN A 102 -6.88 8.97 13.89
CA ASN A 102 -6.75 9.41 15.27
C ASN A 102 -5.64 10.45 15.39
N TRP A 103 -5.34 10.84 16.61
CA TRP A 103 -4.27 11.77 16.87
C TRP A 103 -2.98 11.02 17.19
N GLY A 104 -2.93 9.74 16.83
CA GLY A 104 -1.74 8.96 17.09
C GLY A 104 -1.79 7.55 16.50
N ASN A 105 -2.40 7.40 15.32
CA ASN A 105 -2.39 6.11 14.63
C ASN A 105 -1.85 6.28 13.22
N LEU A 106 -0.69 5.69 12.98
CA LEU A 106 -0.07 5.76 11.66
C LEU A 106 0.55 4.42 11.30
N GLN A 107 0.27 3.96 10.09
CA GLN A 107 0.88 2.75 9.57
C GLN A 107 1.65 3.09 8.32
N GLN A 108 2.96 2.98 8.41
CA GLN A 108 3.86 3.34 7.32
C GLN A 108 4.27 2.09 6.55
N LEU A 109 3.75 1.94 5.35
CA LEU A 109 4.05 0.78 4.53
C LEU A 109 4.66 1.19 3.20
N THR A 110 5.95 0.93 3.05
CA THR A 110 6.63 1.20 1.80
C THR A 110 6.64 -0.05 0.92
N TYR A 111 6.26 0.12 -0.32
CA TYR A 111 6.34 -0.96 -1.29
C TYR A 111 7.47 -0.67 -2.26
N ASP A 112 8.52 -1.47 -2.16
CA ASP A 112 9.72 -1.28 -2.97
C ASP A 112 9.60 -2.02 -4.30
N PHE A 113 9.49 -1.27 -5.37
CA PHE A 113 9.43 -1.84 -6.69
C PHE A 113 10.68 -1.48 -7.46
N ASN A 114 10.92 -2.17 -8.55
CA ASN A 114 12.06 -1.87 -9.41
C ASN A 114 11.56 -1.30 -10.72
N GLY A 115 12.43 -1.24 -11.71
CA GLY A 115 12.05 -0.74 -13.02
C GLY A 115 12.42 -1.71 -14.11
N LYS A 116 12.64 -1.20 -15.31
CA LYS A 116 13.03 -2.04 -16.42
C LYS A 116 14.54 -2.02 -16.61
N LEU A 117 15.10 -3.16 -17.00
CA LEU A 117 16.54 -3.38 -16.99
C LEU A 117 17.24 -2.63 -18.12
N GLU A 118 18.37 -2.01 -17.78
CA GLU A 118 19.22 -1.32 -18.75
C GLU A 118 18.51 -0.11 -19.37
N HIS A 119 18.81 1.06 -18.82
CA HIS A 119 18.27 2.31 -19.33
C HIS A 119 18.81 2.62 -20.72
N HIS A 120 17.94 2.64 -21.71
CA HIS A 120 18.32 2.99 -23.07
C HIS A 120 18.09 4.48 -23.30
N HIS A 121 18.27 4.93 -24.54
CA HIS A 121 18.13 6.34 -24.85
C HIS A 121 16.66 6.73 -24.92
N HIS A 122 16.38 8.02 -24.91
CA HIS A 122 15.01 8.50 -24.92
C HIS A 122 14.43 8.54 -26.32
N HIS A 123 13.47 7.65 -26.55
CA HIS A 123 12.64 7.69 -27.74
C HIS A 123 11.37 6.92 -27.46
N HIS A 124 10.95 6.98 -26.20
CA HIS A 124 9.78 6.26 -25.73
C HIS A 124 8.83 7.21 -25.03
N MET A 1 14.98 2.13 13.46
CA MET A 1 15.89 1.21 14.18
C MET A 1 15.10 0.30 15.11
N ASN A 2 15.13 -1.01 14.81
CA ASN A 2 14.33 -2.00 15.52
C ASN A 2 12.86 -1.69 15.34
N GLU A 3 12.33 -2.11 14.21
CA GLU A 3 10.95 -1.79 13.85
C GLU A 3 10.00 -2.83 14.43
N LEU A 4 9.13 -2.38 15.32
CA LEU A 4 8.13 -3.22 15.98
C LEU A 4 8.75 -4.16 17.00
N ASP A 5 7.97 -4.49 18.01
CA ASP A 5 8.45 -5.36 19.09
C ASP A 5 8.03 -6.80 18.84
N ILE A 6 6.72 -7.02 18.70
CA ILE A 6 6.18 -8.36 18.53
C ILE A 6 5.81 -8.60 17.07
N GLN A 7 6.21 -7.67 16.19
CA GLN A 7 5.82 -7.70 14.78
C GLN A 7 4.32 -7.48 14.67
N GLN A 8 3.77 -6.86 15.73
CA GLN A 8 2.32 -6.60 15.85
C GLN A 8 1.54 -7.90 16.04
N GLU A 9 1.25 -8.22 17.29
CA GLU A 9 0.48 -9.42 17.60
C GLU A 9 -0.82 -9.02 18.29
N TYR A 10 -1.87 -8.90 17.49
CA TYR A 10 -3.19 -8.51 17.99
C TYR A 10 -4.26 -9.19 17.13
N PRO A 11 -5.53 -9.17 17.57
CA PRO A 11 -6.65 -9.72 16.78
C PRO A 11 -6.76 -9.08 15.40
N PHE A 12 -6.29 -7.84 15.26
CA PHE A 12 -6.32 -7.18 13.97
C PHE A 12 -5.19 -7.70 13.08
N THR A 13 -5.48 -7.86 11.80
CA THR A 13 -4.52 -8.44 10.87
C THR A 13 -4.45 -7.63 9.59
N VAL A 14 -3.25 -7.27 9.18
CA VAL A 14 -3.04 -6.53 7.95
C VAL A 14 -2.47 -7.46 6.88
N GLU A 15 -3.28 -7.73 5.86
CA GLU A 15 -2.87 -8.63 4.78
C GLU A 15 -2.92 -7.94 3.43
N SER A 16 -2.10 -8.43 2.51
CA SER A 16 -2.07 -7.91 1.16
C SER A 16 -1.76 -9.04 0.19
N MET A 17 -2.32 -8.96 -1.01
CA MET A 17 -2.03 -9.94 -2.04
C MET A 17 -0.59 -9.78 -2.50
N PRO A 18 0.18 -10.88 -2.49
CA PRO A 18 1.61 -10.87 -2.84
C PRO A 18 1.88 -10.29 -4.22
N VAL A 19 2.52 -9.14 -4.25
CA VAL A 19 2.90 -8.50 -5.49
C VAL A 19 4.41 -8.60 -5.70
N ALA A 20 4.82 -8.74 -6.95
CA ALA A 20 6.22 -8.84 -7.29
C ALA A 20 6.87 -7.46 -7.31
N ASP A 21 7.90 -7.30 -6.50
CA ASP A 21 8.64 -6.03 -6.45
C ASP A 21 9.49 -5.87 -7.69
N GLU A 22 9.88 -6.99 -8.27
CA GLU A 22 10.61 -6.99 -9.53
C GLU A 22 9.61 -6.82 -10.67
N ILE A 23 9.53 -5.61 -11.20
CA ILE A 23 8.51 -5.26 -12.18
C ILE A 23 9.09 -4.37 -13.27
N ALA A 24 8.49 -4.41 -14.46
CA ALA A 24 8.94 -3.58 -15.57
C ALA A 24 8.51 -2.13 -15.36
N GLY A 25 9.09 -1.22 -16.13
CA GLY A 25 8.80 0.20 -15.95
C GLY A 25 7.54 0.62 -16.66
N ASP A 26 6.86 -0.34 -17.28
CA ASP A 26 5.61 -0.07 -17.99
C ASP A 26 4.55 -1.10 -17.62
N GLU A 27 4.82 -1.87 -16.57
CA GLU A 27 3.95 -2.95 -16.17
C GLU A 27 3.05 -2.52 -15.00
N THR A 28 1.88 -3.12 -14.91
CA THR A 28 0.90 -2.77 -13.88
C THR A 28 0.63 -3.96 -12.96
N VAL A 29 0.55 -3.69 -11.66
CA VAL A 29 0.25 -4.72 -10.67
C VAL A 29 -0.97 -4.34 -9.84
N GLU A 30 -1.74 -5.35 -9.44
CA GLU A 30 -2.91 -5.14 -8.60
C GLU A 30 -2.56 -5.36 -7.14
N ILE A 31 -2.61 -4.31 -6.35
CA ILE A 31 -2.31 -4.40 -4.94
C ILE A 31 -3.61 -4.44 -4.13
N ARG A 32 -4.02 -5.62 -3.72
CA ARG A 32 -5.22 -5.77 -2.92
C ARG A 32 -4.86 -5.76 -1.44
N LEU A 33 -5.32 -4.73 -0.74
CA LEU A 33 -5.00 -4.54 0.66
C LEU A 33 -6.22 -4.89 1.51
N GLU A 34 -6.02 -5.71 2.54
CA GLU A 34 -7.09 -6.15 3.41
C GLU A 34 -6.68 -6.07 4.88
N ILE A 35 -7.34 -5.21 5.65
CA ILE A 35 -7.09 -5.15 7.07
C ILE A 35 -8.30 -5.65 7.84
N LYS A 36 -8.07 -6.56 8.76
CA LYS A 36 -9.13 -7.04 9.65
C LYS A 36 -9.04 -6.32 10.99
N PRO A 37 -9.92 -5.35 11.23
CA PRO A 37 -9.95 -4.62 12.50
C PRO A 37 -10.77 -5.34 13.55
N SER A 38 -10.17 -5.57 14.71
CA SER A 38 -10.86 -6.24 15.80
C SER A 38 -10.25 -5.84 17.14
N GLY A 39 -10.99 -5.03 17.89
CA GLY A 39 -10.51 -4.59 19.18
C GLY A 39 -10.94 -3.18 19.52
N ASN A 40 -10.18 -2.54 20.39
CA ASN A 40 -10.45 -1.16 20.81
C ASN A 40 -10.29 -0.20 19.64
N PHE A 41 -11.22 0.75 19.53
CA PHE A 41 -11.31 1.59 18.33
C PHE A 41 -10.92 3.04 18.59
N ILE A 42 -10.08 3.28 19.59
CA ILE A 42 -9.64 4.64 19.89
C ILE A 42 -8.59 5.11 18.88
N GLY A 43 -9.06 5.74 17.82
CA GLY A 43 -8.17 6.27 16.78
C GLY A 43 -8.64 5.91 15.38
N THR A 44 -9.68 6.60 14.91
CA THR A 44 -10.29 6.26 13.63
C THR A 44 -9.83 7.21 12.52
N VAL A 45 -10.72 8.14 12.14
CA VAL A 45 -10.50 9.05 11.02
C VAL A 45 -10.55 8.32 9.68
N TYR A 46 -9.71 7.29 9.54
CA TYR A 46 -9.61 6.49 8.33
C TYR A 46 -9.07 7.32 7.17
N THR A 47 -7.77 7.54 7.16
CA THR A 47 -7.15 8.34 6.12
C THR A 47 -5.92 7.65 5.56
N LEU A 48 -5.84 7.59 4.25
CA LEU A 48 -4.69 6.99 3.58
C LEU A 48 -3.99 8.02 2.73
N ARG A 49 -2.73 8.27 3.04
CA ARG A 49 -1.94 9.21 2.28
C ARG A 49 -0.94 8.47 1.40
N TYR A 50 -0.89 8.85 0.15
CA TYR A 50 0.01 8.21 -0.80
C TYR A 50 1.19 9.12 -1.05
N PHE A 51 2.40 8.62 -0.89
CA PHE A 51 3.57 9.43 -1.11
C PHE A 51 4.65 8.63 -1.82
N GLN A 52 5.27 9.24 -2.81
CA GLN A 52 6.33 8.59 -3.57
C GLN A 52 7.53 9.51 -3.67
N PRO A 53 8.51 9.31 -2.77
CA PRO A 53 9.75 10.05 -2.78
C PRO A 53 10.86 9.35 -3.55
N ASP A 54 10.54 8.17 -4.07
CA ASP A 54 11.52 7.32 -4.71
C ASP A 54 10.93 6.67 -5.95
N GLY A 55 11.48 7.02 -7.11
CA GLY A 55 10.96 6.52 -8.36
C GLY A 55 9.87 7.41 -8.93
N LYS A 56 9.10 6.86 -9.86
CA LYS A 56 8.02 7.60 -10.52
C LYS A 56 6.95 6.63 -11.01
N GLY A 57 5.68 7.05 -10.99
CA GLY A 57 4.61 6.18 -11.39
C GLY A 57 3.25 6.76 -11.06
N SER A 58 2.19 5.98 -11.26
CA SER A 58 0.85 6.43 -10.95
C SER A 58 0.01 5.30 -10.35
N LEU A 59 -0.43 5.48 -9.12
CA LEU A 59 -1.30 4.53 -8.45
C LEU A 59 -2.75 4.95 -8.63
N LYS A 60 -3.62 4.01 -8.98
CA LYS A 60 -5.02 4.33 -9.20
C LYS A 60 -5.93 3.38 -8.44
N MET A 61 -7.20 3.75 -8.34
CA MET A 61 -8.21 2.90 -7.71
C MET A 61 -8.85 1.99 -8.74
N GLU A 62 -9.70 1.07 -8.29
CA GLU A 62 -10.34 0.11 -9.17
C GLU A 62 -11.18 0.80 -10.25
N ASP A 63 -11.88 1.85 -9.85
CA ASP A 63 -12.75 2.59 -10.78
C ASP A 63 -11.92 3.42 -11.76
N GLY A 64 -10.69 3.75 -11.37
CA GLY A 64 -9.82 4.50 -12.26
C GLY A 64 -9.30 5.78 -11.67
N THR A 65 -9.86 6.20 -10.54
CA THR A 65 -9.42 7.44 -9.89
C THR A 65 -7.93 7.41 -9.57
N VAL A 66 -7.23 8.44 -10.03
CA VAL A 66 -5.78 8.53 -9.85
C VAL A 66 -5.45 9.06 -8.46
N LEU A 67 -4.46 8.43 -7.83
CA LEU A 67 -4.04 8.82 -6.49
C LEU A 67 -2.72 9.59 -6.57
N LYS A 68 -2.75 10.83 -6.12
CA LYS A 68 -1.59 11.72 -6.21
C LYS A 68 -0.66 11.51 -5.02
N PRO A 69 0.64 11.30 -5.28
CA PRO A 69 1.66 11.15 -4.24
C PRO A 69 1.89 12.44 -3.46
N ASN A 70 0.97 12.71 -2.53
CA ASN A 70 1.01 13.90 -1.67
C ASN A 70 -0.27 13.98 -0.85
N ASP A 71 -1.38 13.67 -1.52
CA ASP A 71 -2.70 13.87 -0.94
C ASP A 71 -3.16 12.66 -0.15
N ARG A 72 -3.99 12.90 0.85
CA ARG A 72 -4.58 11.83 1.64
C ARG A 72 -6.07 11.73 1.37
N TYR A 73 -6.52 10.55 0.99
CA TYR A 73 -7.93 10.33 0.69
C TYR A 73 -8.66 9.78 1.90
N LEU A 74 -9.87 10.26 2.12
CA LEU A 74 -10.70 9.81 3.22
C LEU A 74 -11.53 8.61 2.77
N LEU A 75 -11.46 7.51 3.53
CA LEU A 75 -12.17 6.29 3.17
C LEU A 75 -12.95 5.77 4.37
N ASN A 76 -13.58 4.62 4.22
CA ASN A 76 -14.42 4.07 5.28
C ASN A 76 -14.17 2.58 5.50
N GLU A 77 -13.81 1.86 4.45
CA GLU A 77 -13.62 0.42 4.55
C GLU A 77 -12.14 0.06 4.64
N TRP A 78 -11.85 -1.07 5.25
CA TRP A 78 -10.47 -1.50 5.51
C TRP A 78 -9.96 -2.44 4.42
N LYS A 79 -10.64 -2.45 3.28
CA LYS A 79 -10.26 -3.30 2.17
C LYS A 79 -10.44 -2.59 0.84
N PHE A 80 -9.45 -2.68 -0.03
CA PHE A 80 -9.55 -2.11 -1.36
C PHE A 80 -8.45 -2.67 -2.28
N ARG A 81 -8.71 -2.63 -3.57
CA ARG A 81 -7.78 -3.13 -4.57
C ARG A 81 -7.21 -1.95 -5.35
N LEU A 82 -5.89 -1.87 -5.43
CA LEU A 82 -5.23 -0.73 -6.06
C LEU A 82 -4.51 -1.16 -7.33
N TYR A 83 -4.43 -0.25 -8.29
CA TYR A 83 -3.78 -0.51 -9.55
C TYR A 83 -2.59 0.41 -9.75
N TYR A 84 -1.40 -0.14 -9.65
CA TYR A 84 -0.20 0.65 -9.84
C TYR A 84 0.33 0.47 -11.26
N THR A 85 0.11 1.47 -12.09
CA THR A 85 0.58 1.44 -13.46
C THR A 85 1.92 2.16 -13.57
N SER A 86 2.90 1.47 -14.14
CA SER A 86 4.22 2.05 -14.34
C SER A 86 4.32 2.67 -15.75
N GLN A 87 4.99 3.80 -15.83
CA GLN A 87 5.17 4.50 -17.09
C GLN A 87 6.49 5.25 -17.07
N SER A 88 7.39 4.81 -16.22
CA SER A 88 8.62 5.53 -15.96
C SER A 88 9.83 4.68 -16.31
N ASP A 89 10.99 5.13 -15.87
CA ASP A 89 12.23 4.40 -16.10
C ASP A 89 12.40 3.30 -15.06
N LYS A 90 13.27 2.33 -15.37
CA LYS A 90 13.49 1.22 -14.47
C LYS A 90 14.52 1.57 -13.41
N GLU A 91 14.03 2.10 -12.30
CA GLU A 91 14.90 2.49 -11.20
C GLU A 91 14.38 1.88 -9.90
N ALA A 92 13.27 2.42 -9.44
CA ALA A 92 12.66 1.97 -8.20
C ALA A 92 11.28 2.60 -8.04
N GLN A 93 10.25 1.86 -8.41
CA GLN A 93 8.89 2.36 -8.28
C GLN A 93 8.42 2.15 -6.85
N THR A 94 8.81 3.06 -5.96
CA THR A 94 8.54 2.90 -4.55
C THR A 94 7.42 3.81 -4.09
N ILE A 95 6.40 3.23 -3.49
CA ILE A 95 5.30 4.02 -2.93
C ILE A 95 5.20 3.76 -1.43
N ASP A 96 5.12 4.83 -0.66
CA ASP A 96 5.00 4.73 0.78
C ASP A 96 3.58 5.10 1.19
N LEU A 97 2.83 4.11 1.65
CA LEU A 97 1.43 4.31 1.96
C LEU A 97 1.23 4.55 3.45
N TYR A 98 0.81 5.76 3.77
CA TYR A 98 0.59 6.14 5.16
C TYR A 98 -0.87 5.95 5.55
N PHE A 99 -1.18 4.80 6.10
CA PHE A 99 -2.53 4.51 6.60
C PHE A 99 -2.66 5.05 8.02
N GLU A 100 -3.52 6.03 8.23
CA GLU A 100 -3.75 6.48 9.58
C GLU A 100 -5.13 6.00 10.01
N ASP A 101 -5.12 5.12 11.00
CA ASP A 101 -6.32 4.43 11.46
C ASP A 101 -5.91 3.33 12.46
N ASN A 102 -6.04 2.07 12.04
CA ASN A 102 -5.71 0.89 12.87
C ASN A 102 -6.45 0.92 14.20
N TRP A 103 -7.43 1.83 14.31
CA TRP A 103 -8.15 2.07 15.55
C TRP A 103 -7.19 2.42 16.69
N GLY A 104 -6.03 2.99 16.35
CA GLY A 104 -5.07 3.28 17.38
C GLY A 104 -3.88 4.12 16.93
N ASN A 105 -3.35 3.86 15.73
CA ASN A 105 -2.10 4.51 15.33
C ASN A 105 -1.94 4.60 13.81
N LEU A 106 -0.81 5.16 13.40
CA LEU A 106 -0.45 5.28 12.00
C LEU A 106 0.33 4.04 11.55
N GLN A 107 0.05 3.57 10.35
CA GLN A 107 0.78 2.46 9.76
C GLN A 107 1.40 2.90 8.45
N GLN A 108 2.72 3.00 8.41
CA GLN A 108 3.40 3.37 7.19
C GLN A 108 3.88 2.13 6.45
N LEU A 109 3.25 1.84 5.32
CA LEU A 109 3.56 0.65 4.56
C LEU A 109 4.34 1.01 3.30
N THR A 110 5.60 0.60 3.27
CA THR A 110 6.46 0.90 2.15
C THR A 110 6.39 -0.22 1.11
N TYR A 111 5.93 0.12 -0.08
CA TYR A 111 5.91 -0.83 -1.18
C TYR A 111 7.00 -0.48 -2.17
N ASP A 112 8.08 -1.24 -2.09
CA ASP A 112 9.27 -0.97 -2.87
C ASP A 112 9.32 -1.85 -4.11
N PHE A 113 9.17 -1.24 -5.28
CA PHE A 113 9.26 -1.96 -6.54
C PHE A 113 10.50 -1.51 -7.31
N ASN A 114 10.94 -2.30 -8.25
CA ASN A 114 12.14 -1.98 -9.03
C ASN A 114 12.14 -2.71 -10.36
N GLY A 115 12.89 -2.17 -11.31
CA GLY A 115 13.01 -2.79 -12.60
C GLY A 115 14.38 -3.40 -12.80
N LYS A 116 14.49 -4.69 -12.49
CA LYS A 116 15.77 -5.37 -12.54
C LYS A 116 16.27 -5.49 -13.99
N LEU A 117 17.57 -5.72 -14.14
CA LEU A 117 18.20 -5.79 -15.46
C LEU A 117 17.89 -7.12 -16.15
N GLU A 118 17.27 -8.05 -15.41
CA GLU A 118 16.89 -9.33 -15.98
C GLU A 118 15.73 -9.16 -16.95
N HIS A 119 15.73 -9.98 -17.99
CA HIS A 119 14.74 -9.87 -19.06
C HIS A 119 13.56 -10.80 -18.79
N HIS A 120 12.37 -10.21 -18.75
CA HIS A 120 11.15 -11.01 -18.67
C HIS A 120 11.00 -11.79 -19.96
N HIS A 121 10.65 -13.07 -19.86
CA HIS A 121 10.64 -13.96 -21.01
C HIS A 121 9.69 -13.40 -22.09
N HIS A 122 8.44 -13.14 -21.70
CA HIS A 122 7.50 -12.45 -22.58
C HIS A 122 6.26 -12.02 -21.82
N HIS A 123 6.10 -10.71 -21.65
CA HIS A 123 4.90 -10.15 -21.05
C HIS A 123 3.86 -9.98 -22.16
N HIS A 124 3.75 -11.02 -22.98
CA HIS A 124 2.93 -10.99 -24.17
C HIS A 124 2.32 -12.37 -24.39
N MET A 1 -14.30 -21.26 6.94
CA MET A 1 -13.91 -19.99 7.62
C MET A 1 -13.54 -20.25 9.08
N ASN A 2 -13.87 -21.43 9.60
CA ASN A 2 -13.58 -21.77 10.99
C ASN A 2 -12.12 -22.22 11.15
N GLU A 3 -11.34 -22.04 10.09
CA GLU A 3 -9.91 -22.33 10.14
C GLU A 3 -9.23 -21.41 11.13
N LEU A 4 -9.74 -20.19 11.21
CA LEU A 4 -9.28 -19.22 12.21
C LEU A 4 -10.20 -19.28 13.42
N ASP A 5 -11.28 -18.50 13.36
CA ASP A 5 -12.37 -18.52 14.34
C ASP A 5 -11.95 -17.95 15.70
N ILE A 6 -10.82 -18.41 16.23
CA ILE A 6 -10.29 -17.92 17.49
C ILE A 6 -10.06 -16.42 17.43
N GLN A 7 -10.81 -15.68 18.23
CA GLN A 7 -10.81 -14.24 18.18
C GLN A 7 -10.33 -13.63 19.49
N GLN A 8 -9.82 -14.49 20.38
CA GLN A 8 -9.22 -14.02 21.63
C GLN A 8 -7.96 -13.24 21.31
N GLU A 9 -6.96 -13.93 20.79
CA GLU A 9 -5.75 -13.30 20.33
C GLU A 9 -5.86 -13.05 18.83
N TYR A 10 -6.47 -11.93 18.47
CA TYR A 10 -6.70 -11.60 17.08
C TYR A 10 -6.80 -10.08 16.93
N PRO A 11 -5.71 -9.44 16.52
CA PRO A 11 -5.68 -7.99 16.28
C PRO A 11 -6.06 -7.65 14.85
N PHE A 12 -5.95 -6.38 14.50
CA PHE A 12 -6.21 -5.95 13.13
C PHE A 12 -5.13 -6.55 12.22
N THR A 13 -5.55 -7.41 11.32
CA THR A 13 -4.61 -8.12 10.48
C THR A 13 -4.48 -7.46 9.11
N VAL A 14 -3.25 -7.18 8.71
CA VAL A 14 -2.99 -6.62 7.39
C VAL A 14 -2.85 -7.75 6.39
N GLU A 15 -3.91 -7.98 5.63
CA GLU A 15 -3.94 -9.07 4.67
C GLU A 15 -3.77 -8.48 3.27
N SER A 16 -2.78 -8.98 2.55
CA SER A 16 -2.40 -8.35 1.29
C SER A 16 -1.93 -9.38 0.27
N MET A 17 -2.11 -9.02 -1.00
CA MET A 17 -1.65 -9.83 -2.13
C MET A 17 -0.16 -9.62 -2.36
N PRO A 18 0.62 -10.71 -2.42
CA PRO A 18 2.05 -10.64 -2.74
C PRO A 18 2.29 -9.96 -4.08
N VAL A 19 3.00 -8.84 -4.04
CA VAL A 19 3.24 -8.05 -5.23
C VAL A 19 4.49 -8.54 -5.96
N ALA A 20 4.68 -8.07 -7.18
CA ALA A 20 5.78 -8.52 -8.01
C ALA A 20 6.98 -7.58 -7.91
N ASP A 21 8.10 -8.13 -7.43
CA ASP A 21 9.35 -7.38 -7.33
C ASP A 21 9.84 -6.93 -8.71
N GLU A 22 9.76 -7.86 -9.66
CA GLU A 22 10.27 -7.62 -11.01
C GLU A 22 9.28 -6.81 -11.83
N ILE A 23 9.61 -5.56 -12.08
CA ILE A 23 8.78 -4.71 -12.90
C ILE A 23 9.35 -4.62 -14.31
N ALA A 24 8.65 -5.23 -15.25
CA ALA A 24 9.07 -5.25 -16.64
C ALA A 24 8.67 -3.97 -17.35
N GLY A 25 9.56 -2.98 -17.30
CA GLY A 25 9.30 -1.72 -17.95
C GLY A 25 8.08 -1.02 -17.37
N ASP A 26 6.99 -1.04 -18.12
CA ASP A 26 5.72 -0.53 -17.64
C ASP A 26 4.84 -1.70 -17.23
N GLU A 27 4.97 -2.09 -15.96
CA GLU A 27 4.21 -3.20 -15.42
C GLU A 27 3.11 -2.69 -14.49
N THR A 28 1.92 -3.24 -14.63
CA THR A 28 0.80 -2.83 -13.81
C THR A 28 0.39 -3.94 -12.86
N VAL A 29 0.56 -3.70 -11.57
CA VAL A 29 0.22 -4.69 -10.57
C VAL A 29 -0.86 -4.17 -9.64
N GLU A 30 -1.80 -5.02 -9.29
CA GLU A 30 -2.84 -4.64 -8.35
C GLU A 30 -2.43 -4.99 -6.92
N ILE A 31 -2.48 -4.00 -6.07
CA ILE A 31 -2.22 -4.21 -4.66
C ILE A 31 -3.53 -4.50 -3.95
N ARG A 32 -3.79 -5.77 -3.73
CA ARG A 32 -4.95 -6.21 -2.99
C ARG A 32 -4.65 -6.12 -1.50
N LEU A 33 -5.32 -5.20 -0.82
CA LEU A 33 -5.01 -4.94 0.57
C LEU A 33 -6.27 -4.85 1.39
N GLU A 34 -6.27 -5.54 2.53
CA GLU A 34 -7.38 -5.49 3.45
C GLU A 34 -6.89 -5.55 4.89
N ILE A 35 -7.07 -4.47 5.62
CA ILE A 35 -6.81 -4.48 7.05
C ILE A 35 -8.05 -5.00 7.77
N LYS A 36 -8.02 -6.26 8.13
CA LYS A 36 -9.17 -6.92 8.72
C LYS A 36 -9.24 -6.65 10.21
N PRO A 37 -10.26 -5.89 10.65
CA PRO A 37 -10.41 -5.49 12.04
C PRO A 37 -11.25 -6.48 12.85
N SER A 38 -10.77 -6.82 14.04
CA SER A 38 -11.48 -7.70 14.94
C SER A 38 -12.49 -6.93 15.79
N GLY A 39 -12.73 -5.69 15.41
CA GLY A 39 -13.68 -4.86 16.11
C GLY A 39 -14.74 -4.32 15.18
N ASN A 40 -15.91 -4.02 15.73
CA ASN A 40 -17.02 -3.52 14.92
C ASN A 40 -17.62 -2.27 15.57
N PHE A 41 -17.52 -1.14 14.89
CA PHE A 41 -18.07 0.10 15.40
C PHE A 41 -19.11 0.65 14.44
N ILE A 42 -18.70 1.50 13.50
CA ILE A 42 -19.61 2.04 12.49
C ILE A 42 -18.92 2.08 11.13
N GLY A 43 -17.88 2.91 11.02
CA GLY A 43 -17.16 3.04 9.77
C GLY A 43 -15.76 3.57 10.00
N THR A 44 -14.95 2.80 10.71
CA THR A 44 -13.59 3.19 11.02
C THR A 44 -12.67 3.00 9.81
N VAL A 45 -12.16 4.12 9.29
CA VAL A 45 -11.27 4.08 8.14
C VAL A 45 -10.37 5.32 8.12
N TYR A 46 -10.91 6.44 8.61
CA TYR A 46 -10.22 7.71 8.62
C TYR A 46 -9.69 8.06 7.22
N THR A 47 -8.38 7.97 7.00
CA THR A 47 -7.80 8.37 5.72
C THR A 47 -6.48 7.66 5.44
N LEU A 48 -6.28 7.26 4.19
CA LEU A 48 -5.00 6.75 3.76
C LEU A 48 -4.34 7.80 2.88
N ARG A 49 -3.07 8.07 3.13
CA ARG A 49 -2.36 9.09 2.39
C ARG A 49 -1.21 8.49 1.59
N TYR A 50 -1.16 8.82 0.32
CA TYR A 50 -0.15 8.25 -0.57
C TYR A 50 0.93 9.29 -0.86
N PHE A 51 2.18 8.83 -0.88
CA PHE A 51 3.30 9.68 -1.24
C PHE A 51 4.24 8.91 -2.18
N GLN A 52 4.78 9.60 -3.17
CA GLN A 52 5.66 9.00 -4.15
C GLN A 52 6.98 9.74 -4.20
N PRO A 53 7.96 9.29 -3.41
CA PRO A 53 9.26 9.94 -3.31
C PRO A 53 10.25 9.46 -4.37
N ASP A 54 10.50 8.16 -4.38
CA ASP A 54 11.52 7.57 -5.24
C ASP A 54 10.87 6.82 -6.39
N GLY A 55 11.00 7.34 -7.59
CA GLY A 55 10.46 6.65 -8.75
C GLY A 55 9.31 7.41 -9.40
N LYS A 56 8.64 6.76 -10.35
CA LYS A 56 7.55 7.38 -11.08
C LYS A 56 6.46 6.36 -11.38
N GLY A 57 5.23 6.81 -11.49
CA GLY A 57 4.12 5.92 -11.79
C GLY A 57 2.80 6.49 -11.33
N SER A 58 1.73 5.71 -11.50
CA SER A 58 0.40 6.16 -11.11
C SER A 58 -0.28 5.10 -10.25
N LEU A 59 -0.98 5.54 -9.21
CA LEU A 59 -1.71 4.63 -8.33
C LEU A 59 -3.19 4.97 -8.36
N LYS A 60 -3.99 4.01 -8.81
CA LYS A 60 -5.43 4.21 -8.95
C LYS A 60 -6.21 3.34 -7.98
N MET A 61 -7.36 3.85 -7.54
CA MET A 61 -8.27 3.08 -6.70
C MET A 61 -9.17 2.23 -7.58
N GLU A 62 -10.08 1.49 -6.94
CA GLU A 62 -11.03 0.62 -7.64
C GLU A 62 -11.91 1.43 -8.60
N ASP A 63 -12.18 2.68 -8.24
CA ASP A 63 -13.03 3.53 -9.06
C ASP A 63 -12.21 4.30 -10.08
N GLY A 64 -10.91 4.04 -10.12
CA GLY A 64 -10.04 4.71 -11.07
C GLY A 64 -9.47 5.99 -10.53
N THR A 65 -9.92 6.38 -9.35
CA THR A 65 -9.43 7.58 -8.69
C THR A 65 -7.92 7.51 -8.47
N VAL A 66 -7.22 8.49 -9.00
CA VAL A 66 -5.76 8.54 -8.88
C VAL A 66 -5.35 9.13 -7.54
N LEU A 67 -4.49 8.42 -6.83
CA LEU A 67 -4.00 8.88 -5.54
C LEU A 67 -2.81 9.80 -5.76
N LYS A 68 -2.99 11.07 -5.43
CA LYS A 68 -1.94 12.06 -5.62
C LYS A 68 -1.03 12.11 -4.40
N PRO A 69 0.29 11.95 -4.61
CA PRO A 69 1.27 11.88 -3.53
C PRO A 69 1.40 13.17 -2.72
N ASN A 70 0.51 13.32 -1.74
CA ASN A 70 0.47 14.51 -0.86
C ASN A 70 -0.83 14.52 -0.07
N ASP A 71 -1.93 14.25 -0.75
CA ASP A 71 -3.26 14.40 -0.17
C ASP A 71 -3.74 13.10 0.47
N ARG A 72 -4.67 13.22 1.41
CA ARG A 72 -5.22 12.07 2.12
C ARG A 72 -6.52 11.63 1.46
N TYR A 73 -6.81 10.34 1.48
CA TYR A 73 -8.03 9.84 0.84
C TYR A 73 -8.86 9.02 1.81
N LEU A 74 -10.12 9.39 1.94
CA LEU A 74 -11.09 8.62 2.71
C LEU A 74 -11.94 7.78 1.76
N LEU A 75 -12.31 6.58 2.20
CA LEU A 75 -13.12 5.70 1.36
C LEU A 75 -14.28 5.12 2.15
N ASN A 76 -14.03 4.07 2.91
CA ASN A 76 -15.05 3.44 3.74
C ASN A 76 -14.44 2.39 4.65
N GLU A 77 -13.71 1.46 4.05
CA GLU A 77 -13.08 0.37 4.80
C GLU A 77 -11.61 0.28 4.46
N TRP A 78 -10.91 -0.59 5.15
CA TRP A 78 -9.51 -0.85 4.86
C TRP A 78 -9.39 -1.97 3.82
N LYS A 79 -10.52 -2.31 3.22
CA LYS A 79 -10.57 -3.34 2.18
C LYS A 79 -10.69 -2.69 0.82
N PHE A 80 -9.76 -3.00 -0.08
CA PHE A 80 -9.74 -2.39 -1.41
C PHE A 80 -8.67 -3.01 -2.30
N ARG A 81 -8.75 -2.68 -3.58
CA ARG A 81 -7.73 -3.04 -4.55
C ARG A 81 -7.17 -1.79 -5.22
N LEU A 82 -5.86 -1.65 -5.25
CA LEU A 82 -5.24 -0.50 -5.88
C LEU A 82 -4.46 -0.93 -7.12
N TYR A 83 -4.55 -0.14 -8.18
CA TYR A 83 -3.82 -0.42 -9.40
C TYR A 83 -2.64 0.51 -9.55
N TYR A 84 -1.44 -0.01 -9.38
CA TYR A 84 -0.25 0.81 -9.53
C TYR A 84 0.46 0.49 -10.84
N THR A 85 0.61 1.51 -11.66
CA THR A 85 1.34 1.39 -12.90
C THR A 85 2.79 1.80 -12.70
N SER A 86 3.69 0.81 -12.71
CA SER A 86 5.10 1.05 -12.50
C SER A 86 5.78 1.26 -13.84
N GLN A 87 6.24 2.47 -14.10
CA GLN A 87 6.82 2.79 -15.39
C GLN A 87 8.13 3.57 -15.26
N SER A 88 8.82 3.39 -14.14
CA SER A 88 10.16 3.95 -14.00
C SER A 88 11.14 3.09 -14.78
N ASP A 89 10.75 1.81 -14.98
CA ASP A 89 11.49 0.85 -15.80
C ASP A 89 12.83 0.46 -15.20
N LYS A 90 13.75 1.41 -15.15
CA LYS A 90 15.12 1.14 -14.75
C LYS A 90 15.34 1.34 -13.25
N GLU A 91 15.32 2.59 -12.82
CA GLU A 91 15.77 2.97 -11.48
C GLU A 91 14.71 2.72 -10.41
N ALA A 92 13.80 1.77 -10.67
CA ALA A 92 12.84 1.29 -9.69
C ALA A 92 11.82 2.34 -9.28
N GLN A 93 10.89 1.94 -8.42
CA GLN A 93 9.89 2.84 -7.88
C GLN A 93 9.52 2.39 -6.46
N THR A 94 9.59 3.32 -5.53
CA THR A 94 9.29 3.05 -4.14
C THR A 94 8.12 3.92 -3.70
N ILE A 95 7.04 3.27 -3.26
CA ILE A 95 5.84 4.00 -2.87
C ILE A 95 5.54 3.85 -1.39
N ASP A 96 5.10 4.93 -0.76
CA ASP A 96 4.77 4.92 0.66
C ASP A 96 3.27 5.10 0.87
N LEU A 97 2.65 4.13 1.51
CA LEU A 97 1.26 4.24 1.88
C LEU A 97 1.15 4.59 3.36
N TYR A 98 0.80 5.84 3.64
CA TYR A 98 0.62 6.30 5.01
C TYR A 98 -0.81 6.05 5.47
N PHE A 99 -1.02 5.01 6.24
CA PHE A 99 -2.32 4.74 6.80
C PHE A 99 -2.45 5.48 8.13
N GLU A 100 -3.36 6.43 8.16
CA GLU A 100 -3.62 7.21 9.35
C GLU A 100 -5.04 6.90 9.81
N ASP A 101 -5.18 6.40 11.03
CA ASP A 101 -6.48 5.96 11.51
C ASP A 101 -6.90 6.69 12.77
N ASN A 102 -8.09 6.36 13.23
CA ASN A 102 -8.66 6.93 14.42
C ASN A 102 -7.90 6.45 15.65
N TRP A 103 -8.07 7.20 16.73
CA TRP A 103 -7.43 6.91 18.02
C TRP A 103 -5.94 7.20 17.97
N GLY A 104 -5.20 6.44 17.18
CA GLY A 104 -3.77 6.65 17.08
C GLY A 104 -3.08 5.55 16.30
N ASN A 105 -3.36 5.48 15.01
CA ASN A 105 -2.71 4.48 14.17
C ASN A 105 -1.98 5.16 13.02
N LEU A 106 -0.70 4.82 12.88
CA LEU A 106 0.09 5.27 11.75
C LEU A 106 0.84 4.08 11.17
N GLN A 107 0.42 3.65 10.00
CA GLN A 107 1.01 2.48 9.36
C GLN A 107 1.58 2.87 8.00
N GLN A 108 2.90 2.82 7.89
CA GLN A 108 3.56 3.14 6.64
C GLN A 108 3.93 1.86 5.91
N LEU A 109 3.22 1.58 4.83
CA LEU A 109 3.53 0.44 4.00
C LEU A 109 4.30 0.89 2.77
N THR A 110 5.58 0.57 2.74
CA THR A 110 6.44 0.94 1.64
C THR A 110 6.65 -0.25 0.71
N TYR A 111 6.26 -0.09 -0.54
CA TYR A 111 6.41 -1.16 -1.51
C TYR A 111 7.53 -0.85 -2.50
N ASP A 112 8.54 -1.69 -2.49
CA ASP A 112 9.71 -1.52 -3.35
C ASP A 112 9.55 -2.35 -4.62
N PHE A 113 9.40 -1.67 -5.75
CA PHE A 113 9.36 -2.36 -7.04
C PHE A 113 10.57 -1.95 -7.85
N ASN A 114 11.18 -2.87 -8.58
CA ASN A 114 12.40 -2.55 -9.31
C ASN A 114 12.48 -3.29 -10.64
N GLY A 115 13.37 -2.81 -11.49
CA GLY A 115 13.60 -3.44 -12.79
C GLY A 115 15.05 -3.32 -13.18
N LYS A 116 15.32 -2.67 -14.32
CA LYS A 116 16.67 -2.43 -14.79
C LYS A 116 17.46 -3.73 -14.94
N LEU A 117 17.25 -4.40 -16.08
CA LEU A 117 17.90 -5.68 -16.35
C LEU A 117 17.56 -6.70 -15.29
N GLU A 118 16.36 -6.58 -14.71
CA GLU A 118 15.92 -7.46 -13.66
C GLU A 118 16.01 -8.91 -14.12
N HIS A 119 16.78 -9.70 -13.39
CA HIS A 119 17.08 -11.06 -13.80
C HIS A 119 15.94 -11.98 -13.40
N HIS A 120 15.23 -12.47 -14.41
CA HIS A 120 14.07 -13.32 -14.17
C HIS A 120 14.50 -14.76 -13.99
N HIS A 121 13.94 -15.42 -12.99
CA HIS A 121 14.29 -16.80 -12.67
C HIS A 121 13.05 -17.67 -12.76
N HIS A 122 12.27 -17.65 -11.69
CA HIS A 122 11.03 -18.38 -11.61
C HIS A 122 10.24 -17.86 -10.41
N HIS A 123 9.12 -17.21 -10.68
CA HIS A 123 8.26 -16.76 -9.60
C HIS A 123 7.77 -17.95 -8.81
N HIS A 124 7.90 -17.85 -7.49
CA HIS A 124 7.72 -18.98 -6.57
C HIS A 124 8.93 -19.90 -6.67
N MET A 1 -20.70 9.53 32.00
CA MET A 1 -20.32 9.61 30.57
C MET A 1 -19.41 8.44 30.21
N ASN A 2 -19.89 7.61 29.29
CA ASN A 2 -19.16 6.45 28.80
C ASN A 2 -18.91 5.44 29.91
N GLU A 3 -19.85 4.51 30.10
CA GLU A 3 -19.69 3.43 31.06
C GLU A 3 -18.83 2.33 30.46
N LEU A 4 -17.60 2.69 30.12
CA LEU A 4 -16.67 1.82 29.40
C LEU A 4 -17.28 1.36 28.08
N ASP A 5 -17.29 2.26 27.12
CA ASP A 5 -17.82 1.95 25.79
C ASP A 5 -16.70 1.50 24.88
N ILE A 6 -15.48 1.73 25.33
CA ILE A 6 -14.32 1.33 24.56
C ILE A 6 -13.91 -0.11 24.88
N GLN A 7 -13.78 -0.90 23.84
CA GLN A 7 -13.31 -2.27 23.99
C GLN A 7 -11.88 -2.36 23.47
N GLN A 8 -11.03 -3.10 24.15
CA GLN A 8 -9.66 -3.23 23.75
C GLN A 8 -9.52 -4.29 22.65
N GLU A 9 -9.93 -3.92 21.45
CA GLU A 9 -9.84 -4.80 20.30
C GLU A 9 -8.66 -4.38 19.43
N TYR A 10 -7.51 -4.97 19.71
CA TYR A 10 -6.26 -4.62 19.04
C TYR A 10 -5.97 -5.45 17.78
N PRO A 11 -6.31 -6.76 17.72
CA PRO A 11 -5.95 -7.60 16.56
C PRO A 11 -6.59 -7.16 15.25
N PHE A 12 -5.99 -6.17 14.60
CA PHE A 12 -6.34 -5.84 13.23
C PHE A 12 -5.25 -6.39 12.31
N THR A 13 -5.64 -7.27 11.42
CA THR A 13 -4.69 -7.94 10.56
C THR A 13 -4.63 -7.26 9.21
N VAL A 14 -3.43 -6.92 8.79
CA VAL A 14 -3.21 -6.35 7.48
C VAL A 14 -3.01 -7.46 6.47
N GLU A 15 -3.92 -7.56 5.52
CA GLU A 15 -3.90 -8.61 4.52
C GLU A 15 -3.38 -8.05 3.22
N SER A 16 -2.36 -8.66 2.67
CA SER A 16 -1.75 -8.17 1.46
C SER A 16 -1.33 -9.31 0.56
N MET A 17 -1.96 -9.43 -0.59
CA MET A 17 -1.58 -10.42 -1.57
C MET A 17 -0.33 -9.94 -2.29
N PRO A 18 0.71 -10.79 -2.31
CA PRO A 18 2.05 -10.41 -2.82
C PRO A 18 2.02 -9.77 -4.20
N VAL A 19 2.42 -8.51 -4.26
CA VAL A 19 2.58 -7.82 -5.52
C VAL A 19 3.80 -8.35 -6.25
N ALA A 20 5.00 -7.89 -5.84
CA ALA A 20 6.26 -8.44 -6.34
C ALA A 20 6.30 -8.45 -7.86
N ASP A 21 7.02 -9.45 -8.41
CA ASP A 21 7.01 -9.74 -9.84
C ASP A 21 7.87 -8.73 -10.62
N GLU A 22 8.33 -7.69 -9.93
CA GLU A 22 9.13 -6.62 -10.55
C GLU A 22 8.35 -5.94 -11.67
N ILE A 23 7.74 -4.81 -11.33
CA ILE A 23 6.92 -4.09 -12.28
C ILE A 23 7.77 -3.26 -13.24
N ALA A 24 7.44 -3.32 -14.51
CA ALA A 24 8.20 -2.62 -15.54
C ALA A 24 7.49 -1.33 -15.94
N GLY A 25 8.12 -0.56 -16.81
CA GLY A 25 7.51 0.66 -17.31
C GLY A 25 6.26 0.37 -18.11
N ASP A 26 5.21 1.16 -17.89
CA ASP A 26 3.93 1.01 -18.59
C ASP A 26 3.29 -0.34 -18.23
N GLU A 27 3.56 -0.79 -17.01
CA GLU A 27 2.96 -2.01 -16.49
C GLU A 27 2.11 -1.68 -15.26
N THR A 28 1.13 -2.52 -14.96
CA THR A 28 0.23 -2.28 -13.84
C THR A 28 0.12 -3.52 -12.96
N VAL A 29 0.50 -3.39 -11.70
CA VAL A 29 0.37 -4.50 -10.75
C VAL A 29 -0.84 -4.28 -9.84
N GLU A 30 -1.45 -5.38 -9.42
CA GLU A 30 -2.61 -5.32 -8.53
C GLU A 30 -2.17 -5.35 -7.08
N ILE A 31 -2.28 -4.22 -6.42
CA ILE A 31 -2.04 -4.16 -4.99
C ILE A 31 -3.29 -4.61 -4.27
N ARG A 32 -3.30 -5.85 -3.85
CA ARG A 32 -4.44 -6.44 -3.18
C ARG A 32 -4.28 -6.30 -1.67
N LEU A 33 -5.01 -5.35 -1.10
CA LEU A 33 -4.82 -4.99 0.31
C LEU A 33 -6.14 -4.98 1.06
N GLU A 34 -6.14 -5.63 2.21
CA GLU A 34 -7.30 -5.68 3.08
C GLU A 34 -6.90 -5.35 4.51
N ILE A 35 -7.75 -4.64 5.21
CA ILE A 35 -7.54 -4.40 6.63
C ILE A 35 -8.64 -5.09 7.41
N LYS A 36 -8.31 -6.21 8.04
CA LYS A 36 -9.29 -6.99 8.79
C LYS A 36 -9.21 -6.68 10.27
N PRO A 37 -10.17 -5.90 10.80
CA PRO A 37 -10.16 -5.48 12.20
C PRO A 37 -10.91 -6.45 13.12
N SER A 38 -11.08 -7.69 12.66
CA SER A 38 -11.82 -8.73 13.39
C SER A 38 -13.33 -8.43 13.37
N GLY A 39 -13.69 -7.26 13.86
CA GLY A 39 -15.08 -6.84 13.82
C GLY A 39 -15.17 -5.33 13.69
N ASN A 40 -15.49 -4.86 12.49
CA ASN A 40 -15.53 -3.43 12.22
C ASN A 40 -16.69 -2.76 12.92
N PHE A 41 -16.39 -2.02 13.96
CA PHE A 41 -17.39 -1.22 14.65
C PHE A 41 -17.42 0.17 14.04
N ILE A 42 -18.34 1.01 14.50
CA ILE A 42 -18.43 2.37 13.99
C ILE A 42 -17.41 3.27 14.69
N GLY A 43 -16.25 3.41 14.07
CA GLY A 43 -15.19 4.22 14.61
C GLY A 43 -13.87 3.90 13.93
N THR A 44 -12.98 4.89 13.83
CA THR A 44 -11.70 4.72 13.15
C THR A 44 -11.91 4.59 11.64
N VAL A 45 -11.73 5.68 10.92
CA VAL A 45 -11.98 5.70 9.48
C VAL A 45 -10.67 5.68 8.70
N TYR A 46 -9.57 6.03 9.38
CA TYR A 46 -8.24 6.08 8.76
C TYR A 46 -8.13 7.18 7.70
N THR A 47 -6.90 7.43 7.29
CA THR A 47 -6.63 8.29 6.15
C THR A 47 -5.37 7.80 5.46
N LEU A 48 -5.41 7.70 4.15
CA LEU A 48 -4.28 7.21 3.39
C LEU A 48 -3.63 8.33 2.59
N ARG A 49 -2.38 8.62 2.89
CA ARG A 49 -1.62 9.64 2.19
C ARG A 49 -0.56 8.98 1.33
N TYR A 50 -0.46 9.43 0.09
CA TYR A 50 0.38 8.77 -0.90
C TYR A 50 1.61 9.60 -1.22
N PHE A 51 2.77 8.96 -1.20
CA PHE A 51 4.02 9.60 -1.61
C PHE A 51 4.91 8.60 -2.35
N GLN A 52 5.56 9.08 -3.40
CA GLN A 52 6.44 8.24 -4.19
C GLN A 52 7.85 8.82 -4.23
N PRO A 53 8.74 8.34 -3.35
CA PRO A 53 10.13 8.82 -3.29
C PRO A 53 10.95 8.44 -4.54
N ASP A 54 11.02 7.14 -4.81
CA ASP A 54 11.87 6.64 -5.90
C ASP A 54 11.12 6.59 -7.22
N GLY A 55 10.07 5.79 -7.27
CA GLY A 55 9.36 5.57 -8.50
C GLY A 55 8.26 6.57 -8.71
N LYS A 56 7.72 6.62 -9.92
CA LYS A 56 6.60 7.49 -10.22
C LYS A 56 5.61 6.75 -11.12
N GLY A 57 4.35 6.79 -10.75
CA GLY A 57 3.34 6.13 -11.52
C GLY A 57 1.95 6.56 -11.13
N SER A 58 0.96 5.99 -11.77
CA SER A 58 -0.42 6.32 -11.49
C SER A 58 -1.07 5.25 -10.62
N LEU A 59 -1.43 5.63 -9.42
CA LEU A 59 -2.09 4.73 -8.48
C LEU A 59 -3.59 4.98 -8.49
N LYS A 60 -4.34 4.05 -9.03
CA LYS A 60 -5.79 4.21 -9.16
C LYS A 60 -6.52 3.04 -8.54
N MET A 61 -7.78 3.25 -8.17
CA MET A 61 -8.59 2.17 -7.63
C MET A 61 -9.44 1.55 -8.74
N GLU A 62 -10.17 0.50 -8.41
CA GLU A 62 -11.04 -0.17 -9.36
C GLU A 62 -12.18 0.76 -9.77
N ASP A 63 -12.62 1.57 -8.80
CA ASP A 63 -13.68 2.55 -9.03
C ASP A 63 -13.31 3.54 -10.14
N GLY A 64 -12.01 3.72 -10.36
CA GLY A 64 -11.56 4.58 -11.44
C GLY A 64 -10.83 5.80 -10.94
N THR A 65 -11.18 6.26 -9.75
CA THR A 65 -10.56 7.43 -9.15
C THR A 65 -9.05 7.22 -8.99
N VAL A 66 -8.28 8.18 -9.48
CA VAL A 66 -6.84 8.14 -9.33
C VAL A 66 -6.43 8.81 -8.03
N LEU A 67 -5.59 8.12 -7.27
CA LEU A 67 -5.15 8.60 -5.98
C LEU A 67 -4.01 9.60 -6.14
N LYS A 68 -3.93 10.56 -5.24
CA LYS A 68 -3.00 11.66 -5.40
C LYS A 68 -1.78 11.49 -4.51
N PRO A 69 -0.62 11.21 -5.12
CA PRO A 69 0.65 11.09 -4.41
C PRO A 69 1.18 12.46 -3.99
N ASN A 70 0.62 12.98 -2.90
CA ASN A 70 0.88 14.33 -2.42
C ASN A 70 -0.22 14.72 -1.43
N ASP A 71 -1.42 14.22 -1.71
CA ASP A 71 -2.59 14.58 -0.92
C ASP A 71 -3.05 13.37 -0.08
N ARG A 72 -4.31 13.39 0.36
CA ARG A 72 -4.81 12.36 1.26
C ARG A 72 -6.16 11.84 0.78
N TYR A 73 -6.41 10.56 1.03
CA TYR A 73 -7.70 9.97 0.74
C TYR A 73 -8.15 9.08 1.91
N LEU A 74 -9.30 9.40 2.47
CA LEU A 74 -9.89 8.55 3.49
C LEU A 74 -10.90 7.62 2.84
N LEU A 75 -10.79 6.33 3.11
CA LEU A 75 -11.57 5.33 2.40
C LEU A 75 -12.72 4.82 3.26
N ASN A 76 -13.76 4.35 2.58
CA ASN A 76 -14.90 3.73 3.24
C ASN A 76 -14.71 2.22 3.26
N GLU A 77 -13.91 1.75 2.32
CA GLU A 77 -13.68 0.33 2.14
C GLU A 77 -12.44 -0.12 2.90
N TRP A 78 -12.54 -1.26 3.56
CA TRP A 78 -11.42 -1.84 4.27
C TRP A 78 -10.80 -2.96 3.44
N LYS A 79 -11.50 -3.31 2.37
CA LYS A 79 -11.00 -4.26 1.38
C LYS A 79 -11.02 -3.60 0.01
N PHE A 80 -9.89 -3.61 -0.69
CA PHE A 80 -9.81 -2.92 -1.97
C PHE A 80 -8.59 -3.36 -2.76
N ARG A 81 -8.57 -3.01 -4.04
CA ARG A 81 -7.42 -3.23 -4.89
C ARG A 81 -6.88 -1.89 -5.37
N LEU A 82 -5.56 -1.77 -5.40
CA LEU A 82 -4.93 -0.59 -5.94
C LEU A 82 -4.19 -0.97 -7.21
N TYR A 83 -4.28 -0.13 -8.23
CA TYR A 83 -3.60 -0.37 -9.47
C TYR A 83 -2.49 0.63 -9.67
N TYR A 84 -1.26 0.15 -9.65
CA TYR A 84 -0.10 1.00 -9.81
C TYR A 84 0.49 0.81 -11.20
N THR A 85 0.33 1.83 -12.03
CA THR A 85 0.92 1.84 -13.36
C THR A 85 2.21 2.65 -13.35
N SER A 86 3.35 1.98 -13.46
CA SER A 86 4.65 2.63 -13.43
C SER A 86 4.86 3.51 -14.67
N GLN A 87 4.91 4.81 -14.45
CA GLN A 87 5.13 5.76 -15.53
C GLN A 87 6.62 5.98 -15.73
N SER A 88 7.36 6.01 -14.64
CA SER A 88 8.79 6.24 -14.70
C SER A 88 9.54 5.24 -13.81
N ASP A 89 10.45 4.50 -14.42
CA ASP A 89 11.24 3.51 -13.69
C ASP A 89 12.69 3.97 -13.57
N LYS A 90 13.27 3.73 -12.41
CA LYS A 90 14.65 4.13 -12.15
C LYS A 90 15.55 2.92 -11.97
N GLU A 91 15.12 2.02 -11.10
CA GLU A 91 15.86 0.80 -10.77
C GLU A 91 15.07 -0.01 -9.76
N ALA A 92 14.74 0.66 -8.66
CA ALA A 92 13.87 0.09 -7.64
C ALA A 92 12.79 1.10 -7.32
N GLN A 93 11.54 0.70 -7.50
CA GLN A 93 10.43 1.63 -7.36
C GLN A 93 9.83 1.55 -5.97
N THR A 94 10.12 2.54 -5.15
CA THR A 94 9.66 2.57 -3.78
C THR A 94 8.51 3.56 -3.62
N ILE A 95 7.42 3.10 -3.03
CA ILE A 95 6.29 3.96 -2.70
C ILE A 95 5.94 3.83 -1.23
N ASP A 96 5.57 4.95 -0.61
CA ASP A 96 5.24 4.94 0.81
C ASP A 96 3.76 5.24 1.02
N LEU A 97 3.05 4.29 1.59
CA LEU A 97 1.64 4.45 1.88
C LEU A 97 1.44 4.80 3.35
N TYR A 98 1.07 6.04 3.60
CA TYR A 98 0.85 6.50 4.96
C TYR A 98 -0.59 6.30 5.39
N PHE A 99 -0.82 5.23 6.14
CA PHE A 99 -2.12 5.04 6.77
C PHE A 99 -2.11 5.74 8.12
N GLU A 100 -2.97 6.70 8.29
CA GLU A 100 -3.00 7.46 9.53
C GLU A 100 -4.19 7.01 10.36
N ASP A 101 -3.88 6.57 11.58
CA ASP A 101 -4.83 5.92 12.45
C ASP A 101 -5.37 6.91 13.47
N ASN A 102 -6.49 6.56 14.10
CA ASN A 102 -7.13 7.43 15.08
C ASN A 102 -6.59 7.18 16.48
N TRP A 103 -6.14 5.95 16.73
CA TRP A 103 -5.59 5.58 18.02
C TRP A 103 -4.19 5.01 17.89
N GLY A 104 -3.93 4.34 16.77
CA GLY A 104 -2.61 3.80 16.52
C GLY A 104 -1.68 4.85 15.91
N ASN A 105 -2.26 6.02 15.64
CA ASN A 105 -1.52 7.18 15.12
C ASN A 105 -1.07 6.98 13.67
N LEU A 106 -0.15 6.05 13.45
CA LEU A 106 0.41 5.86 12.11
C LEU A 106 0.67 4.39 11.83
N GLN A 107 0.23 3.95 10.66
CA GLN A 107 0.57 2.65 10.12
C GLN A 107 1.18 2.83 8.74
N GLN A 108 2.47 2.57 8.60
CA GLN A 108 3.14 2.81 7.33
C GLN A 108 3.44 1.51 6.61
N LEU A 109 2.95 1.40 5.39
CA LEU A 109 3.27 0.27 4.54
C LEU A 109 4.12 0.74 3.37
N THR A 110 5.38 0.37 3.37
CA THR A 110 6.28 0.81 2.33
C THR A 110 6.48 -0.32 1.31
N TYR A 111 6.20 -0.03 0.06
CA TYR A 111 6.29 -1.02 -0.99
C TYR A 111 7.41 -0.70 -1.95
N ASP A 112 8.45 -1.51 -1.93
CA ASP A 112 9.56 -1.36 -2.85
C ASP A 112 9.50 -2.45 -3.91
N PHE A 113 9.30 -2.04 -5.15
CA PHE A 113 9.20 -2.96 -6.26
C PHE A 113 10.53 -3.04 -6.98
N ASN A 114 10.80 -4.18 -7.59
CA ASN A 114 12.05 -4.40 -8.33
C ASN A 114 13.21 -4.38 -7.35
N GLY A 115 12.91 -4.71 -6.10
CA GLY A 115 13.88 -4.68 -5.04
C GLY A 115 15.07 -5.57 -5.32
N LYS A 116 16.25 -4.98 -5.30
CA LYS A 116 17.47 -5.70 -5.60
C LYS A 116 18.51 -5.46 -4.52
N LEU A 117 18.46 -6.29 -3.49
CA LEU A 117 19.46 -6.24 -2.44
C LEU A 117 20.71 -6.97 -2.91
N GLU A 118 21.69 -6.20 -3.35
CA GLU A 118 22.88 -6.76 -3.96
C GLU A 118 23.97 -6.98 -2.91
N HIS A 119 24.98 -7.75 -3.29
CA HIS A 119 26.09 -8.03 -2.40
C HIS A 119 27.40 -7.55 -3.01
N HIS A 120 27.73 -6.31 -2.74
CA HIS A 120 28.99 -5.72 -3.19
C HIS A 120 29.65 -5.06 -2.00
N HIS A 121 30.90 -4.66 -2.15
CA HIS A 121 31.57 -3.92 -1.10
C HIS A 121 30.98 -2.52 -1.02
N HIS A 122 30.11 -2.30 -0.05
CA HIS A 122 29.40 -1.04 0.09
C HIS A 122 29.52 -0.54 1.52
N HIS A 123 29.26 0.75 1.72
CA HIS A 123 29.25 1.30 3.07
C HIS A 123 27.89 1.04 3.68
N HIS A 124 26.89 1.77 3.21
CA HIS A 124 25.51 1.55 3.58
C HIS A 124 24.64 1.59 2.34
N MET A 1 -10.64 -14.43 23.70
CA MET A 1 -10.87 -14.53 25.15
C MET A 1 -9.58 -14.22 25.91
N ASN A 2 -9.58 -14.48 27.22
CA ASN A 2 -8.44 -14.19 28.09
C ASN A 2 -8.17 -12.70 28.13
N GLU A 3 -8.87 -12.01 29.02
CA GLU A 3 -8.76 -10.56 29.13
C GLU A 3 -7.84 -10.18 30.29
N LEU A 4 -6.58 -9.93 29.99
CA LEU A 4 -5.66 -9.37 30.97
C LEU A 4 -6.00 -7.90 31.15
N ASP A 5 -5.90 -7.16 30.06
CA ASP A 5 -6.29 -5.76 30.01
C ASP A 5 -6.28 -5.30 28.56
N ILE A 6 -6.50 -4.01 28.32
CA ILE A 6 -6.52 -3.48 26.98
C ILE A 6 -5.09 -3.14 26.52
N GLN A 7 -4.13 -3.61 27.30
CA GLN A 7 -2.71 -3.41 27.00
C GLN A 7 -2.27 -4.35 25.87
N GLN A 8 -3.13 -5.32 25.56
CA GLN A 8 -2.87 -6.27 24.48
C GLN A 8 -2.98 -5.56 23.13
N GLU A 9 -1.86 -5.45 22.43
CA GLU A 9 -1.80 -4.70 21.18
C GLU A 9 -2.25 -5.58 20.01
N TYR A 10 -1.86 -5.17 18.80
CA TYR A 10 -2.25 -5.85 17.56
C TYR A 10 -3.77 -5.80 17.41
N PRO A 11 -4.34 -4.60 17.19
CA PRO A 11 -5.78 -4.42 17.03
C PRO A 11 -6.27 -4.90 15.67
N PHE A 12 -5.89 -4.20 14.62
CA PHE A 12 -6.33 -4.52 13.28
C PHE A 12 -5.29 -5.39 12.56
N THR A 13 -5.77 -6.29 11.72
CA THR A 13 -4.90 -7.16 10.96
C THR A 13 -4.69 -6.58 9.57
N VAL A 14 -3.45 -6.46 9.16
CA VAL A 14 -3.12 -5.87 7.88
C VAL A 14 -2.77 -6.96 6.87
N GLU A 15 -3.60 -7.11 5.87
CA GLU A 15 -3.41 -8.13 4.85
C GLU A 15 -2.89 -7.52 3.57
N SER A 16 -1.78 -8.05 3.10
CA SER A 16 -1.18 -7.58 1.86
C SER A 16 -0.79 -8.77 1.00
N MET A 17 -1.32 -8.83 -0.22
CA MET A 17 -1.03 -9.94 -1.11
C MET A 17 0.35 -9.77 -1.73
N PRO A 18 1.08 -10.89 -1.92
CA PRO A 18 2.43 -10.86 -2.49
C PRO A 18 2.46 -10.20 -3.87
N VAL A 19 3.06 -9.01 -3.93
CA VAL A 19 3.18 -8.27 -5.17
C VAL A 19 4.64 -8.00 -5.49
N ALA A 20 5.52 -8.69 -4.78
CA ALA A 20 6.95 -8.48 -4.91
C ALA A 20 7.54 -9.26 -6.08
N ASP A 21 6.70 -9.61 -7.05
CA ASP A 21 7.15 -10.32 -8.24
C ASP A 21 8.11 -9.45 -9.05
N GLU A 22 7.54 -8.51 -9.79
CA GLU A 22 8.31 -7.47 -10.49
C GLU A 22 7.38 -6.67 -11.40
N ILE A 23 7.81 -5.46 -11.76
CA ILE A 23 7.05 -4.59 -12.64
C ILE A 23 7.92 -4.20 -13.84
N ALA A 24 7.28 -3.82 -14.95
CA ALA A 24 7.99 -3.30 -16.09
C ALA A 24 7.88 -1.78 -16.13
N GLY A 25 8.71 -1.13 -16.94
CA GLY A 25 8.67 0.32 -17.05
C GLY A 25 7.31 0.84 -17.46
N ASP A 26 6.61 0.05 -18.26
CA ASP A 26 5.26 0.37 -18.70
C ASP A 26 4.34 -0.81 -18.41
N GLU A 27 3.78 -0.83 -17.21
CA GLU A 27 3.01 -1.98 -16.73
C GLU A 27 2.06 -1.54 -15.62
N THR A 28 1.00 -2.33 -15.40
CA THR A 28 0.03 -2.04 -14.35
C THR A 28 -0.18 -3.27 -13.47
N VAL A 29 0.20 -3.16 -12.20
CA VAL A 29 0.04 -4.26 -11.26
C VAL A 29 -1.14 -4.01 -10.34
N GLU A 30 -1.78 -5.09 -9.89
CA GLU A 30 -2.92 -4.98 -9.01
C GLU A 30 -2.50 -5.26 -7.56
N ILE A 31 -2.65 -4.25 -6.72
CA ILE A 31 -2.29 -4.37 -5.33
C ILE A 31 -3.53 -4.68 -4.49
N ARG A 32 -3.55 -5.86 -3.89
CA ARG A 32 -4.70 -6.27 -3.09
C ARG A 32 -4.34 -6.22 -1.61
N LEU A 33 -5.07 -5.41 -0.86
CA LEU A 33 -4.82 -5.29 0.57
C LEU A 33 -6.12 -5.24 1.35
N GLU A 34 -6.09 -5.80 2.55
CA GLU A 34 -7.27 -5.84 3.41
C GLU A 34 -6.91 -5.44 4.82
N ILE A 35 -7.41 -4.30 5.26
CA ILE A 35 -7.24 -3.91 6.66
C ILE A 35 -8.41 -4.43 7.46
N LYS A 36 -8.19 -5.53 8.17
CA LYS A 36 -9.24 -6.17 8.96
C LYS A 36 -9.25 -5.61 10.37
N PRO A 37 -10.21 -4.73 10.68
CA PRO A 37 -10.28 -4.06 11.97
C PRO A 37 -10.93 -4.92 13.04
N SER A 38 -10.21 -5.13 14.14
CA SER A 38 -10.77 -5.77 15.30
C SER A 38 -11.06 -4.71 16.36
N GLY A 39 -12.33 -4.39 16.52
CA GLY A 39 -12.71 -3.28 17.35
C GLY A 39 -13.26 -2.16 16.52
N ASN A 40 -14.45 -2.36 15.99
CA ASN A 40 -15.02 -1.45 15.01
C ASN A 40 -15.63 -0.21 15.67
N PHE A 41 -14.82 0.81 15.86
CA PHE A 41 -15.30 2.08 16.34
C PHE A 41 -15.86 2.87 15.16
N ILE A 42 -17.17 2.91 15.02
CA ILE A 42 -17.79 3.62 13.92
C ILE A 42 -17.63 5.13 14.10
N GLY A 43 -17.21 5.81 13.03
CA GLY A 43 -16.97 7.23 13.11
C GLY A 43 -15.56 7.54 13.57
N THR A 44 -14.65 6.59 13.36
CA THR A 44 -13.25 6.76 13.72
C THR A 44 -12.60 7.85 12.87
N VAL A 45 -13.05 7.95 11.62
CA VAL A 45 -12.49 8.89 10.65
C VAL A 45 -11.04 8.54 10.32
N TYR A 46 -10.89 7.69 9.32
CA TYR A 46 -9.57 7.28 8.86
C TYR A 46 -9.17 8.10 7.64
N THR A 47 -7.94 7.94 7.20
CA THR A 47 -7.46 8.65 6.04
C THR A 47 -6.24 7.94 5.43
N LEU A 48 -6.13 8.00 4.12
CA LEU A 48 -5.02 7.41 3.41
C LEU A 48 -4.10 8.50 2.89
N ARG A 49 -2.84 8.44 3.28
CA ARG A 49 -1.86 9.41 2.85
C ARG A 49 -0.85 8.73 1.95
N TYR A 50 -0.88 9.06 0.67
CA TYR A 50 -0.05 8.38 -0.32
C TYR A 50 1.11 9.27 -0.72
N PHE A 51 2.30 8.69 -0.78
CA PHE A 51 3.48 9.42 -1.17
C PHE A 51 4.53 8.48 -1.77
N GLN A 52 5.31 8.99 -2.71
CA GLN A 52 6.38 8.20 -3.32
C GLN A 52 7.70 8.96 -3.22
N PRO A 53 8.54 8.64 -2.21
CA PRO A 53 9.80 9.34 -1.97
C PRO A 53 10.93 8.81 -2.84
N ASP A 54 10.60 7.90 -3.74
CA ASP A 54 11.61 7.26 -4.58
C ASP A 54 11.18 7.25 -6.04
N GLY A 55 10.25 6.36 -6.38
CA GLY A 55 9.83 6.23 -7.77
C GLY A 55 8.59 7.06 -8.06
N LYS A 56 8.09 6.96 -9.29
CA LYS A 56 6.93 7.72 -9.70
C LYS A 56 6.01 6.85 -10.57
N GLY A 57 4.72 6.90 -10.28
CA GLY A 57 3.76 6.13 -11.04
C GLY A 57 2.34 6.58 -10.77
N SER A 58 1.36 5.92 -11.37
CA SER A 58 -0.03 6.26 -11.18
C SER A 58 -0.76 5.17 -10.40
N LEU A 59 -1.18 5.49 -9.19
CA LEU A 59 -1.93 4.54 -8.37
C LEU A 59 -3.43 4.76 -8.56
N LYS A 60 -4.06 3.88 -9.31
CA LYS A 60 -5.45 4.05 -9.68
C LYS A 60 -6.35 3.11 -8.87
N MET A 61 -7.50 3.62 -8.44
CA MET A 61 -8.51 2.79 -7.81
C MET A 61 -9.15 1.88 -8.84
N GLU A 62 -9.81 0.82 -8.37
CA GLU A 62 -10.48 -0.15 -9.25
C GLU A 62 -11.36 0.55 -10.29
N ASP A 63 -10.80 0.72 -11.49
CA ASP A 63 -11.52 1.32 -12.61
C ASP A 63 -12.00 2.73 -12.27
N GLY A 64 -11.35 3.35 -11.28
CA GLY A 64 -11.83 4.63 -10.78
C GLY A 64 -10.74 5.66 -10.63
N THR A 65 -10.89 6.49 -9.60
CA THR A 65 -10.02 7.65 -9.36
C THR A 65 -8.55 7.27 -9.22
N VAL A 66 -7.70 8.05 -9.86
CA VAL A 66 -6.25 7.90 -9.72
C VAL A 66 -5.73 8.77 -8.58
N LEU A 67 -4.99 8.16 -7.68
CA LEU A 67 -4.46 8.84 -6.50
C LEU A 67 -3.08 9.42 -6.80
N LYS A 68 -2.70 10.47 -6.08
CA LYS A 68 -1.40 11.10 -6.29
C LYS A 68 -0.68 11.40 -4.98
N PRO A 69 0.65 11.25 -4.97
CA PRO A 69 1.49 11.48 -3.79
C PRO A 69 1.34 12.88 -3.21
N ASN A 70 1.38 12.98 -1.87
CA ASN A 70 1.31 14.25 -1.14
C ASN A 70 -0.15 14.71 -1.04
N ASP A 71 -1.03 14.04 -1.76
CA ASP A 71 -2.45 14.34 -1.70
C ASP A 71 -3.15 13.33 -0.80
N ARG A 72 -3.88 13.82 0.19
CA ARG A 72 -4.47 12.94 1.19
C ARG A 72 -5.94 12.68 0.89
N TYR A 73 -6.38 11.47 1.18
CA TYR A 73 -7.77 11.08 0.95
C TYR A 73 -8.35 10.52 2.24
N LEU A 74 -9.63 10.74 2.47
CA LEU A 74 -10.29 10.23 3.67
C LEU A 74 -10.49 8.73 3.56
N LEU A 75 -10.10 8.18 2.40
CA LEU A 75 -10.11 6.75 2.13
C LEU A 75 -11.54 6.22 1.96
N ASN A 76 -11.67 5.24 1.07
CA ASN A 76 -12.97 4.64 0.80
C ASN A 76 -13.37 3.68 1.92
N GLU A 77 -12.61 2.61 2.07
CA GLU A 77 -12.96 1.59 3.05
C GLU A 77 -11.70 0.85 3.48
N TRP A 78 -11.86 -0.15 4.34
CA TRP A 78 -10.74 -0.87 4.91
C TRP A 78 -10.15 -1.87 3.92
N LYS A 79 -11.02 -2.47 3.13
CA LYS A 79 -10.61 -3.42 2.11
C LYS A 79 -10.74 -2.83 0.72
N PHE A 80 -9.66 -2.86 -0.06
CA PHE A 80 -9.69 -2.33 -1.42
C PHE A 80 -8.56 -2.89 -2.27
N ARG A 81 -8.70 -2.74 -3.58
CA ARG A 81 -7.67 -3.17 -4.52
C ARG A 81 -7.23 -1.98 -5.37
N LEU A 82 -5.94 -1.90 -5.64
CA LEU A 82 -5.37 -0.78 -6.36
C LEU A 82 -4.71 -1.25 -7.66
N TYR A 83 -4.64 -0.35 -8.63
CA TYR A 83 -3.92 -0.61 -9.87
C TYR A 83 -2.78 0.39 -10.03
N TYR A 84 -1.57 -0.07 -9.86
CA TYR A 84 -0.41 0.80 -9.96
C TYR A 84 0.20 0.72 -11.35
N THR A 85 0.04 1.77 -12.11
CA THR A 85 0.61 1.84 -13.45
C THR A 85 1.96 2.55 -13.42
N SER A 86 2.99 1.83 -13.84
CA SER A 86 4.32 2.39 -13.93
C SER A 86 4.45 3.23 -15.19
N GLN A 87 4.94 4.44 -15.01
CA GLN A 87 5.10 5.36 -16.13
C GLN A 87 6.52 5.94 -16.17
N SER A 88 7.25 5.77 -15.08
CA SER A 88 8.55 6.39 -14.96
C SER A 88 9.52 5.53 -14.16
N ASP A 89 9.74 4.31 -14.61
CA ASP A 89 10.72 3.42 -14.01
C ASP A 89 11.99 3.40 -14.86
N LYS A 90 13.11 3.69 -14.25
CA LYS A 90 14.40 3.57 -14.91
C LYS A 90 15.46 3.16 -13.90
N GLU A 91 14.99 2.86 -12.69
CA GLU A 91 15.87 2.53 -11.58
C GLU A 91 15.10 1.67 -10.57
N ALA A 92 14.13 2.30 -9.92
CA ALA A 92 13.28 1.61 -8.96
C ALA A 92 11.97 2.36 -8.76
N GLN A 93 10.99 1.68 -8.17
CA GLN A 93 9.71 2.30 -7.84
C GLN A 93 9.32 1.95 -6.42
N THR A 94 9.73 2.78 -5.47
CA THR A 94 9.40 2.56 -4.08
C THR A 94 8.31 3.53 -3.64
N ILE A 95 7.22 2.97 -3.12
CA ILE A 95 6.08 3.77 -2.68
C ILE A 95 5.92 3.65 -1.17
N ASP A 96 5.38 4.70 -0.55
CA ASP A 96 5.19 4.72 0.88
C ASP A 96 3.72 4.92 1.22
N LEU A 97 3.08 3.87 1.72
CA LEU A 97 1.67 3.92 2.06
C LEU A 97 1.47 4.25 3.53
N TYR A 98 0.98 5.45 3.80
CA TYR A 98 0.69 5.85 5.15
C TYR A 98 -0.78 5.63 5.47
N PHE A 99 -1.06 4.54 6.16
CA PHE A 99 -2.41 4.23 6.58
C PHE A 99 -2.68 4.81 7.96
N GLU A 100 -3.60 5.74 8.04
CA GLU A 100 -3.98 6.33 9.29
C GLU A 100 -5.44 5.99 9.56
N ASP A 101 -5.70 5.31 10.67
CA ASP A 101 -7.06 4.83 10.95
C ASP A 101 -7.67 5.52 12.16
N ASN A 102 -7.73 4.83 13.29
CA ASN A 102 -8.18 5.43 14.53
C ASN A 102 -7.16 6.45 14.97
N TRP A 103 -7.57 7.72 15.03
CA TRP A 103 -6.69 8.84 15.35
C TRP A 103 -5.65 8.48 16.41
N GLY A 104 -4.43 8.25 15.95
CA GLY A 104 -3.36 7.79 16.81
C GLY A 104 -2.63 6.61 16.20
N ASN A 105 -3.36 5.80 15.44
CA ASN A 105 -2.78 4.63 14.78
C ASN A 105 -2.26 5.00 13.41
N LEU A 106 -0.96 4.77 13.21
CA LEU A 106 -0.33 4.99 11.91
C LEU A 106 0.34 3.72 11.45
N GLN A 107 0.04 3.29 10.23
CA GLN A 107 0.61 2.09 9.66
C GLN A 107 1.36 2.44 8.38
N GLN A 108 2.68 2.32 8.41
CA GLN A 108 3.51 2.67 7.28
C GLN A 108 3.93 1.42 6.52
N LEU A 109 3.38 1.26 5.32
CA LEU A 109 3.73 0.12 4.48
C LEU A 109 4.46 0.61 3.24
N THR A 110 5.74 0.28 3.15
CA THR A 110 6.54 0.69 2.02
C THR A 110 6.80 -0.49 1.09
N TYR A 111 6.74 -0.24 -0.21
CA TYR A 111 6.90 -1.30 -1.20
C TYR A 111 7.97 -0.94 -2.21
N ASP A 112 8.98 -1.79 -2.30
CA ASP A 112 10.09 -1.58 -3.21
C ASP A 112 9.87 -2.36 -4.51
N PHE A 113 9.62 -1.64 -5.60
CA PHE A 113 9.47 -2.26 -6.91
C PHE A 113 10.60 -1.82 -7.82
N ASN A 114 10.72 -2.45 -8.98
CA ASN A 114 11.72 -2.09 -9.97
C ASN A 114 11.49 -2.83 -11.28
N GLY A 115 11.91 -2.21 -12.39
CA GLY A 115 11.83 -2.87 -13.68
C GLY A 115 13.15 -2.83 -14.41
N LYS A 116 14.18 -3.40 -13.79
CA LYS A 116 15.54 -3.33 -14.35
C LYS A 116 15.98 -4.66 -14.96
N LEU A 117 15.04 -5.54 -15.25
CA LEU A 117 15.37 -6.78 -15.94
C LEU A 117 14.99 -6.68 -17.41
N GLU A 118 13.79 -6.19 -17.68
CA GLU A 118 13.30 -6.06 -19.04
C GLU A 118 13.85 -4.82 -19.72
N HIS A 119 14.99 -4.97 -20.38
CA HIS A 119 15.57 -3.91 -21.16
C HIS A 119 14.78 -3.71 -22.45
N HIS A 120 14.06 -2.59 -22.52
CA HIS A 120 13.18 -2.29 -23.64
C HIS A 120 13.93 -2.37 -24.97
N HIS A 121 13.71 -3.44 -25.72
CA HIS A 121 14.44 -3.69 -26.98
C HIS A 121 13.86 -2.86 -28.13
N HIS A 122 13.77 -1.56 -27.91
CA HIS A 122 13.32 -0.62 -28.94
C HIS A 122 13.51 0.79 -28.41
N HIS A 123 14.17 1.63 -29.19
CA HIS A 123 14.42 3.00 -28.79
C HIS A 123 13.14 3.82 -28.88
N HIS A 124 12.63 4.22 -27.73
CA HIS A 124 11.44 5.05 -27.68
C HIS A 124 11.84 6.52 -27.82
N MET A 1 -5.03 -25.27 33.51
CA MET A 1 -4.97 -26.75 33.51
C MET A 1 -4.59 -27.26 32.12
N ASN A 2 -5.24 -26.72 31.11
CA ASN A 2 -4.96 -27.08 29.72
C ASN A 2 -3.60 -26.53 29.31
N GLU A 3 -2.81 -27.37 28.65
CA GLU A 3 -1.46 -26.99 28.23
C GLU A 3 -1.50 -26.09 27.01
N LEU A 4 -2.66 -26.02 26.37
CA LEU A 4 -2.87 -25.10 25.27
C LEU A 4 -3.34 -23.76 25.82
N ASP A 5 -2.41 -22.83 25.97
CA ASP A 5 -2.70 -21.52 26.53
C ASP A 5 -3.74 -20.80 25.71
N ILE A 6 -4.51 -19.93 26.36
CA ILE A 6 -5.50 -19.14 25.68
C ILE A 6 -4.80 -18.26 24.64
N GLN A 7 -5.39 -18.15 23.47
CA GLN A 7 -4.75 -17.47 22.35
C GLN A 7 -4.45 -16.02 22.69
N GLN A 8 -3.42 -15.48 22.05
CA GLN A 8 -2.96 -14.13 22.34
C GLN A 8 -3.89 -13.09 21.73
N GLU A 9 -3.50 -11.82 21.81
CA GLU A 9 -4.36 -10.75 21.34
C GLU A 9 -4.44 -10.70 19.82
N TYR A 10 -5.58 -10.28 19.32
CA TYR A 10 -5.79 -10.09 17.90
C TYR A 10 -6.34 -8.68 17.66
N PRO A 11 -5.44 -7.69 17.60
CA PRO A 11 -5.82 -6.28 17.46
C PRO A 11 -6.23 -5.93 16.03
N PHE A 12 -5.28 -6.03 15.11
CA PHE A 12 -5.54 -5.74 13.72
C PHE A 12 -4.59 -6.56 12.84
N THR A 13 -4.96 -6.76 11.60
CA THR A 13 -4.13 -7.53 10.69
C THR A 13 -4.12 -6.90 9.31
N VAL A 14 -2.92 -6.69 8.78
CA VAL A 14 -2.75 -6.15 7.45
C VAL A 14 -2.29 -7.25 6.50
N GLU A 15 -3.21 -7.76 5.70
CA GLU A 15 -2.92 -8.88 4.82
C GLU A 15 -3.00 -8.45 3.36
N SER A 16 -2.09 -8.98 2.55
CA SER A 16 -2.05 -8.67 1.14
C SER A 16 -1.60 -9.90 0.36
N MET A 17 -1.70 -9.83 -0.96
CA MET A 17 -1.31 -10.94 -1.81
C MET A 17 0.03 -10.67 -2.46
N PRO A 18 0.76 -11.72 -2.89
CA PRO A 18 2.05 -11.58 -3.56
C PRO A 18 1.97 -10.69 -4.79
N VAL A 19 2.91 -9.77 -4.92
CA VAL A 19 2.93 -8.85 -6.05
C VAL A 19 4.10 -9.18 -6.98
N ALA A 20 4.14 -8.50 -8.12
CA ALA A 20 5.15 -8.79 -9.14
C ALA A 20 6.47 -8.10 -8.82
N ASP A 21 7.53 -8.89 -8.77
CA ASP A 21 8.86 -8.37 -8.58
C ASP A 21 9.47 -8.02 -9.92
N GLU A 22 10.28 -6.98 -9.91
CA GLU A 22 10.85 -6.40 -11.13
C GLU A 22 9.76 -5.97 -12.10
N ILE A 23 9.27 -4.76 -11.91
CA ILE A 23 8.23 -4.22 -12.77
C ILE A 23 8.88 -3.48 -13.94
N ALA A 24 8.21 -3.45 -15.07
CA ALA A 24 8.76 -2.83 -16.26
C ALA A 24 8.36 -1.37 -16.36
N GLY A 25 8.57 -0.78 -17.53
CA GLY A 25 8.21 0.61 -17.75
C GLY A 25 6.72 0.80 -17.83
N ASP A 26 6.04 -0.21 -18.32
CA ASP A 26 4.59 -0.21 -18.40
C ASP A 26 4.06 -1.25 -17.41
N GLU A 27 2.85 -1.74 -17.68
CA GLU A 27 2.18 -2.72 -16.84
C GLU A 27 1.62 -2.08 -15.56
N THR A 28 0.40 -2.48 -15.22
CA THR A 28 -0.22 -2.05 -13.98
C THR A 28 -0.41 -3.24 -13.04
N VAL A 29 0.14 -3.13 -11.85
CA VAL A 29 0.06 -4.19 -10.86
C VAL A 29 -1.03 -3.86 -9.85
N GLU A 30 -1.99 -4.76 -9.68
CA GLU A 30 -3.03 -4.54 -8.70
C GLU A 30 -2.61 -5.10 -7.34
N ILE A 31 -2.87 -4.33 -6.30
CA ILE A 31 -2.48 -4.71 -4.96
C ILE A 31 -3.73 -4.85 -4.09
N ARG A 32 -4.07 -6.09 -3.76
CA ARG A 32 -5.21 -6.37 -2.90
C ARG A 32 -4.79 -6.27 -1.44
N LEU A 33 -5.51 -5.46 -0.67
CA LEU A 33 -5.15 -5.21 0.71
C LEU A 33 -6.35 -5.30 1.64
N GLU A 34 -6.19 -6.03 2.73
CA GLU A 34 -7.23 -6.13 3.75
C GLU A 34 -6.67 -5.78 5.12
N ILE A 35 -7.24 -4.76 5.75
CA ILE A 35 -6.86 -4.39 7.11
C ILE A 35 -8.06 -4.52 8.03
N LYS A 36 -8.14 -5.61 8.77
CA LYS A 36 -9.28 -5.81 9.66
C LYS A 36 -8.94 -5.29 11.06
N PRO A 37 -9.71 -4.31 11.54
CA PRO A 37 -9.57 -3.77 12.89
C PRO A 37 -10.47 -4.50 13.88
N SER A 38 -9.87 -5.36 14.68
CA SER A 38 -10.62 -6.16 15.65
C SER A 38 -10.57 -5.51 17.03
N GLY A 39 -9.93 -4.34 17.10
CA GLY A 39 -9.92 -3.57 18.32
C GLY A 39 -10.76 -2.31 18.19
N ASN A 40 -11.71 -2.13 19.11
CA ASN A 40 -12.64 -1.00 19.08
C ASN A 40 -13.67 -1.17 17.96
N PHE A 41 -14.83 -0.57 18.13
CA PHE A 41 -15.87 -0.61 17.10
C PHE A 41 -15.40 0.16 15.86
N ILE A 42 -15.98 -0.16 14.71
CA ILE A 42 -15.58 0.44 13.44
C ILE A 42 -16.09 1.87 13.29
N GLY A 43 -15.96 2.65 14.35
CA GLY A 43 -16.37 4.03 14.32
C GLY A 43 -15.22 4.94 14.01
N THR A 44 -14.10 4.34 13.64
CA THR A 44 -12.90 5.07 13.30
C THR A 44 -12.93 5.52 11.83
N VAL A 45 -12.43 6.72 11.57
CA VAL A 45 -12.42 7.26 10.22
C VAL A 45 -11.15 6.83 9.49
N TYR A 46 -11.32 5.98 8.49
CA TYR A 46 -10.20 5.44 7.75
C TYR A 46 -9.70 6.44 6.70
N THR A 47 -8.50 6.95 6.91
CA THR A 47 -7.92 7.94 6.03
C THR A 47 -6.75 7.35 5.25
N LEU A 48 -6.68 7.66 3.96
CA LEU A 48 -5.62 7.17 3.10
C LEU A 48 -4.75 8.33 2.59
N ARG A 49 -3.45 8.19 2.74
CA ARG A 49 -2.52 9.19 2.23
C ARG A 49 -1.43 8.53 1.40
N TYR A 50 -1.18 9.06 0.23
CA TYR A 50 -0.20 8.50 -0.69
C TYR A 50 1.09 9.30 -0.72
N PHE A 51 2.21 8.60 -0.85
CA PHE A 51 3.52 9.22 -0.97
C PHE A 51 4.38 8.44 -1.97
N GLN A 52 5.19 9.16 -2.73
CA GLN A 52 6.13 8.53 -3.64
C GLN A 52 7.45 9.30 -3.62
N PRO A 53 8.43 8.81 -2.84
CA PRO A 53 9.73 9.46 -2.69
C PRO A 53 10.69 9.19 -3.84
N ASP A 54 10.84 7.92 -4.20
CA ASP A 54 11.84 7.51 -5.18
C ASP A 54 11.25 6.54 -6.20
N GLY A 55 11.05 7.02 -7.41
CA GLY A 55 10.52 6.19 -8.48
C GLY A 55 9.67 6.98 -9.45
N LYS A 56 9.24 6.31 -10.53
CA LYS A 56 8.37 6.96 -11.51
C LYS A 56 7.13 6.10 -11.75
N GLY A 57 5.97 6.72 -11.73
CA GLY A 57 4.73 6.00 -11.88
C GLY A 57 3.62 6.61 -11.06
N SER A 58 2.45 6.01 -11.12
CA SER A 58 1.30 6.52 -10.39
C SER A 58 0.45 5.37 -9.85
N LEU A 59 -0.09 5.57 -8.66
CA LEU A 59 -0.93 4.56 -8.02
C LEU A 59 -2.37 5.05 -7.96
N LYS A 60 -3.29 4.20 -8.35
CA LYS A 60 -4.70 4.51 -8.28
C LYS A 60 -5.44 3.39 -7.55
N MET A 61 -6.72 3.57 -7.34
CA MET A 61 -7.54 2.53 -6.74
C MET A 61 -8.10 1.62 -7.83
N GLU A 62 -9.11 0.82 -7.49
CA GLU A 62 -9.69 -0.14 -8.42
C GLU A 62 -10.19 0.54 -9.69
N ASP A 63 -9.34 0.50 -10.72
CA ASP A 63 -9.64 1.01 -12.05
C ASP A 63 -10.09 2.47 -12.01
N GLY A 64 -9.47 3.26 -11.15
CA GLY A 64 -9.78 4.67 -11.07
C GLY A 64 -9.28 5.29 -9.79
N THR A 65 -9.56 6.58 -9.61
CA THR A 65 -9.14 7.33 -8.43
C THR A 65 -7.62 7.32 -8.28
N VAL A 66 -6.96 8.25 -8.93
CA VAL A 66 -5.50 8.34 -8.86
C VAL A 66 -5.07 8.98 -7.54
N LEU A 67 -4.15 8.35 -6.85
CA LEU A 67 -3.64 8.86 -5.60
C LEU A 67 -2.50 9.84 -5.86
N LYS A 68 -2.35 10.82 -4.99
CA LYS A 68 -1.41 11.91 -5.21
C LYS A 68 -0.51 12.09 -3.99
N PRO A 69 0.73 12.56 -4.21
CA PRO A 69 1.66 12.82 -3.11
C PRO A 69 1.08 13.81 -2.09
N ASN A 70 0.88 13.31 -0.86
CA ASN A 70 0.37 14.13 0.24
C ASN A 70 -1.11 14.45 0.06
N ASP A 71 -1.85 13.47 -0.44
CA ASP A 71 -3.29 13.57 -0.54
C ASP A 71 -3.94 13.11 0.76
N ARG A 72 -5.26 13.15 0.82
CA ARG A 72 -5.97 12.66 1.97
C ARG A 72 -7.37 12.17 1.56
N TYR A 73 -7.49 10.89 1.31
CA TYR A 73 -8.77 10.29 0.94
C TYR A 73 -9.46 9.67 2.13
N LEU A 74 -10.78 9.78 2.17
CA LEU A 74 -11.57 9.18 3.24
C LEU A 74 -12.24 7.92 2.71
N LEU A 75 -11.89 6.78 3.28
CA LEU A 75 -12.44 5.51 2.85
C LEU A 75 -13.38 4.95 3.91
N ASN A 76 -14.51 4.42 3.46
CA ASN A 76 -15.47 3.82 4.36
C ASN A 76 -15.07 2.39 4.70
N GLU A 77 -14.57 1.68 3.68
CA GLU A 77 -14.24 0.27 3.83
C GLU A 77 -12.76 0.08 4.15
N TRP A 78 -12.45 -1.02 4.82
CA TRP A 78 -11.09 -1.29 5.28
C TRP A 78 -10.40 -2.32 4.38
N LYS A 79 -11.08 -2.77 3.34
CA LYS A 79 -10.49 -3.67 2.37
C LYS A 79 -10.78 -3.18 0.96
N PHE A 80 -9.77 -3.27 0.10
CA PHE A 80 -9.89 -2.78 -1.27
C PHE A 80 -8.70 -3.23 -2.10
N ARG A 81 -8.70 -2.85 -3.36
CA ARG A 81 -7.60 -3.15 -4.26
C ARG A 81 -7.04 -1.87 -4.87
N LEU A 82 -5.74 -1.84 -5.08
CA LEU A 82 -5.10 -0.70 -5.70
C LEU A 82 -4.51 -1.10 -7.05
N TYR A 83 -4.31 -0.12 -7.93
CA TYR A 83 -3.70 -0.36 -9.23
C TYR A 83 -2.49 0.54 -9.43
N TYR A 84 -1.32 -0.06 -9.43
CA TYR A 84 -0.10 0.69 -9.61
C TYR A 84 0.37 0.64 -11.06
N THR A 85 0.22 1.75 -11.75
CA THR A 85 0.64 1.85 -13.13
C THR A 85 2.04 2.43 -13.22
N SER A 86 2.95 1.65 -13.81
CA SER A 86 4.34 2.07 -13.93
C SER A 86 4.50 3.10 -15.04
N GLN A 87 5.42 4.03 -14.83
CA GLN A 87 5.71 5.07 -15.81
C GLN A 87 7.22 5.28 -15.91
N SER A 88 7.97 4.23 -15.58
CA SER A 88 9.42 4.29 -15.58
C SER A 88 10.01 3.63 -16.82
N ASP A 89 11.32 3.41 -16.77
CA ASP A 89 12.03 2.64 -17.78
C ASP A 89 12.90 1.61 -17.07
N LYS A 90 13.73 2.09 -16.14
CA LYS A 90 14.55 1.26 -15.27
C LYS A 90 14.71 1.96 -13.93
N GLU A 91 13.87 1.63 -12.98
CA GLU A 91 13.85 2.34 -11.70
C GLU A 91 13.41 1.43 -10.56
N ALA A 92 13.90 1.70 -9.36
CA ALA A 92 13.44 1.02 -8.17
C ALA A 92 12.27 1.78 -7.58
N GLN A 93 11.10 1.53 -8.15
CA GLN A 93 9.91 2.33 -7.89
C GLN A 93 9.39 2.08 -6.48
N THR A 94 9.66 3.02 -5.59
CA THR A 94 9.31 2.89 -4.19
C THR A 94 8.18 3.85 -3.82
N ILE A 95 7.08 3.29 -3.33
CA ILE A 95 5.95 4.08 -2.89
C ILE A 95 5.66 3.83 -1.41
N ASP A 96 5.11 4.83 -0.75
CA ASP A 96 4.75 4.70 0.66
C ASP A 96 3.27 4.94 0.85
N LEU A 97 2.60 3.99 1.48
CA LEU A 97 1.19 4.10 1.76
C LEU A 97 0.94 4.44 3.22
N TYR A 98 0.41 5.62 3.46
CA TYR A 98 0.14 6.08 4.82
C TYR A 98 -1.32 5.89 5.17
N PHE A 99 -1.60 4.91 6.01
CA PHE A 99 -2.95 4.68 6.49
C PHE A 99 -3.14 5.41 7.80
N GLU A 100 -4.03 6.39 7.78
CA GLU A 100 -4.19 7.29 8.91
C GLU A 100 -5.55 7.06 9.57
N ASP A 101 -5.54 6.82 10.87
CA ASP A 101 -6.79 6.64 11.62
C ASP A 101 -7.27 7.98 12.16
N ASN A 102 -8.54 8.02 12.57
CA ASN A 102 -9.14 9.21 13.16
C ASN A 102 -8.44 9.56 14.46
N TRP A 103 -7.98 8.53 15.18
CA TRP A 103 -7.30 8.73 16.46
C TRP A 103 -5.79 8.69 16.23
N GLY A 104 -5.05 8.48 17.32
CA GLY A 104 -3.60 8.43 17.23
C GLY A 104 -3.11 7.09 16.71
N ASN A 105 -3.29 6.86 15.42
CA ASN A 105 -2.85 5.62 14.80
C ASN A 105 -2.49 5.87 13.34
N LEU A 106 -1.32 5.36 12.94
CA LEU A 106 -0.83 5.54 11.58
C LEU A 106 0.04 4.35 11.18
N GLN A 107 -0.26 3.75 10.04
CA GLN A 107 0.56 2.68 9.50
C GLN A 107 1.07 3.06 8.12
N GLN A 108 2.38 3.01 7.93
CA GLN A 108 2.95 3.29 6.63
C GLN A 108 3.63 2.06 6.05
N LEU A 109 3.18 1.67 4.86
CA LEU A 109 3.74 0.51 4.19
C LEU A 109 4.53 0.95 2.98
N THR A 110 5.79 0.56 2.94
CA THR A 110 6.66 0.91 1.84
C THR A 110 6.70 -0.23 0.82
N TYR A 111 6.36 0.08 -0.42
CA TYR A 111 6.37 -0.91 -1.49
C TYR A 111 7.32 -0.48 -2.59
N ASP A 112 8.44 -1.17 -2.68
CA ASP A 112 9.43 -0.88 -3.70
C ASP A 112 9.46 -2.00 -4.73
N PHE A 113 9.20 -1.65 -5.97
CA PHE A 113 9.13 -2.61 -7.06
C PHE A 113 10.40 -2.54 -7.90
N ASN A 114 10.86 -3.72 -8.35
CA ASN A 114 12.05 -3.84 -9.18
C ASN A 114 13.32 -3.61 -8.36
N GLY A 115 13.98 -4.70 -8.00
CA GLY A 115 15.17 -4.62 -7.20
C GLY A 115 16.34 -5.33 -7.83
N LYS A 116 16.46 -5.20 -9.13
CA LYS A 116 17.55 -5.83 -9.85
C LYS A 116 18.75 -4.88 -9.91
N LEU A 117 19.71 -5.10 -9.01
CA LEU A 117 20.86 -4.22 -8.88
C LEU A 117 21.80 -4.35 -10.06
N GLU A 118 22.42 -5.53 -10.19
CA GLU A 118 23.38 -5.82 -11.24
C GLU A 118 24.63 -4.94 -11.13
N HIS A 119 25.49 -5.04 -12.13
CA HIS A 119 26.69 -4.22 -12.16
C HIS A 119 26.48 -3.08 -13.15
N HIS A 120 26.57 -1.85 -12.65
CA HIS A 120 26.32 -0.66 -13.48
C HIS A 120 27.29 -0.60 -14.64
N HIS A 121 26.78 -0.82 -15.84
CA HIS A 121 27.62 -0.83 -17.03
C HIS A 121 27.51 0.48 -17.78
N HIS A 122 28.32 1.45 -17.36
CA HIS A 122 28.43 2.73 -18.06
C HIS A 122 29.87 3.23 -17.99
N HIS A 123 30.77 2.32 -17.67
CA HIS A 123 32.17 2.66 -17.49
C HIS A 123 33.03 1.47 -17.88
N HIS A 124 34.24 1.71 -18.34
CA HIS A 124 35.15 0.64 -18.70
C HIS A 124 35.63 -0.09 -17.46
N MET A 1 -4.34 -13.03 24.20
CA MET A 1 -4.57 -12.67 25.62
C MET A 1 -3.25 -12.34 26.31
N ASN A 2 -2.23 -13.14 26.06
CA ASN A 2 -0.93 -12.98 26.73
C ASN A 2 -0.31 -11.63 26.42
N GLU A 3 0.24 -11.01 27.46
CA GLU A 3 0.88 -9.72 27.32
C GLU A 3 2.28 -9.88 26.71
N LEU A 4 2.32 -10.06 25.40
CA LEU A 4 3.59 -10.19 24.71
C LEU A 4 4.30 -8.85 24.64
N ASP A 5 3.76 -7.95 23.82
CA ASP A 5 4.28 -6.59 23.72
C ASP A 5 3.14 -5.62 23.44
N ILE A 6 1.93 -6.10 23.63
CA ILE A 6 0.74 -5.32 23.32
C ILE A 6 0.51 -4.21 24.35
N GLN A 7 1.01 -3.02 24.03
CA GLN A 7 0.79 -1.85 24.86
C GLN A 7 -0.54 -1.22 24.47
N GLN A 8 -0.71 -1.00 23.17
CA GLN A 8 -1.98 -0.56 22.64
C GLN A 8 -2.71 -1.77 22.06
N GLU A 9 -3.66 -2.30 22.82
CA GLU A 9 -4.30 -3.56 22.46
C GLU A 9 -5.26 -3.38 21.28
N TYR A 10 -4.81 -3.75 20.10
CA TYR A 10 -5.70 -3.82 18.94
C TYR A 10 -5.15 -4.87 17.96
N PRO A 11 -5.73 -6.07 17.97
CA PRO A 11 -5.26 -7.18 17.13
C PRO A 11 -5.86 -7.14 15.72
N PHE A 12 -5.73 -6.00 15.05
CA PHE A 12 -6.17 -5.88 13.66
C PHE A 12 -5.09 -6.44 12.75
N THR A 13 -5.50 -7.20 11.75
CA THR A 13 -4.55 -7.86 10.88
C THR A 13 -4.52 -7.21 9.51
N VAL A 14 -3.33 -6.85 9.05
CA VAL A 14 -3.16 -6.25 7.75
C VAL A 14 -2.82 -7.32 6.73
N GLU A 15 -3.74 -7.59 5.81
CA GLU A 15 -3.50 -8.58 4.77
C GLU A 15 -3.31 -7.89 3.44
N SER A 16 -2.20 -8.19 2.78
CA SER A 16 -1.91 -7.64 1.47
C SER A 16 -1.21 -8.69 0.62
N MET A 17 -1.26 -8.51 -0.69
CA MET A 17 -0.59 -9.42 -1.60
C MET A 17 0.86 -9.01 -1.83
N PRO A 18 1.78 -9.96 -1.71
CA PRO A 18 3.20 -9.72 -1.98
C PRO A 18 3.42 -9.30 -3.43
N VAL A 19 3.57 -8.01 -3.65
CA VAL A 19 3.74 -7.46 -4.98
C VAL A 19 5.21 -7.30 -5.33
N ALA A 20 6.08 -7.73 -4.42
CA ALA A 20 7.51 -7.67 -4.64
C ALA A 20 7.98 -8.86 -5.46
N ASP A 21 7.43 -8.99 -6.65
CA ASP A 21 7.82 -10.03 -7.58
C ASP A 21 8.39 -9.38 -8.84
N GLU A 22 8.68 -8.09 -8.68
CA GLU A 22 9.22 -7.23 -9.74
C GLU A 22 8.17 -6.91 -10.80
N ILE A 23 8.62 -6.23 -11.84
CA ILE A 23 7.76 -5.76 -12.91
C ILE A 23 8.63 -5.41 -14.11
N ALA A 24 8.08 -5.50 -15.31
CA ALA A 24 8.83 -5.19 -16.52
C ALA A 24 9.23 -3.71 -16.52
N GLY A 25 8.25 -2.87 -16.24
CA GLY A 25 8.50 -1.44 -16.22
C GLY A 25 7.19 -0.67 -16.23
N ASP A 26 6.83 -0.16 -17.39
CA ASP A 26 5.56 0.54 -17.56
C ASP A 26 4.44 -0.48 -17.67
N GLU A 27 4.05 -1.04 -16.54
CA GLU A 27 2.98 -2.00 -16.48
C GLU A 27 2.03 -1.66 -15.33
N THR A 28 1.12 -2.57 -15.06
CA THR A 28 0.14 -2.38 -13.99
C THR A 28 0.18 -3.53 -13.00
N VAL A 29 0.37 -3.20 -11.73
CA VAL A 29 0.39 -4.21 -10.66
C VAL A 29 -0.88 -4.12 -9.83
N GLU A 30 -1.55 -5.26 -9.65
CA GLU A 30 -2.74 -5.33 -8.82
C GLU A 30 -2.36 -5.55 -7.36
N ILE A 31 -2.47 -4.51 -6.56
CA ILE A 31 -2.13 -4.58 -5.15
C ILE A 31 -3.40 -4.72 -4.32
N ARG A 32 -3.56 -5.87 -3.69
CA ARG A 32 -4.75 -6.16 -2.90
C ARG A 32 -4.52 -5.79 -1.44
N LEU A 33 -5.35 -4.89 -0.92
CA LEU A 33 -5.26 -4.46 0.47
C LEU A 33 -6.54 -4.78 1.23
N GLU A 34 -6.39 -5.39 2.39
CA GLU A 34 -7.51 -5.54 3.31
C GLU A 34 -7.00 -5.65 4.73
N ILE A 35 -7.28 -4.64 5.53
CA ILE A 35 -6.98 -4.70 6.94
C ILE A 35 -8.16 -5.29 7.68
N LYS A 36 -8.06 -6.57 7.98
CA LYS A 36 -9.14 -7.32 8.58
C LYS A 36 -9.22 -7.03 10.09
N PRO A 37 -10.32 -6.38 10.51
CA PRO A 37 -10.52 -6.02 11.90
C PRO A 37 -11.19 -7.14 12.69
N SER A 38 -10.48 -7.64 13.70
CA SER A 38 -11.01 -8.67 14.57
C SER A 38 -12.13 -8.10 15.45
N GLY A 39 -11.99 -6.83 15.79
CA GLY A 39 -12.99 -6.15 16.58
C GLY A 39 -12.91 -4.65 16.38
N ASN A 40 -13.80 -4.10 15.59
CA ASN A 40 -13.81 -2.66 15.34
C ASN A 40 -14.86 -1.97 16.19
N PHE A 41 -14.44 -1.44 17.32
CA PHE A 41 -15.36 -0.79 18.23
C PHE A 41 -15.25 0.72 18.08
N ILE A 42 -16.26 1.31 17.42
CA ILE A 42 -16.26 2.73 17.08
C ILE A 42 -15.23 3.01 16.00
N GLY A 43 -15.69 3.03 14.76
CA GLY A 43 -14.80 3.32 13.66
C GLY A 43 -14.94 4.75 13.17
N THR A 44 -14.11 5.13 12.23
CA THR A 44 -14.13 6.50 11.71
C THR A 44 -13.67 6.51 10.27
N VAL A 45 -13.67 7.69 9.66
CA VAL A 45 -13.19 7.84 8.29
C VAL A 45 -11.66 7.90 8.30
N TYR A 46 -11.03 6.85 7.80
CA TYR A 46 -9.60 6.71 7.88
C TYR A 46 -8.91 7.46 6.77
N THR A 47 -7.70 7.93 7.03
CA THR A 47 -6.96 8.73 6.07
C THR A 47 -5.97 7.86 5.30
N LEU A 48 -5.97 8.02 3.99
CA LEU A 48 -5.00 7.35 3.14
C LEU A 48 -4.22 8.37 2.34
N ARG A 49 -2.91 8.41 2.54
CA ARG A 49 -2.05 9.30 1.79
C ARG A 49 -1.06 8.52 0.96
N TYR A 50 -0.90 8.92 -0.28
CA TYR A 50 0.04 8.28 -1.18
C TYR A 50 1.28 9.15 -1.34
N PHE A 51 2.43 8.55 -1.13
CA PHE A 51 3.70 9.25 -1.26
C PHE A 51 4.73 8.32 -1.89
N GLN A 52 5.60 8.86 -2.73
CA GLN A 52 6.59 8.06 -3.40
C GLN A 52 7.98 8.68 -3.25
N PRO A 53 8.82 8.07 -2.38
CA PRO A 53 10.20 8.53 -2.15
C PRO A 53 11.05 8.56 -3.43
N ASP A 54 10.97 7.50 -4.23
CA ASP A 54 11.79 7.41 -5.44
C ASP A 54 11.04 6.67 -6.54
N GLY A 55 11.14 7.19 -7.75
CA GLY A 55 10.45 6.59 -8.88
C GLY A 55 9.24 7.39 -9.30
N LYS A 56 8.50 6.90 -10.29
CA LYS A 56 7.25 7.51 -10.70
C LYS A 56 6.16 6.45 -10.81
N GLY A 57 4.99 6.73 -10.28
CA GLY A 57 3.92 5.76 -10.31
C GLY A 57 2.55 6.38 -10.18
N SER A 58 1.61 5.82 -10.91
CA SER A 58 0.23 6.23 -10.84
C SER A 58 -0.59 5.15 -10.15
N LEU A 59 -0.97 5.40 -8.91
CA LEU A 59 -1.71 4.43 -8.12
C LEU A 59 -3.20 4.74 -8.16
N LYS A 60 -3.94 3.98 -8.94
CA LYS A 60 -5.37 4.21 -9.08
C LYS A 60 -6.15 3.16 -8.30
N MET A 61 -7.29 3.56 -7.77
CA MET A 61 -8.18 2.62 -7.10
C MET A 61 -8.91 1.80 -8.15
N GLU A 62 -9.78 0.89 -7.71
CA GLU A 62 -10.51 -0.02 -8.60
C GLU A 62 -11.14 0.72 -9.77
N ASP A 63 -10.41 0.70 -10.90
CA ASP A 63 -10.77 1.39 -12.14
C ASP A 63 -11.22 2.84 -11.90
N GLY A 64 -10.76 3.43 -10.81
CA GLY A 64 -11.23 4.75 -10.43
C GLY A 64 -10.11 5.75 -10.25
N THR A 65 -10.33 6.69 -9.33
CA THR A 65 -9.44 7.81 -9.09
C THR A 65 -7.99 7.39 -8.86
N VAL A 66 -7.07 8.19 -9.37
CA VAL A 66 -5.65 8.01 -9.11
C VAL A 66 -5.26 8.79 -7.86
N LEU A 67 -4.59 8.13 -6.93
CA LEU A 67 -4.24 8.75 -5.67
C LEU A 67 -3.10 9.76 -5.85
N LYS A 68 -3.42 11.03 -5.67
CA LYS A 68 -2.46 12.11 -5.77
C LYS A 68 -1.35 11.94 -4.72
N PRO A 69 -0.09 11.81 -5.18
CA PRO A 69 1.06 11.61 -4.29
C PRO A 69 1.38 12.83 -3.43
N ASN A 70 0.62 12.97 -2.33
CA ASN A 70 0.75 14.06 -1.34
C ASN A 70 -0.59 14.29 -0.65
N ASP A 71 -1.66 14.01 -1.38
CA ASP A 71 -3.02 14.42 -0.97
C ASP A 71 -3.57 13.54 0.14
N ARG A 72 -4.83 13.79 0.50
CA ARG A 72 -5.52 13.03 1.54
C ARG A 72 -6.78 12.38 0.99
N TYR A 73 -6.84 11.08 1.03
CA TYR A 73 -8.04 10.36 0.64
C TYR A 73 -8.69 9.75 1.87
N LEU A 74 -9.98 9.99 2.01
CA LEU A 74 -10.72 9.55 3.18
C LEU A 74 -11.56 8.33 2.86
N LEU A 75 -11.18 7.20 3.45
CA LEU A 75 -11.88 5.94 3.19
C LEU A 75 -12.47 5.39 4.49
N ASN A 76 -13.67 4.83 4.39
CA ASN A 76 -14.38 4.35 5.57
C ASN A 76 -13.99 2.91 5.90
N GLU A 77 -13.42 2.20 4.93
CA GLU A 77 -13.03 0.82 5.12
C GLU A 77 -11.60 0.58 4.66
N TRP A 78 -10.99 -0.48 5.15
CA TRP A 78 -9.61 -0.80 4.80
C TRP A 78 -9.55 -1.82 3.66
N LYS A 79 -10.70 -2.22 3.13
CA LYS A 79 -10.75 -3.22 2.08
C LYS A 79 -10.91 -2.56 0.72
N PHE A 80 -9.99 -2.86 -0.20
CA PHE A 80 -10.00 -2.30 -1.55
C PHE A 80 -8.84 -2.86 -2.38
N ARG A 81 -8.93 -2.70 -3.70
CA ARG A 81 -7.84 -3.10 -4.58
C ARG A 81 -7.19 -1.86 -5.20
N LEU A 82 -5.87 -1.84 -5.24
CA LEU A 82 -5.14 -0.74 -5.83
C LEU A 82 -4.42 -1.20 -7.10
N TYR A 83 -4.42 -0.35 -8.11
CA TYR A 83 -3.76 -0.66 -9.37
C TYR A 83 -2.61 0.29 -9.60
N TYR A 84 -1.39 -0.23 -9.48
CA TYR A 84 -0.21 0.60 -9.63
C TYR A 84 0.28 0.58 -11.06
N THR A 85 0.16 1.71 -11.74
CA THR A 85 0.69 1.85 -13.08
C THR A 85 1.98 2.65 -13.02
N SER A 86 3.09 2.01 -13.33
CA SER A 86 4.40 2.67 -13.24
C SER A 86 4.51 3.78 -14.27
N GLN A 87 5.18 4.86 -13.89
CA GLN A 87 5.40 5.97 -14.80
C GLN A 87 6.90 6.13 -15.06
N SER A 88 7.67 5.20 -14.51
CA SER A 88 9.11 5.16 -14.70
C SER A 88 9.53 3.75 -15.05
N ASP A 89 10.59 3.61 -15.83
CA ASP A 89 11.01 2.31 -16.32
C ASP A 89 12.23 1.80 -15.57
N LYS A 90 12.04 0.70 -14.83
CA LYS A 90 13.09 0.06 -14.06
C LYS A 90 13.84 1.06 -13.18
N GLU A 91 13.07 1.89 -12.47
CA GLU A 91 13.65 2.90 -11.60
C GLU A 91 13.57 2.41 -10.14
N ALA A 92 13.20 1.13 -9.99
CA ALA A 92 12.96 0.56 -8.67
C ALA A 92 11.94 1.41 -7.92
N GLN A 93 10.71 1.38 -8.41
CA GLN A 93 9.66 2.25 -7.92
C GLN A 93 9.34 1.94 -6.48
N THR A 94 9.72 2.85 -5.59
CA THR A 94 9.51 2.67 -4.18
C THR A 94 8.40 3.58 -3.68
N ILE A 95 7.31 2.99 -3.22
CA ILE A 95 6.17 3.76 -2.74
C ILE A 95 5.95 3.52 -1.25
N ASP A 96 5.37 4.49 -0.58
CA ASP A 96 5.10 4.38 0.85
C ASP A 96 3.64 4.72 1.12
N LEU A 97 2.87 3.73 1.50
CA LEU A 97 1.44 3.90 1.70
C LEU A 97 1.14 4.31 3.14
N TYR A 98 0.71 5.55 3.31
CA TYR A 98 0.40 6.07 4.64
C TYR A 98 -1.06 5.84 4.99
N PHE A 99 -1.31 4.82 5.79
CA PHE A 99 -2.64 4.61 6.36
C PHE A 99 -2.69 5.27 7.72
N GLU A 100 -3.53 6.28 7.86
CA GLU A 100 -3.60 7.03 9.09
C GLU A 100 -4.93 6.78 9.78
N ASP A 101 -4.86 6.26 10.99
CA ASP A 101 -6.05 5.98 11.77
C ASP A 101 -6.23 7.08 12.79
N ASN A 102 -7.09 8.02 12.46
CA ASN A 102 -7.28 9.24 13.25
C ASN A 102 -7.63 8.94 14.71
N TRP A 103 -8.20 7.77 14.97
CA TRP A 103 -8.60 7.41 16.34
C TRP A 103 -7.64 6.38 16.94
N GLY A 104 -6.63 5.99 16.16
CA GLY A 104 -5.72 4.96 16.61
C GLY A 104 -4.27 5.39 16.53
N ASN A 105 -3.64 5.09 15.40
CA ASN A 105 -2.23 5.42 15.18
C ASN A 105 -1.91 5.45 13.69
N LEU A 106 -0.63 5.35 13.36
CA LEU A 106 -0.20 5.42 11.97
C LEU A 106 0.37 4.08 11.49
N GLN A 107 -0.13 3.60 10.37
CA GLN A 107 0.39 2.39 9.75
C GLN A 107 0.88 2.70 8.33
N GLN A 108 2.19 2.65 8.14
CA GLN A 108 2.76 2.94 6.83
C GLN A 108 3.33 1.68 6.20
N LEU A 109 2.96 1.42 4.96
CA LEU A 109 3.40 0.23 4.26
C LEU A 109 4.30 0.62 3.09
N THR A 110 5.56 0.26 3.17
CA THR A 110 6.53 0.61 2.15
C THR A 110 6.72 -0.56 1.19
N TYR A 111 6.58 -0.30 -0.11
CA TYR A 111 6.70 -1.34 -1.13
C TYR A 111 7.59 -0.84 -2.27
N ASP A 112 8.34 -1.76 -2.87
CA ASP A 112 9.22 -1.41 -3.98
C ASP A 112 9.05 -2.40 -5.12
N PHE A 113 8.98 -1.87 -6.34
CA PHE A 113 8.84 -2.71 -7.52
C PHE A 113 10.12 -2.62 -8.35
N ASN A 114 10.60 -3.79 -8.79
CA ASN A 114 11.81 -3.88 -9.61
C ASN A 114 13.02 -3.37 -8.82
N GLY A 115 12.94 -3.47 -7.49
CA GLY A 115 13.97 -2.93 -6.63
C GLY A 115 15.10 -3.90 -6.37
N LYS A 116 15.60 -4.54 -7.41
CA LYS A 116 16.74 -5.45 -7.32
C LYS A 116 16.54 -6.47 -6.18
N LEU A 117 15.48 -7.26 -6.28
CA LEU A 117 15.20 -8.27 -5.27
C LEU A 117 15.79 -9.62 -5.70
N GLU A 118 16.60 -9.57 -6.75
CA GLU A 118 17.41 -10.69 -7.22
C GLU A 118 16.57 -11.79 -7.87
N HIS A 119 15.24 -11.64 -7.81
CA HIS A 119 14.28 -12.53 -8.49
C HIS A 119 14.76 -13.97 -8.65
N HIS A 120 15.00 -14.63 -7.53
CA HIS A 120 15.45 -16.02 -7.57
C HIS A 120 14.25 -16.96 -7.68
N HIS A 121 13.96 -17.36 -8.92
CA HIS A 121 12.84 -18.24 -9.20
C HIS A 121 12.98 -18.82 -10.61
N HIS A 122 14.17 -18.70 -11.21
CA HIS A 122 14.31 -19.08 -12.61
C HIS A 122 14.64 -20.55 -12.78
N HIS A 123 13.85 -21.21 -13.61
CA HIS A 123 14.11 -22.57 -14.07
C HIS A 123 13.48 -22.75 -15.44
N HIS A 124 12.33 -22.14 -15.60
CA HIS A 124 11.63 -22.07 -16.87
C HIS A 124 11.08 -20.67 -17.08
N MET A 1 -12.93 8.21 28.77
CA MET A 1 -13.55 8.38 30.09
C MET A 1 -14.82 9.22 30.00
N ASN A 2 -15.67 9.09 31.01
CA ASN A 2 -16.94 9.83 31.12
C ASN A 2 -17.96 9.29 30.11
N GLU A 3 -19.15 8.93 30.63
CA GLU A 3 -20.20 8.30 29.83
C GLU A 3 -19.80 6.89 29.40
N LEU A 4 -20.65 6.25 28.62
CA LEU A 4 -20.30 4.95 28.05
C LEU A 4 -19.46 5.14 26.80
N ASP A 5 -18.23 5.57 27.00
CA ASP A 5 -17.32 5.88 25.91
C ASP A 5 -16.56 4.64 25.47
N ILE A 6 -17.26 3.51 25.41
CA ILE A 6 -16.66 2.27 24.94
C ILE A 6 -16.40 2.35 23.44
N GLN A 7 -15.24 2.90 23.09
CA GLN A 7 -14.88 3.12 21.70
C GLN A 7 -14.27 1.87 21.08
N GLN A 8 -14.89 1.42 20.01
CA GLN A 8 -14.39 0.31 19.22
C GLN A 8 -15.10 0.27 17.88
N GLU A 9 -14.38 -0.12 16.85
CA GLU A 9 -14.98 -0.26 15.53
C GLU A 9 -14.48 -1.55 14.90
N TYR A 10 -14.31 -2.55 15.78
CA TYR A 10 -13.80 -3.87 15.41
C TYR A 10 -12.29 -3.85 15.19
N PRO A 11 -11.64 -5.02 15.28
CA PRO A 11 -10.17 -5.13 15.17
C PRO A 11 -9.62 -4.62 13.85
N PHE A 12 -8.32 -4.38 13.82
CA PHE A 12 -7.67 -3.77 12.67
C PHE A 12 -6.27 -4.35 12.45
N THR A 13 -6.10 -5.06 11.35
CA THR A 13 -4.81 -5.60 10.98
C THR A 13 -4.61 -5.45 9.46
N VAL A 14 -3.50 -4.88 9.05
CA VAL A 14 -3.27 -4.67 7.64
C VAL A 14 -2.44 -5.79 7.05
N GLU A 15 -3.05 -6.55 6.14
CA GLU A 15 -2.36 -7.65 5.48
C GLU A 15 -2.56 -7.55 3.98
N SER A 16 -1.46 -7.54 3.24
CA SER A 16 -1.52 -7.39 1.80
C SER A 16 -1.27 -8.73 1.13
N MET A 17 -1.93 -8.96 0.00
CA MET A 17 -1.72 -10.18 -0.77
C MET A 17 -0.43 -10.06 -1.56
N PRO A 18 0.33 -11.16 -1.67
CA PRO A 18 1.63 -11.17 -2.35
C PRO A 18 1.56 -10.66 -3.79
N VAL A 19 2.10 -9.48 -4.01
CA VAL A 19 2.11 -8.89 -5.34
C VAL A 19 3.45 -9.18 -6.04
N ALA A 20 3.50 -8.92 -7.33
CA ALA A 20 4.71 -9.13 -8.09
C ALA A 20 5.56 -7.87 -8.12
N ASP A 21 6.74 -7.96 -7.51
CA ASP A 21 7.68 -6.84 -7.47
C ASP A 21 8.44 -6.72 -8.79
N GLU A 22 8.21 -7.70 -9.66
CA GLU A 22 8.87 -7.75 -10.96
C GLU A 22 8.10 -6.95 -12.00
N ILE A 23 8.57 -5.75 -12.28
CA ILE A 23 7.96 -4.89 -13.28
C ILE A 23 9.02 -4.39 -14.25
N ALA A 24 8.91 -4.81 -15.50
CA ALA A 24 9.87 -4.41 -16.53
C ALA A 24 9.90 -2.89 -16.70
N GLY A 25 8.71 -2.30 -16.79
CA GLY A 25 8.60 -0.87 -16.94
C GLY A 25 7.35 -0.48 -17.68
N ASP A 26 6.72 0.63 -17.25
CA ASP A 26 5.51 1.15 -17.88
C ASP A 26 4.32 0.19 -17.72
N GLU A 27 4.55 -0.88 -16.95
CA GLU A 27 3.54 -1.93 -16.80
C GLU A 27 2.61 -1.63 -15.62
N THR A 28 1.38 -2.07 -15.74
CA THR A 28 0.38 -1.88 -14.69
C THR A 28 0.13 -3.19 -13.95
N VAL A 29 0.41 -3.20 -12.65
CA VAL A 29 0.18 -4.38 -11.83
C VAL A 29 -0.97 -4.18 -10.86
N GLU A 30 -1.53 -5.28 -10.38
CA GLU A 30 -2.64 -5.22 -9.44
C GLU A 30 -2.16 -5.47 -8.02
N ILE A 31 -2.48 -4.54 -7.13
CA ILE A 31 -2.13 -4.68 -5.72
C ILE A 31 -3.39 -4.93 -4.90
N ARG A 32 -3.46 -6.08 -4.28
CA ARG A 32 -4.61 -6.43 -3.45
C ARG A 32 -4.32 -6.16 -1.98
N LEU A 33 -4.97 -5.16 -1.43
CA LEU A 33 -4.73 -4.75 -0.06
C LEU A 33 -5.95 -5.05 0.82
N GLU A 34 -5.70 -5.69 1.95
CA GLU A 34 -6.76 -6.00 2.89
C GLU A 34 -6.53 -5.31 4.23
N ILE A 35 -7.43 -4.43 4.59
CA ILE A 35 -7.50 -3.95 5.95
C ILE A 35 -8.36 -4.93 6.73
N LYS A 36 -7.72 -5.98 7.20
CA LYS A 36 -8.39 -7.14 7.76
C LYS A 36 -8.74 -6.90 9.23
N PRO A 37 -10.03 -6.84 9.57
CA PRO A 37 -10.45 -6.74 10.96
C PRO A 37 -10.22 -8.06 11.69
N SER A 38 -9.02 -8.22 12.23
CA SER A 38 -8.60 -9.49 12.79
C SER A 38 -8.32 -9.36 14.28
N GLY A 39 -7.25 -8.65 14.63
CA GLY A 39 -6.92 -8.46 16.02
C GLY A 39 -6.55 -7.02 16.31
N ASN A 40 -6.67 -6.63 17.58
CA ASN A 40 -6.34 -5.26 18.03
C ASN A 40 -7.28 -4.22 17.38
N PHE A 41 -8.21 -3.70 18.17
CA PHE A 41 -9.18 -2.74 17.65
C PHE A 41 -8.70 -1.31 17.85
N ILE A 42 -8.96 -0.48 16.84
CA ILE A 42 -8.63 0.93 16.92
C ILE A 42 -9.90 1.76 16.66
N GLY A 43 -10.31 1.82 15.40
CA GLY A 43 -11.54 2.49 15.06
C GLY A 43 -11.37 3.97 14.81
N THR A 44 -12.34 4.75 15.29
CA THR A 44 -12.38 6.19 15.10
C THR A 44 -12.59 6.54 13.61
N VAL A 45 -11.49 6.72 12.89
CA VAL A 45 -11.53 7.05 11.46
C VAL A 45 -10.33 6.39 10.80
N TYR A 46 -10.31 6.29 9.48
CA TYR A 46 -9.15 5.78 8.78
C TYR A 46 -8.88 6.60 7.52
N THR A 47 -7.78 7.34 7.53
CA THR A 47 -7.37 8.13 6.39
C THR A 47 -6.06 7.60 5.82
N LEU A 48 -5.95 7.59 4.50
CA LEU A 48 -4.74 7.11 3.85
C LEU A 48 -3.96 8.27 3.26
N ARG A 49 -2.78 8.50 3.80
CA ARG A 49 -1.86 9.50 3.27
C ARG A 49 -0.64 8.80 2.69
N TYR A 50 -0.46 8.91 1.39
CA TYR A 50 0.57 8.14 0.69
C TYR A 50 1.49 9.05 -0.11
N PHE A 51 2.77 8.74 -0.11
CA PHE A 51 3.74 9.54 -0.85
C PHE A 51 4.57 8.65 -1.77
N GLN A 52 5.02 9.23 -2.87
CA GLN A 52 5.89 8.52 -3.82
C GLN A 52 7.27 9.15 -3.81
N PRO A 53 8.15 8.70 -2.89
CA PRO A 53 9.47 9.30 -2.70
C PRO A 53 10.51 8.85 -3.73
N ASP A 54 10.57 7.55 -3.98
CA ASP A 54 11.60 7.01 -4.87
C ASP A 54 10.98 6.39 -6.11
N GLY A 55 9.84 5.74 -5.92
CA GLY A 55 9.13 5.17 -7.04
C GLY A 55 7.85 5.93 -7.32
N LYS A 56 7.51 6.06 -8.59
CA LYS A 56 6.34 6.84 -8.97
C LYS A 56 5.46 6.06 -9.94
N GLY A 57 4.17 6.27 -9.84
CA GLY A 57 3.25 5.60 -10.72
C GLY A 57 1.83 6.10 -10.55
N SER A 58 0.93 5.59 -11.36
CA SER A 58 -0.46 5.97 -11.28
C SER A 58 -1.23 4.89 -10.52
N LEU A 59 -1.61 5.21 -9.29
CA LEU A 59 -2.34 4.28 -8.45
C LEU A 59 -3.84 4.56 -8.60
N LYS A 60 -4.57 3.60 -9.13
CA LYS A 60 -5.99 3.78 -9.39
C LYS A 60 -6.81 2.77 -8.59
N MET A 61 -8.03 3.15 -8.24
CA MET A 61 -8.92 2.26 -7.49
C MET A 61 -9.99 1.68 -8.42
N GLU A 62 -10.79 0.76 -7.88
CA GLU A 62 -11.87 0.14 -8.65
C GLU A 62 -12.93 1.16 -9.07
N ASP A 63 -13.12 2.18 -8.23
CA ASP A 63 -14.12 3.22 -8.51
C ASP A 63 -13.48 4.38 -9.28
N GLY A 64 -12.27 4.14 -9.75
CA GLY A 64 -11.55 5.16 -10.49
C GLY A 64 -10.66 5.98 -9.58
N THR A 65 -10.56 7.27 -9.86
CA THR A 65 -9.76 8.20 -9.07
C THR A 65 -8.28 7.87 -9.14
N VAL A 66 -7.53 8.68 -9.89
CA VAL A 66 -6.09 8.55 -9.93
C VAL A 66 -5.50 9.14 -8.65
N LEU A 67 -4.99 8.27 -7.80
CA LEU A 67 -4.47 8.68 -6.51
C LEU A 67 -3.26 9.61 -6.66
N LYS A 68 -3.09 10.48 -5.70
CA LYS A 68 -2.14 11.58 -5.81
C LYS A 68 -1.27 11.65 -4.56
N PRO A 69 0.06 11.59 -4.73
CA PRO A 69 1.01 11.62 -3.62
C PRO A 69 0.82 12.84 -2.71
N ASN A 70 0.95 12.61 -1.39
CA ASN A 70 0.85 13.65 -0.36
C ASN A 70 -0.61 13.99 -0.05
N ASP A 71 -1.51 13.51 -0.89
CA ASP A 71 -2.93 13.75 -0.69
C ASP A 71 -3.50 12.73 0.28
N ARG A 72 -4.70 12.97 0.77
CA ARG A 72 -5.32 12.09 1.77
C ARG A 72 -6.74 11.73 1.38
N TYR A 73 -7.00 10.44 1.28
CA TYR A 73 -8.35 9.97 1.03
C TYR A 73 -8.77 9.00 2.12
N LEU A 74 -10.03 9.10 2.53
CA LEU A 74 -10.55 8.21 3.55
C LEU A 74 -11.52 7.23 2.91
N LEU A 75 -11.24 5.95 3.05
CA LEU A 75 -12.04 4.93 2.41
C LEU A 75 -12.91 4.21 3.42
N ASN A 76 -14.15 3.95 3.03
CA ASN A 76 -15.07 3.17 3.85
C ASN A 76 -14.94 1.69 3.49
N GLU A 77 -14.07 1.42 2.52
CA GLU A 77 -13.77 0.07 2.09
C GLU A 77 -12.61 -0.49 2.90
N TRP A 78 -12.77 -1.69 3.40
CA TRP A 78 -11.71 -2.35 4.16
C TRP A 78 -10.86 -3.21 3.23
N LYS A 79 -11.44 -3.61 2.11
CA LYS A 79 -10.72 -4.38 1.12
C LYS A 79 -10.89 -3.76 -0.25
N PHE A 80 -9.79 -3.51 -0.94
CA PHE A 80 -9.87 -2.88 -2.25
C PHE A 80 -8.70 -3.29 -3.14
N ARG A 81 -8.90 -3.13 -4.44
CA ARG A 81 -7.89 -3.44 -5.42
C ARG A 81 -7.26 -2.17 -5.94
N LEU A 82 -5.94 -2.13 -5.98
CA LEU A 82 -5.24 -0.97 -6.49
C LEU A 82 -4.52 -1.32 -7.78
N TYR A 83 -4.58 -0.42 -8.74
CA TYR A 83 -3.88 -0.60 -10.00
C TYR A 83 -2.66 0.29 -10.03
N TYR A 84 -1.48 -0.31 -10.14
CA TYR A 84 -0.25 0.46 -10.13
C TYR A 84 0.37 0.50 -11.52
N THR A 85 0.18 1.61 -12.21
CA THR A 85 0.80 1.83 -13.50
C THR A 85 2.17 2.47 -13.30
N SER A 86 3.21 1.69 -13.53
CA SER A 86 4.58 2.15 -13.33
C SER A 86 4.97 3.21 -14.36
N GLN A 87 5.21 4.44 -13.90
CA GLN A 87 5.66 5.49 -14.81
C GLN A 87 7.14 5.76 -14.63
N SER A 88 7.69 5.28 -13.50
CA SER A 88 9.12 5.35 -13.28
C SER A 88 9.80 4.08 -13.82
N ASP A 89 10.43 4.22 -14.98
CA ASP A 89 11.06 3.09 -15.66
C ASP A 89 12.43 2.81 -15.07
N LYS A 90 12.81 3.63 -14.10
CA LYS A 90 14.15 3.59 -13.51
C LYS A 90 14.23 2.57 -12.39
N GLU A 91 13.20 1.75 -12.25
CA GLU A 91 13.13 0.74 -11.19
C GLU A 91 13.11 1.42 -9.83
N ALA A 92 13.38 0.63 -8.78
CA ALA A 92 13.47 1.15 -7.42
C ALA A 92 12.17 1.87 -7.03
N GLN A 93 11.07 1.38 -7.58
CA GLN A 93 9.77 2.00 -7.36
C GLN A 93 9.32 1.79 -5.93
N THR A 94 9.76 2.67 -5.05
CA THR A 94 9.47 2.56 -3.65
C THR A 94 8.41 3.57 -3.25
N ILE A 95 7.24 3.07 -2.86
CA ILE A 95 6.13 3.91 -2.46
C ILE A 95 5.76 3.64 -1.01
N ASP A 96 5.30 4.66 -0.30
CA ASP A 96 4.90 4.50 1.08
C ASP A 96 3.42 4.75 1.27
N LEU A 97 2.83 4.04 2.21
CA LEU A 97 1.44 4.21 2.57
C LEU A 97 1.33 4.49 4.06
N TYR A 98 1.06 5.74 4.41
CA TYR A 98 0.88 6.11 5.81
C TYR A 98 -0.57 5.92 6.22
N PHE A 99 -0.86 4.82 6.90
CA PHE A 99 -2.18 4.58 7.43
C PHE A 99 -2.35 5.37 8.71
N GLU A 100 -3.26 6.33 8.68
CA GLU A 100 -3.46 7.23 9.79
C GLU A 100 -4.92 7.20 10.19
N ASP A 101 -5.19 6.91 11.45
CA ASP A 101 -6.58 6.87 11.93
C ASP A 101 -7.16 8.28 11.90
N ASN A 102 -6.46 9.20 12.52
CA ASN A 102 -6.87 10.59 12.61
C ASN A 102 -5.95 11.35 13.55
N TRP A 103 -5.55 10.71 14.64
CA TRP A 103 -4.75 11.38 15.66
C TRP A 103 -4.16 10.41 16.68
N GLY A 104 -4.21 9.11 16.41
CA GLY A 104 -3.76 8.14 17.40
C GLY A 104 -2.84 7.07 16.85
N ASN A 105 -3.00 6.71 15.58
CA ASN A 105 -2.21 5.64 14.99
C ASN A 105 -1.64 6.06 13.64
N LEU A 106 -0.42 5.63 13.36
CA LEU A 106 0.26 5.92 12.10
C LEU A 106 1.15 4.75 11.71
N GLN A 107 0.75 4.04 10.66
CA GLN A 107 1.50 2.88 10.20
C GLN A 107 1.96 3.05 8.75
N GLN A 108 3.26 3.03 8.54
CA GLN A 108 3.82 3.18 7.21
C GLN A 108 4.11 1.82 6.58
N LEU A 109 3.37 1.49 5.53
CA LEU A 109 3.70 0.35 4.71
C LEU A 109 4.55 0.81 3.54
N THR A 110 5.48 -0.03 3.10
CA THR A 110 6.41 0.36 2.06
C THR A 110 6.60 -0.76 1.05
N TYR A 111 6.44 -0.44 -0.22
CA TYR A 111 6.59 -1.42 -1.29
C TYR A 111 7.54 -0.90 -2.34
N ASP A 112 8.39 -1.77 -2.86
CA ASP A 112 9.33 -1.38 -3.90
C ASP A 112 9.31 -2.38 -5.05
N PHE A 113 9.19 -1.85 -6.26
CA PHE A 113 9.16 -2.68 -7.45
C PHE A 113 10.42 -2.47 -8.28
N ASN A 114 10.80 -3.47 -9.06
CA ASN A 114 12.03 -3.42 -9.83
C ASN A 114 11.89 -4.26 -11.10
N GLY A 115 12.88 -4.21 -11.96
CA GLY A 115 12.82 -4.95 -13.21
C GLY A 115 14.04 -5.81 -13.41
N LYS A 116 14.57 -6.32 -12.30
CA LYS A 116 15.79 -7.13 -12.33
C LYS A 116 15.47 -8.60 -12.55
N LEU A 117 14.28 -8.86 -13.10
CA LEU A 117 13.87 -10.22 -13.41
C LEU A 117 14.67 -10.76 -14.58
N GLU A 118 15.10 -9.86 -15.46
CA GLU A 118 15.87 -10.22 -16.64
C GLU A 118 17.31 -10.59 -16.28
N HIS A 119 17.69 -10.35 -15.02
CA HIS A 119 18.96 -10.82 -14.50
C HIS A 119 18.96 -12.34 -14.45
N HIS A 120 17.84 -12.90 -13.97
CA HIS A 120 17.61 -14.34 -13.93
C HIS A 120 18.55 -15.06 -12.96
N HIS A 121 19.78 -15.27 -13.38
CA HIS A 121 20.72 -16.07 -12.61
C HIS A 121 21.39 -15.22 -11.54
N HIS A 122 21.15 -15.59 -10.28
CA HIS A 122 21.76 -14.89 -9.16
C HIS A 122 23.26 -15.16 -9.13
N HIS A 123 24.00 -14.16 -8.67
CA HIS A 123 25.47 -14.21 -8.72
C HIS A 123 26.04 -15.04 -7.58
N HIS A 124 27.32 -15.36 -7.70
CA HIS A 124 28.03 -16.09 -6.67
C HIS A 124 29.37 -15.42 -6.40
N MET A 1 12.52 -14.33 14.07
CA MET A 1 11.75 -13.26 13.41
C MET A 1 11.68 -12.02 14.30
N ASN A 2 11.46 -10.87 13.68
CA ASN A 2 11.32 -9.62 14.42
C ASN A 2 9.98 -8.97 14.07
N GLU A 3 9.20 -9.68 13.29
CA GLU A 3 7.88 -9.22 12.87
C GLU A 3 6.89 -9.35 14.03
N LEU A 4 5.65 -8.93 13.80
CA LEU A 4 4.63 -8.98 14.83
C LEU A 4 4.11 -10.40 15.02
N ASP A 5 4.67 -11.10 16.00
CA ASP A 5 4.21 -12.44 16.35
C ASP A 5 3.26 -12.36 17.54
N ILE A 6 1.98 -12.52 17.26
CA ILE A 6 0.95 -12.45 18.30
C ILE A 6 0.20 -13.77 18.37
N GLN A 7 0.14 -14.33 19.57
CA GLN A 7 -0.56 -15.60 19.78
C GLN A 7 -2.03 -15.37 20.05
N GLN A 8 -2.86 -15.55 19.03
CA GLN A 8 -4.31 -15.36 19.13
C GLN A 8 -4.64 -13.93 19.54
N GLU A 9 -5.90 -13.70 19.93
CA GLU A 9 -6.38 -12.38 20.34
C GLU A 9 -6.36 -11.40 19.17
N TYR A 10 -6.82 -10.17 19.43
CA TYR A 10 -6.76 -9.09 18.46
C TYR A 10 -7.44 -9.45 17.13
N PRO A 11 -8.71 -9.05 16.96
CA PRO A 11 -9.50 -9.39 15.78
C PRO A 11 -9.10 -8.60 14.54
N PHE A 12 -8.07 -7.77 14.67
CA PHE A 12 -7.60 -6.97 13.55
C PHE A 12 -6.48 -7.71 12.81
N THR A 13 -6.39 -7.50 11.51
CA THR A 13 -5.36 -8.13 10.71
C THR A 13 -5.08 -7.31 9.46
N VAL A 14 -3.79 -7.15 9.16
CA VAL A 14 -3.36 -6.44 7.98
C VAL A 14 -3.03 -7.45 6.88
N GLU A 15 -3.92 -7.53 5.90
CA GLU A 15 -3.76 -8.48 4.82
C GLU A 15 -3.32 -7.75 3.55
N SER A 16 -2.30 -8.28 2.89
CA SER A 16 -1.78 -7.66 1.69
C SER A 16 -1.02 -8.68 0.86
N MET A 17 -1.29 -8.71 -0.44
CA MET A 17 -0.50 -9.50 -1.36
C MET A 17 0.75 -8.71 -1.74
N PRO A 18 1.93 -9.18 -1.30
CA PRO A 18 3.18 -8.44 -1.47
C PRO A 18 3.47 -8.03 -2.91
N VAL A 19 3.22 -6.77 -3.21
CA VAL A 19 3.50 -6.22 -4.51
C VAL A 19 4.91 -5.64 -4.55
N ALA A 20 5.84 -6.41 -5.09
CA ALA A 20 7.24 -6.03 -5.10
C ALA A 20 8.03 -6.97 -6.01
N ASP A 21 9.35 -6.99 -5.82
CA ASP A 21 10.27 -7.89 -6.53
C ASP A 21 10.47 -7.47 -7.98
N GLU A 22 9.41 -7.49 -8.77
CA GLU A 22 9.53 -7.22 -10.20
C GLU A 22 8.61 -6.07 -10.61
N ILE A 23 9.06 -5.29 -11.57
CA ILE A 23 8.29 -4.17 -12.10
C ILE A 23 8.98 -3.63 -13.36
N ALA A 24 8.19 -3.24 -14.35
CA ALA A 24 8.73 -2.75 -15.60
C ALA A 24 7.96 -1.52 -16.06
N GLY A 25 8.36 -0.97 -17.21
CA GLY A 25 7.68 0.20 -17.73
C GLY A 25 6.32 -0.14 -18.29
N ASP A 26 5.34 0.76 -18.07
CA ASP A 26 3.97 0.57 -18.54
C ASP A 26 3.35 -0.69 -17.94
N GLU A 27 3.72 -0.99 -16.70
CA GLU A 27 3.22 -2.18 -16.02
C GLU A 27 2.24 -1.79 -14.93
N THR A 28 1.15 -2.54 -14.84
CA THR A 28 0.13 -2.28 -13.85
C THR A 28 0.15 -3.34 -12.76
N VAL A 29 0.48 -2.91 -11.55
CA VAL A 29 0.56 -3.82 -10.42
C VAL A 29 -0.69 -3.70 -9.57
N GLU A 30 -1.39 -4.82 -9.37
CA GLU A 30 -2.62 -4.80 -8.60
C GLU A 30 -2.35 -4.99 -7.11
N ILE A 31 -2.44 -3.91 -6.38
CA ILE A 31 -2.19 -3.94 -4.95
C ILE A 31 -3.45 -4.37 -4.21
N ARG A 32 -3.44 -5.61 -3.74
CA ARG A 32 -4.59 -6.15 -3.02
C ARG A 32 -4.43 -5.87 -1.53
N LEU A 33 -5.18 -4.91 -1.04
CA LEU A 33 -5.03 -4.45 0.34
C LEU A 33 -6.31 -4.74 1.12
N GLU A 34 -6.15 -5.38 2.28
CA GLU A 34 -7.27 -5.72 3.13
C GLU A 34 -6.93 -5.46 4.59
N ILE A 35 -7.63 -4.52 5.21
CA ILE A 35 -7.42 -4.25 6.62
C ILE A 35 -8.65 -4.59 7.42
N LYS A 36 -8.56 -5.57 8.29
CA LYS A 36 -9.65 -5.89 9.20
C LYS A 36 -9.43 -5.14 10.51
N PRO A 37 -10.34 -4.21 10.85
CA PRO A 37 -10.21 -3.39 12.04
C PRO A 37 -10.55 -4.15 13.33
N SER A 38 -10.01 -3.68 14.45
CA SER A 38 -10.26 -4.29 15.73
C SER A 38 -11.56 -3.76 16.33
N GLY A 39 -12.67 -4.06 15.66
CA GLY A 39 -13.96 -3.58 16.10
C GLY A 39 -14.20 -2.14 15.71
N ASN A 40 -15.10 -1.92 14.77
CA ASN A 40 -15.41 -0.57 14.31
C ASN A 40 -16.66 -0.06 15.01
N PHE A 41 -16.46 0.66 16.11
CA PHE A 41 -17.56 1.27 16.83
C PHE A 41 -17.38 2.78 16.87
N ILE A 42 -16.49 3.23 17.75
CA ILE A 42 -16.15 4.63 17.83
C ILE A 42 -14.86 4.89 17.05
N GLY A 43 -14.71 6.09 16.53
CA GLY A 43 -13.50 6.43 15.82
C GLY A 43 -13.70 7.61 14.89
N THR A 44 -12.98 7.60 13.80
CA THR A 44 -13.03 8.67 12.82
C THR A 44 -13.08 8.07 11.42
N VAL A 45 -12.84 8.88 10.41
CA VAL A 45 -12.83 8.39 9.05
C VAL A 45 -11.44 7.84 8.73
N TYR A 46 -11.41 6.56 8.36
CA TYR A 46 -10.16 5.89 8.00
C TYR A 46 -9.47 6.67 6.87
N THR A 47 -8.26 7.11 7.14
CA THR A 47 -7.55 8.01 6.23
C THR A 47 -6.34 7.33 5.61
N LEU A 48 -6.15 7.53 4.31
CA LEU A 48 -5.02 6.94 3.62
C LEU A 48 -4.33 8.00 2.76
N ARG A 49 -3.10 8.32 3.12
CA ARG A 49 -2.31 9.28 2.38
C ARG A 49 -1.18 8.55 1.65
N TYR A 50 -0.98 8.89 0.39
CA TYR A 50 -0.05 8.16 -0.46
C TYR A 50 1.22 8.96 -0.65
N PHE A 51 2.31 8.28 -0.99
CA PHE A 51 3.56 8.95 -1.26
C PHE A 51 4.42 8.13 -2.21
N GLN A 52 4.83 8.76 -3.30
CA GLN A 52 5.79 8.15 -4.22
C GLN A 52 7.06 8.98 -4.24
N PRO A 53 7.97 8.75 -3.30
CA PRO A 53 9.18 9.54 -3.15
C PRO A 53 10.33 9.04 -4.01
N ASP A 54 10.10 7.94 -4.69
CA ASP A 54 11.14 7.31 -5.49
C ASP A 54 10.58 6.82 -6.82
N GLY A 55 9.62 5.90 -6.74
CA GLY A 55 9.00 5.37 -7.95
C GLY A 55 8.06 6.36 -8.60
N LYS A 56 7.59 6.03 -9.79
CA LYS A 56 6.70 6.93 -10.52
C LYS A 56 5.61 6.15 -11.24
N GLY A 57 4.38 6.59 -11.07
CA GLY A 57 3.28 5.94 -11.74
C GLY A 57 1.94 6.42 -11.23
N SER A 58 0.87 5.88 -11.78
CA SER A 58 -0.48 6.26 -11.40
C SER A 58 -1.13 5.14 -10.59
N LEU A 59 -1.48 5.45 -9.36
CA LEU A 59 -2.16 4.50 -8.49
C LEU A 59 -3.65 4.79 -8.51
N LYS A 60 -4.43 3.84 -9.00
CA LYS A 60 -5.87 4.04 -9.09
C LYS A 60 -6.64 3.09 -8.17
N MET A 61 -7.88 3.44 -7.91
CA MET A 61 -8.78 2.60 -7.14
C MET A 61 -9.74 1.87 -8.08
N GLU A 62 -10.69 1.14 -7.50
CA GLU A 62 -11.71 0.45 -8.29
C GLU A 62 -12.59 1.45 -9.04
N ASP A 63 -12.80 2.61 -8.45
CA ASP A 63 -13.62 3.64 -9.08
C ASP A 63 -12.77 4.61 -9.86
N GLY A 64 -11.48 4.30 -10.00
CA GLY A 64 -10.57 5.20 -10.66
C GLY A 64 -9.85 6.08 -9.67
N THR A 65 -9.73 7.36 -10.00
CA THR A 65 -9.05 8.33 -9.16
C THR A 65 -7.55 8.06 -9.09
N VAL A 66 -6.76 8.94 -9.69
CA VAL A 66 -5.32 8.85 -9.57
C VAL A 66 -4.89 9.37 -8.21
N LEU A 67 -4.47 8.44 -7.36
CA LEU A 67 -4.09 8.76 -5.99
C LEU A 67 -2.77 9.52 -5.96
N LYS A 68 -2.85 10.76 -5.47
CA LYS A 68 -1.71 11.67 -5.50
C LYS A 68 -0.88 11.58 -4.23
N PRO A 69 0.45 11.68 -4.36
CA PRO A 69 1.34 11.74 -3.21
C PRO A 69 1.06 12.97 -2.34
N ASN A 70 1.13 12.79 -1.03
CA ASN A 70 0.92 13.87 -0.06
C ASN A 70 -0.57 14.21 0.06
N ASP A 71 -1.39 13.67 -0.83
CA ASP A 71 -2.82 13.95 -0.81
C ASP A 71 -3.53 12.98 0.13
N ARG A 72 -4.52 13.49 0.84
CA ARG A 72 -5.24 12.71 1.83
C ARG A 72 -6.57 12.22 1.26
N TYR A 73 -6.66 10.91 1.05
CA TYR A 73 -7.91 10.30 0.66
C TYR A 73 -8.52 9.57 1.84
N LEU A 74 -9.82 9.35 1.79
CA LEU A 74 -10.54 8.74 2.88
C LEU A 74 -11.37 7.58 2.37
N LEU A 75 -11.31 6.46 3.08
CA LEU A 75 -12.00 5.25 2.65
C LEU A 75 -12.95 4.76 3.74
N ASN A 76 -14.16 4.39 3.34
CA ASN A 76 -15.11 3.79 4.26
C ASN A 76 -15.01 2.27 4.17
N GLU A 77 -14.41 1.80 3.08
CA GLU A 77 -14.19 0.38 2.87
C GLU A 77 -12.84 -0.03 3.42
N TRP A 78 -12.80 -1.19 4.06
CA TRP A 78 -11.57 -1.67 4.68
C TRP A 78 -10.84 -2.67 3.78
N LYS A 79 -11.55 -3.18 2.77
CA LYS A 79 -10.95 -4.06 1.79
C LYS A 79 -11.11 -3.46 0.41
N PHE A 80 -10.00 -3.31 -0.31
CA PHE A 80 -10.02 -2.64 -1.60
C PHE A 80 -8.90 -3.13 -2.51
N ARG A 81 -8.91 -2.65 -3.74
CA ARG A 81 -7.95 -3.09 -4.74
C ARG A 81 -7.35 -1.87 -5.42
N LEU A 82 -6.03 -1.82 -5.49
CA LEU A 82 -5.33 -0.69 -6.08
C LEU A 82 -4.65 -1.10 -7.38
N TYR A 83 -4.57 -0.18 -8.32
CA TYR A 83 -3.93 -0.44 -9.59
C TYR A 83 -2.80 0.56 -9.81
N TYR A 84 -1.57 0.09 -9.69
CA TYR A 84 -0.41 0.95 -9.85
C TYR A 84 0.21 0.75 -11.23
N THR A 85 -0.06 1.69 -12.12
CA THR A 85 0.52 1.66 -13.45
C THR A 85 1.77 2.52 -13.49
N SER A 86 2.91 1.89 -13.71
CA SER A 86 4.20 2.57 -13.71
C SER A 86 4.33 3.52 -14.90
N GLN A 87 4.86 4.69 -14.64
CA GLN A 87 5.10 5.68 -15.69
C GLN A 87 6.60 5.92 -15.84
N SER A 88 7.38 4.95 -15.39
CA SER A 88 8.82 5.03 -15.47
C SER A 88 9.37 3.68 -15.91
N ASP A 89 10.57 3.68 -16.48
CA ASP A 89 11.16 2.48 -17.03
C ASP A 89 11.57 1.50 -15.92
N LYS A 90 11.85 0.26 -16.31
CA LYS A 90 12.19 -0.79 -15.35
C LYS A 90 13.39 -0.41 -14.50
N GLU A 91 13.14 -0.19 -13.22
CA GLU A 91 14.16 0.17 -12.26
C GLU A 91 13.56 0.09 -10.86
N ALA A 92 14.42 0.13 -9.85
CA ALA A 92 13.94 0.09 -8.47
C ALA A 92 13.07 1.30 -8.18
N GLN A 93 11.80 1.04 -7.95
CA GLN A 93 10.84 2.11 -7.68
C GLN A 93 10.16 1.88 -6.34
N THR A 94 10.36 2.81 -5.42
CA THR A 94 9.84 2.66 -4.07
C THR A 94 8.62 3.54 -3.83
N ILE A 95 7.55 2.95 -3.32
CA ILE A 95 6.38 3.70 -2.90
C ILE A 95 6.13 3.48 -1.40
N ASP A 96 5.61 4.48 -0.73
CA ASP A 96 5.39 4.40 0.71
C ASP A 96 3.95 4.79 1.03
N LEU A 97 3.17 3.83 1.52
CA LEU A 97 1.75 4.05 1.78
C LEU A 97 1.51 4.27 3.26
N TYR A 98 0.94 5.43 3.60
CA TYR A 98 0.71 5.79 4.99
C TYR A 98 -0.75 5.59 5.39
N PHE A 99 -1.00 4.50 6.09
CA PHE A 99 -2.35 4.16 6.53
C PHE A 99 -2.62 4.74 7.91
N GLU A 100 -3.63 5.58 8.03
CA GLU A 100 -3.98 6.16 9.31
C GLU A 100 -5.27 5.54 9.83
N ASP A 101 -5.19 4.96 11.01
CA ASP A 101 -6.31 4.24 11.62
C ASP A 101 -7.44 5.19 12.00
N ASN A 102 -7.24 5.87 13.12
CA ASN A 102 -8.24 6.77 13.68
C ASN A 102 -7.54 7.89 14.45
N TRP A 103 -7.35 9.03 13.79
CA TRP A 103 -6.65 10.19 14.34
C TRP A 103 -5.16 9.92 14.48
N GLY A 104 -4.83 8.88 15.25
CA GLY A 104 -3.46 8.46 15.39
C GLY A 104 -3.24 7.07 14.83
N ASN A 105 -2.18 6.42 15.28
CA ASN A 105 -1.85 5.06 14.83
C ASN A 105 -1.56 5.05 13.33
N LEU A 106 -0.45 5.65 12.94
CA LEU A 106 -0.04 5.66 11.55
C LEU A 106 0.83 4.46 11.24
N GLN A 107 0.42 3.67 10.25
CA GLN A 107 1.17 2.52 9.82
C GLN A 107 1.54 2.66 8.36
N GLN A 108 2.82 2.71 8.08
CA GLN A 108 3.29 2.91 6.71
C GLN A 108 3.82 1.61 6.12
N LEU A 109 3.33 1.27 4.95
CA LEU A 109 3.79 0.08 4.25
C LEU A 109 4.60 0.50 3.03
N THR A 110 5.90 0.28 3.11
CA THR A 110 6.81 0.64 2.04
C THR A 110 7.01 -0.54 1.10
N TYR A 111 6.74 -0.32 -0.18
CA TYR A 111 6.87 -1.38 -1.18
C TYR A 111 7.92 -0.99 -2.21
N ASP A 112 9.02 -1.75 -2.21
CA ASP A 112 10.10 -1.53 -3.16
C ASP A 112 9.87 -2.39 -4.40
N PHE A 113 9.76 -1.76 -5.55
CA PHE A 113 9.54 -2.49 -6.79
C PHE A 113 10.85 -2.71 -7.52
N ASN A 114 10.96 -3.85 -8.17
CA ASN A 114 12.17 -4.27 -8.89
C ASN A 114 13.27 -4.69 -7.91
N GLY A 115 12.94 -4.69 -6.63
CA GLY A 115 13.84 -5.20 -5.62
C GLY A 115 14.86 -4.17 -5.16
N LYS A 116 16.14 -4.48 -5.39
CA LYS A 116 17.26 -3.65 -4.97
C LYS A 116 17.42 -3.65 -3.45
N LEU A 117 18.65 -3.45 -2.99
CA LEU A 117 18.94 -3.47 -1.57
C LEU A 117 18.94 -2.07 -0.99
N GLU A 118 17.93 -1.27 -1.37
CA GLU A 118 17.83 0.09 -0.87
C GLU A 118 17.18 0.11 0.51
N HIS A 119 17.86 -0.50 1.46
CA HIS A 119 17.44 -0.51 2.85
C HIS A 119 18.67 -0.67 3.73
N HIS A 120 18.47 -0.76 5.04
CA HIS A 120 19.60 -0.86 5.95
C HIS A 120 20.19 -2.28 5.92
N HIS A 121 20.95 -2.57 4.88
CA HIS A 121 21.70 -3.81 4.80
C HIS A 121 22.79 -3.79 5.86
N HIS A 122 23.81 -3.00 5.60
CA HIS A 122 24.81 -2.62 6.59
C HIS A 122 25.32 -1.23 6.22
N HIS A 123 26.25 -1.20 5.27
CA HIS A 123 26.62 0.03 4.59
C HIS A 123 26.72 -0.27 3.10
N HIS A 124 27.22 -1.46 2.81
CA HIS A 124 27.22 -1.99 1.44
C HIS A 124 26.73 -3.44 1.49
N MET A 1 14.25 -19.48 24.83
CA MET A 1 14.21 -19.23 26.29
C MET A 1 12.76 -19.27 26.78
N ASN A 2 11.89 -19.96 26.04
CA ASN A 2 10.46 -20.00 26.33
C ASN A 2 9.92 -18.58 26.44
N GLU A 3 10.24 -17.78 25.42
CA GLU A 3 9.93 -16.36 25.37
C GLU A 3 8.54 -16.02 25.91
N LEU A 4 7.50 -16.41 25.20
CA LEU A 4 6.14 -16.08 25.61
C LEU A 4 5.20 -17.27 25.44
N ASP A 5 3.95 -17.06 25.79
CA ASP A 5 2.92 -18.06 25.57
C ASP A 5 1.90 -17.53 24.56
N ILE A 6 0.95 -16.73 25.03
CA ILE A 6 -0.02 -16.08 24.17
C ILE A 6 -0.31 -14.68 24.69
N GLN A 7 -1.40 -14.08 24.21
CA GLN A 7 -1.88 -12.80 24.73
C GLN A 7 -0.95 -11.65 24.35
N GLN A 8 -1.21 -11.08 23.18
CA GLN A 8 -0.50 -9.88 22.73
C GLN A 8 -1.51 -8.82 22.33
N GLU A 9 -1.07 -7.75 21.69
CA GLU A 9 -1.98 -6.66 21.36
C GLU A 9 -2.74 -6.96 20.06
N TYR A 10 -2.23 -6.47 18.94
CA TYR A 10 -2.86 -6.65 17.63
C TYR A 10 -4.38 -6.45 17.65
N PRO A 11 -4.84 -5.19 17.67
CA PRO A 11 -6.28 -4.89 17.68
C PRO A 11 -6.91 -4.94 16.29
N PHE A 12 -6.12 -5.36 15.31
CA PHE A 12 -6.58 -5.46 13.94
C PHE A 12 -5.64 -6.37 13.14
N THR A 13 -6.10 -6.81 11.98
CA THR A 13 -5.28 -7.64 11.11
C THR A 13 -5.20 -7.04 9.72
N VAL A 14 -3.99 -6.92 9.19
CA VAL A 14 -3.78 -6.36 7.87
C VAL A 14 -3.29 -7.43 6.90
N GLU A 15 -3.98 -7.56 5.78
CA GLU A 15 -3.54 -8.47 4.73
C GLU A 15 -2.96 -7.70 3.56
N SER A 16 -1.74 -8.05 3.19
CA SER A 16 -1.06 -7.43 2.08
C SER A 16 -0.70 -8.49 1.03
N MET A 17 -1.29 -8.37 -0.15
CA MET A 17 -1.01 -9.31 -1.22
C MET A 17 0.22 -8.87 -2.00
N PRO A 18 1.22 -9.78 -2.11
CA PRO A 18 2.48 -9.51 -2.82
C PRO A 18 2.26 -9.06 -4.26
N VAL A 19 3.17 -8.24 -4.74
CA VAL A 19 3.06 -7.64 -6.07
C VAL A 19 4.13 -8.18 -7.01
N ALA A 20 4.06 -7.79 -8.27
CA ALA A 20 5.09 -8.15 -9.23
C ALA A 20 6.30 -7.26 -9.02
N ASP A 21 7.43 -7.88 -8.66
CA ASP A 21 8.65 -7.14 -8.35
C ASP A 21 9.30 -6.60 -9.61
N GLU A 22 9.14 -7.33 -10.70
CA GLU A 22 9.81 -6.99 -11.96
C GLU A 22 8.95 -6.08 -12.83
N ILE A 23 9.44 -4.86 -13.02
CA ILE A 23 8.73 -3.87 -13.82
C ILE A 23 9.44 -3.65 -15.15
N ALA A 24 8.68 -3.72 -16.23
CA ALA A 24 9.23 -3.50 -17.58
C ALA A 24 9.32 -2.01 -17.88
N GLY A 25 8.18 -1.36 -18.02
CA GLY A 25 8.16 0.08 -18.25
C GLY A 25 6.80 0.68 -17.97
N ASP A 26 5.81 0.27 -18.76
CA ASP A 26 4.44 0.77 -18.62
C ASP A 26 3.59 -0.26 -17.89
N GLU A 27 4.28 -1.11 -17.14
CA GLU A 27 3.66 -2.25 -16.47
C GLU A 27 2.59 -1.79 -15.47
N THR A 28 1.45 -2.47 -15.48
CA THR A 28 0.42 -2.20 -14.50
C THR A 28 0.29 -3.38 -13.56
N VAL A 29 0.66 -3.17 -12.30
CA VAL A 29 0.65 -4.23 -11.32
C VAL A 29 -0.55 -4.10 -10.39
N GLU A 30 -0.94 -5.20 -9.78
CA GLU A 30 -2.13 -5.23 -8.94
C GLU A 30 -1.75 -5.39 -7.48
N ILE A 31 -2.12 -4.41 -6.67
CA ILE A 31 -1.83 -4.42 -5.25
C ILE A 31 -3.11 -4.60 -4.46
N ARG A 32 -3.24 -5.69 -3.74
CA ARG A 32 -4.43 -5.93 -2.96
C ARG A 32 -4.16 -5.69 -1.48
N LEU A 33 -5.00 -4.87 -0.87
CA LEU A 33 -4.85 -4.55 0.54
C LEU A 33 -6.22 -4.66 1.21
N GLU A 34 -6.27 -5.41 2.32
CA GLU A 34 -7.51 -5.63 3.04
C GLU A 34 -7.23 -5.67 4.54
N ILE A 35 -8.00 -4.93 5.31
CA ILE A 35 -7.79 -4.84 6.75
C ILE A 35 -9.05 -5.19 7.53
N LYS A 36 -8.88 -5.96 8.59
CA LYS A 36 -9.97 -6.28 9.50
C LYS A 36 -9.73 -5.61 10.84
N PRO A 37 -10.42 -4.51 11.12
CA PRO A 37 -10.34 -3.85 12.41
C PRO A 37 -11.25 -4.50 13.45
N SER A 38 -10.68 -4.87 14.59
CA SER A 38 -11.47 -5.48 15.66
C SER A 38 -12.05 -4.40 16.55
N GLY A 39 -13.25 -3.95 16.20
CA GLY A 39 -13.90 -2.91 16.96
C GLY A 39 -15.37 -2.81 16.62
N ASN A 40 -16.22 -2.89 17.64
CA ASN A 40 -17.66 -2.80 17.45
C ASN A 40 -18.05 -1.37 17.12
N PHE A 41 -17.33 -0.43 17.72
CA PHE A 41 -17.59 0.98 17.50
C PHE A 41 -16.31 1.67 17.04
N ILE A 42 -16.45 2.57 16.08
CA ILE A 42 -15.31 3.34 15.59
C ILE A 42 -15.52 4.82 15.90
N GLY A 43 -14.79 5.31 16.88
CA GLY A 43 -14.94 6.69 17.31
C GLY A 43 -13.78 7.56 16.87
N THR A 44 -13.38 7.41 15.62
CA THR A 44 -12.29 8.19 15.08
C THR A 44 -12.36 8.18 13.55
N VAL A 45 -11.47 8.93 12.92
CA VAL A 45 -11.43 9.02 11.46
C VAL A 45 -10.11 8.49 10.93
N TYR A 46 -10.18 7.36 10.24
CA TYR A 46 -8.98 6.74 9.67
C TYR A 46 -8.66 7.38 8.33
N THR A 47 -7.43 7.85 8.17
CA THR A 47 -7.03 8.56 6.97
C THR A 47 -5.90 7.83 6.26
N LEU A 48 -5.95 7.81 4.94
CA LEU A 48 -4.91 7.21 4.13
C LEU A 48 -4.25 8.26 3.25
N ARG A 49 -2.95 8.43 3.42
CA ARG A 49 -2.18 9.33 2.58
C ARG A 49 -1.29 8.52 1.65
N TYR A 50 -1.15 8.99 0.42
CA TYR A 50 -0.28 8.33 -0.53
C TYR A 50 0.98 9.14 -0.71
N PHE A 51 2.12 8.46 -0.80
CA PHE A 51 3.41 9.13 -0.94
C PHE A 51 4.40 8.25 -1.69
N GLN A 52 5.28 8.88 -2.47
CA GLN A 52 6.31 8.16 -3.21
C GLN A 52 7.67 8.85 -3.04
N PRO A 53 8.62 8.18 -2.36
CA PRO A 53 9.99 8.68 -2.24
C PRO A 53 10.70 8.71 -3.59
N ASP A 54 10.32 7.80 -4.48
CA ASP A 54 10.86 7.75 -5.83
C ASP A 54 9.95 6.86 -6.69
N GLY A 55 10.37 6.63 -7.92
CA GLY A 55 9.55 5.86 -8.84
C GLY A 55 8.47 6.71 -9.49
N LYS A 56 8.27 6.55 -10.78
CA LYS A 56 7.24 7.30 -11.48
C LYS A 56 6.14 6.37 -11.95
N GLY A 57 4.90 6.77 -11.72
CA GLY A 57 3.78 5.94 -12.07
C GLY A 57 2.52 6.37 -11.34
N SER A 58 1.38 5.84 -11.76
CA SER A 58 0.11 6.24 -11.17
C SER A 58 -0.59 5.04 -10.51
N LEU A 59 -0.87 5.17 -9.22
CA LEU A 59 -1.59 4.13 -8.50
C LEU A 59 -3.07 4.47 -8.47
N LYS A 60 -3.88 3.64 -9.11
CA LYS A 60 -5.31 3.91 -9.21
C LYS A 60 -6.13 2.85 -8.45
N MET A 61 -7.19 3.30 -7.81
CA MET A 61 -8.07 2.42 -7.07
C MET A 61 -9.06 1.74 -8.01
N GLU A 62 -8.86 0.43 -8.19
CA GLU A 62 -9.71 -0.40 -9.04
C GLU A 62 -9.77 0.10 -10.48
N ASP A 63 -10.61 1.09 -10.75
CA ASP A 63 -10.88 1.49 -12.12
C ASP A 63 -10.64 2.98 -12.34
N GLY A 64 -10.81 3.80 -11.32
CA GLY A 64 -10.82 5.23 -11.56
C GLY A 64 -10.00 6.05 -10.57
N THR A 65 -10.37 5.99 -9.30
CA THR A 65 -9.80 6.88 -8.28
C THR A 65 -8.27 6.84 -8.24
N VAL A 66 -7.64 7.93 -8.68
CA VAL A 66 -6.19 8.01 -8.70
C VAL A 66 -5.66 8.43 -7.34
N LEU A 67 -4.64 7.74 -6.85
CA LEU A 67 -3.97 8.12 -5.63
C LEU A 67 -2.81 9.05 -5.96
N LYS A 68 -2.68 10.13 -5.20
CA LYS A 68 -1.66 11.13 -5.46
C LYS A 68 -0.80 11.33 -4.22
N PRO A 69 0.53 11.47 -4.39
CA PRO A 69 1.47 11.64 -3.28
C PRO A 69 1.31 12.98 -2.58
N ASN A 70 0.30 13.05 -1.70
CA ASN A 70 -0.09 14.26 -0.98
C ASN A 70 -1.55 14.14 -0.57
N ASP A 71 -2.32 13.48 -1.42
CA ASP A 71 -3.77 13.44 -1.29
C ASP A 71 -4.20 12.61 -0.10
N ARG A 72 -5.25 13.07 0.56
CA ARG A 72 -5.77 12.42 1.75
C ARG A 72 -7.14 11.79 1.48
N TYR A 73 -7.19 10.47 1.57
CA TYR A 73 -8.45 9.76 1.39
C TYR A 73 -8.89 9.13 2.72
N LEU A 74 -10.19 8.99 2.91
CA LEU A 74 -10.72 8.44 4.14
C LEU A 74 -11.09 6.97 3.94
N LEU A 75 -10.85 6.15 4.95
CA LEU A 75 -11.15 4.73 4.87
C LEU A 75 -12.64 4.48 5.01
N ASN A 76 -13.34 4.48 3.88
CA ASN A 76 -14.76 4.13 3.84
C ASN A 76 -14.91 2.62 3.79
N GLU A 77 -14.08 1.99 2.96
CA GLU A 77 -14.07 0.54 2.84
C GLU A 77 -12.66 0.04 3.15
N TRP A 78 -12.56 -1.07 3.88
CA TRP A 78 -11.28 -1.58 4.34
C TRP A 78 -10.77 -2.70 3.44
N LYS A 79 -11.46 -2.88 2.33
CA LYS A 79 -11.07 -3.87 1.35
C LYS A 79 -11.01 -3.19 -0.02
N PHE A 80 -9.86 -3.27 -0.69
CA PHE A 80 -9.69 -2.59 -1.96
C PHE A 80 -8.54 -3.16 -2.77
N ARG A 81 -8.59 -2.88 -4.07
CA ARG A 81 -7.58 -3.34 -5.01
C ARG A 81 -6.99 -2.14 -5.74
N LEU A 82 -5.68 -2.04 -5.75
CA LEU A 82 -5.01 -0.91 -6.36
C LEU A 82 -4.24 -1.36 -7.60
N TYR A 83 -4.24 -0.53 -8.62
CA TYR A 83 -3.54 -0.83 -9.86
C TYR A 83 -2.47 0.21 -10.12
N TYR A 84 -1.21 -0.21 -10.05
CA TYR A 84 -0.10 0.72 -10.23
C TYR A 84 0.42 0.63 -11.66
N THR A 85 0.11 1.65 -12.44
CA THR A 85 0.65 1.76 -13.78
C THR A 85 1.97 2.52 -13.72
N SER A 86 3.07 1.82 -13.92
CA SER A 86 4.38 2.42 -13.84
C SER A 86 4.66 3.25 -15.09
N GLN A 87 5.39 4.33 -14.91
CA GLN A 87 5.76 5.19 -16.03
C GLN A 87 7.27 5.36 -16.04
N SER A 88 7.96 4.40 -15.46
CA SER A 88 9.42 4.47 -15.35
C SER A 88 10.03 3.10 -15.64
N ASP A 89 11.16 3.13 -16.35
CA ASP A 89 11.92 1.91 -16.65
C ASP A 89 13.04 1.75 -15.61
N LYS A 90 13.18 2.75 -14.77
CA LYS A 90 14.26 2.80 -13.81
C LYS A 90 13.99 1.86 -12.65
N GLU A 91 15.02 1.14 -12.24
CA GLU A 91 14.89 0.12 -11.21
C GLU A 91 14.92 0.74 -9.81
N ALA A 92 13.95 1.61 -9.55
CA ALA A 92 13.80 2.24 -8.26
C ALA A 92 12.41 2.87 -8.13
N GLN A 93 11.42 2.06 -7.85
CA GLN A 93 10.06 2.55 -7.65
C GLN A 93 9.55 2.14 -6.29
N THR A 94 9.53 3.09 -5.37
CA THR A 94 9.08 2.80 -4.02
C THR A 94 7.86 3.64 -3.66
N ILE A 95 6.80 2.97 -3.22
CA ILE A 95 5.61 3.66 -2.78
C ILE A 95 5.38 3.39 -1.30
N ASP A 96 4.83 4.37 -0.59
CA ASP A 96 4.58 4.23 0.84
C ASP A 96 3.17 4.68 1.17
N LEU A 97 2.41 3.80 1.79
CA LEU A 97 1.04 4.09 2.16
C LEU A 97 0.97 4.51 3.62
N TYR A 98 0.64 5.78 3.86
CA TYR A 98 0.55 6.31 5.21
C TYR A 98 -0.86 6.17 5.75
N PHE A 99 -1.09 5.15 6.55
CA PHE A 99 -2.37 4.97 7.21
C PHE A 99 -2.34 5.64 8.57
N GLU A 100 -3.35 6.44 8.86
CA GLU A 100 -3.48 7.04 10.18
C GLU A 100 -4.59 6.36 10.96
N ASP A 101 -4.22 5.78 12.09
CA ASP A 101 -5.15 4.99 12.89
C ASP A 101 -5.38 5.66 14.24
N ASN A 102 -6.63 6.06 14.50
CA ASN A 102 -6.99 6.72 15.76
C ASN A 102 -6.20 8.01 15.93
N TRP A 103 -5.63 8.51 14.84
CA TRP A 103 -4.78 9.71 14.82
C TRP A 103 -3.43 9.46 15.47
N GLY A 104 -3.42 8.74 16.58
CA GLY A 104 -2.19 8.45 17.29
C GLY A 104 -1.26 7.54 16.51
N ASN A 105 -1.82 6.49 15.93
CA ASN A 105 -1.02 5.51 15.20
C ASN A 105 -0.78 5.95 13.76
N LEU A 106 0.47 5.82 13.33
CA LEU A 106 0.82 6.02 11.95
C LEU A 106 1.37 4.71 11.39
N GLN A 107 0.75 4.21 10.34
CA GLN A 107 1.13 2.91 9.79
C GLN A 107 1.57 3.09 8.34
N GLN A 108 2.85 2.90 8.11
CA GLN A 108 3.44 3.13 6.80
C GLN A 108 3.73 1.81 6.10
N LEU A 109 2.96 1.51 5.07
CA LEU A 109 3.17 0.30 4.29
C LEU A 109 3.96 0.60 3.03
N THR A 110 5.20 0.12 2.98
CA THR A 110 6.07 0.40 1.86
C THR A 110 6.09 -0.77 0.87
N TYR A 111 6.16 -0.45 -0.41
CA TYR A 111 6.31 -1.46 -1.45
C TYR A 111 7.39 -1.03 -2.43
N ASP A 112 8.32 -1.93 -2.69
CA ASP A 112 9.45 -1.63 -3.57
C ASP A 112 9.35 -2.40 -4.87
N PHE A 113 9.37 -1.67 -5.98
CA PHE A 113 9.32 -2.28 -7.30
C PHE A 113 10.68 -2.22 -7.96
N ASN A 114 11.00 -3.29 -8.69
CA ASN A 114 12.29 -3.45 -9.36
C ASN A 114 13.41 -3.68 -8.36
N GLY A 115 13.61 -4.94 -7.98
CA GLY A 115 14.67 -5.29 -7.06
C GLY A 115 15.97 -5.58 -7.78
N LYS A 116 16.27 -4.76 -8.79
CA LYS A 116 17.53 -4.83 -9.55
C LYS A 116 17.61 -6.06 -10.47
N LEU A 117 16.70 -7.02 -10.27
CA LEU A 117 16.68 -8.27 -11.03
C LEU A 117 18.02 -9.01 -10.90
N GLU A 118 18.91 -8.76 -11.86
CA GLU A 118 20.27 -9.27 -11.87
C GLU A 118 20.32 -10.80 -11.73
N HIS A 119 20.06 -11.50 -12.82
CA HIS A 119 20.47 -12.89 -12.95
C HIS A 119 21.62 -12.91 -13.93
N HIS A 120 22.65 -13.69 -13.64
CA HIS A 120 23.94 -13.53 -14.32
C HIS A 120 23.83 -13.77 -15.82
N HIS A 121 23.78 -12.67 -16.56
CA HIS A 121 23.72 -12.67 -18.01
C HIS A 121 23.57 -11.25 -18.51
N HIS A 122 24.68 -10.57 -18.71
CA HIS A 122 24.67 -9.19 -19.17
C HIS A 122 24.67 -9.15 -20.69
N HIS A 123 23.56 -8.66 -21.26
CA HIS A 123 23.42 -8.61 -22.70
C HIS A 123 24.29 -7.50 -23.28
N HIS A 124 24.84 -7.74 -24.46
CA HIS A 124 25.67 -6.76 -25.13
C HIS A 124 25.66 -7.01 -26.62
N MET A 1 1.44 -17.98 37.65
CA MET A 1 1.34 -18.37 36.22
C MET A 1 0.94 -17.15 35.40
N ASN A 2 1.47 -17.04 34.18
CA ASN A 2 1.06 -15.97 33.29
C ASN A 2 -0.30 -16.30 32.71
N GLU A 3 -1.32 -15.57 33.18
CA GLU A 3 -2.68 -15.83 32.75
C GLU A 3 -2.85 -15.47 31.28
N LEU A 4 -2.33 -14.30 30.90
CA LEU A 4 -2.38 -13.86 29.52
C LEU A 4 -0.97 -13.68 28.96
N ASP A 5 -0.51 -14.65 28.20
CA ASP A 5 0.76 -14.53 27.49
C ASP A 5 0.52 -13.84 26.15
N ILE A 6 1.60 -13.42 25.50
CA ILE A 6 1.53 -12.67 24.24
C ILE A 6 1.04 -11.25 24.52
N GLN A 7 1.96 -10.39 24.91
CA GLN A 7 1.64 -9.01 25.27
C GLN A 7 2.01 -8.05 24.14
N GLN A 8 2.01 -8.57 22.92
CA GLN A 8 2.29 -7.76 21.74
C GLN A 8 0.96 -7.32 21.14
N GLU A 9 0.74 -6.01 21.07
CA GLU A 9 -0.54 -5.44 20.64
C GLU A 9 -0.93 -5.89 19.23
N TYR A 10 -2.12 -6.46 19.11
CA TYR A 10 -2.65 -6.81 17.81
C TYR A 10 -3.99 -6.12 17.58
N PRO A 11 -3.96 -4.83 17.20
CA PRO A 11 -5.17 -4.08 16.89
C PRO A 11 -5.73 -4.50 15.54
N PHE A 12 -4.83 -4.67 14.58
CA PHE A 12 -5.20 -5.05 13.23
C PHE A 12 -4.05 -5.77 12.55
N THR A 13 -4.37 -6.59 11.57
CA THR A 13 -3.37 -7.30 10.80
C THR A 13 -3.47 -6.89 9.33
N VAL A 14 -2.34 -6.49 8.77
CA VAL A 14 -2.29 -6.04 7.39
C VAL A 14 -1.88 -7.18 6.47
N GLU A 15 -2.83 -7.71 5.72
CA GLU A 15 -2.53 -8.77 4.78
C GLU A 15 -2.54 -8.22 3.36
N SER A 16 -1.44 -8.41 2.66
CA SER A 16 -1.33 -8.00 1.28
C SER A 16 -1.28 -9.23 0.39
N MET A 17 -2.14 -9.27 -0.61
CA MET A 17 -2.13 -10.38 -1.55
C MET A 17 -0.89 -10.33 -2.41
N PRO A 18 -0.39 -11.49 -2.86
CA PRO A 18 0.88 -11.62 -3.59
C PRO A 18 1.10 -10.54 -4.64
N VAL A 19 2.02 -9.64 -4.35
CA VAL A 19 2.44 -8.64 -5.30
C VAL A 19 3.70 -9.10 -6.01
N ALA A 20 4.14 -8.34 -7.00
CA ALA A 20 5.30 -8.72 -7.79
C ALA A 20 6.59 -8.31 -7.11
N ASP A 21 7.65 -9.08 -7.36
CA ASP A 21 8.97 -8.76 -6.83
C ASP A 21 9.61 -7.66 -7.64
N GLU A 22 9.34 -7.70 -8.94
CA GLU A 22 9.85 -6.71 -9.87
C GLU A 22 8.70 -6.09 -10.64
N ILE A 23 8.98 -5.15 -11.53
CA ILE A 23 7.93 -4.50 -12.30
C ILE A 23 8.53 -3.82 -13.53
N ALA A 24 7.80 -3.86 -14.64
CA ALA A 24 8.24 -3.20 -15.86
C ALA A 24 7.94 -1.70 -15.80
N GLY A 25 8.32 -0.97 -16.84
CA GLY A 25 8.21 0.47 -16.81
C GLY A 25 6.81 0.98 -17.11
N ASP A 26 6.00 0.15 -17.75
CA ASP A 26 4.63 0.52 -18.07
C ASP A 26 3.69 -0.60 -17.65
N GLU A 27 3.99 -1.21 -16.52
CA GLU A 27 3.26 -2.36 -16.05
C GLU A 27 2.34 -1.99 -14.90
N THR A 28 1.17 -2.61 -14.86
CA THR A 28 0.19 -2.32 -13.82
C THR A 28 -0.01 -3.52 -12.90
N VAL A 29 0.35 -3.36 -11.65
CA VAL A 29 0.10 -4.38 -10.65
C VAL A 29 -0.98 -3.89 -9.68
N GLU A 30 -1.95 -4.75 -9.39
CA GLU A 30 -3.01 -4.38 -8.48
C GLU A 30 -2.72 -4.91 -7.10
N ILE A 31 -2.49 -3.99 -6.17
CA ILE A 31 -2.21 -4.34 -4.80
C ILE A 31 -3.52 -4.64 -4.07
N ARG A 32 -3.74 -5.91 -3.82
CA ARG A 32 -4.95 -6.36 -3.18
C ARG A 32 -4.74 -6.41 -1.68
N LEU A 33 -5.25 -5.41 -1.00
CA LEU A 33 -4.95 -5.23 0.41
C LEU A 33 -6.18 -5.47 1.26
N GLU A 34 -6.01 -6.29 2.30
CA GLU A 34 -7.07 -6.55 3.26
C GLU A 34 -6.53 -6.42 4.67
N ILE A 35 -6.99 -5.40 5.37
CA ILE A 35 -6.57 -5.19 6.74
C ILE A 35 -7.70 -5.56 7.69
N LYS A 36 -7.50 -6.63 8.44
CA LYS A 36 -8.50 -7.09 9.38
C LYS A 36 -8.08 -6.76 10.80
N PRO A 37 -8.93 -6.04 11.54
CA PRO A 37 -8.71 -5.79 12.96
C PRO A 37 -8.84 -7.07 13.78
N SER A 38 -7.95 -7.26 14.75
CA SER A 38 -8.05 -8.38 15.66
C SER A 38 -8.87 -7.97 16.87
N GLY A 39 -9.08 -6.67 16.98
CA GLY A 39 -9.94 -6.11 18.01
C GLY A 39 -10.62 -4.86 17.49
N ASN A 40 -11.94 -4.80 17.64
CA ASN A 40 -12.69 -3.67 17.11
C ASN A 40 -12.64 -2.49 18.05
N PHE A 41 -11.65 -1.63 17.86
CA PHE A 41 -11.55 -0.40 18.62
C PHE A 41 -12.29 0.72 17.90
N ILE A 42 -12.48 1.83 18.58
CA ILE A 42 -13.21 2.96 18.01
C ILE A 42 -12.34 3.70 16.99
N GLY A 43 -12.77 3.68 15.75
CA GLY A 43 -12.09 4.41 14.70
C GLY A 43 -12.99 5.47 14.09
N THR A 44 -12.41 6.39 13.34
CA THR A 44 -13.17 7.48 12.77
C THR A 44 -13.07 7.49 11.25
N VAL A 45 -12.97 6.27 10.68
CA VAL A 45 -12.84 6.07 9.23
C VAL A 45 -11.40 6.34 8.79
N TYR A 46 -10.90 5.47 7.93
CA TYR A 46 -9.49 5.43 7.59
C TYR A 46 -9.16 6.39 6.46
N THR A 47 -8.22 7.28 6.70
CA THR A 47 -7.74 8.18 5.67
C THR A 47 -6.43 7.64 5.11
N LEU A 48 -6.31 7.60 3.80
CA LEU A 48 -5.13 7.04 3.17
C LEU A 48 -4.34 8.12 2.44
N ARG A 49 -3.09 8.32 2.89
CA ARG A 49 -2.20 9.29 2.27
C ARG A 49 -1.12 8.56 1.49
N TYR A 50 -0.73 9.13 0.37
CA TYR A 50 0.19 8.48 -0.54
C TYR A 50 1.47 9.29 -0.67
N PHE A 51 2.56 8.62 -1.04
CA PHE A 51 3.80 9.30 -1.31
C PHE A 51 4.65 8.48 -2.27
N GLN A 52 5.04 9.08 -3.38
CA GLN A 52 5.87 8.41 -4.36
C GLN A 52 7.15 9.21 -4.60
N PRO A 53 8.23 8.82 -3.91
CA PRO A 53 9.51 9.51 -4.02
C PRO A 53 10.31 9.12 -5.26
N ASP A 54 10.91 7.93 -5.23
CA ASP A 54 11.74 7.46 -6.34
C ASP A 54 10.98 6.46 -7.19
N GLY A 55 10.94 6.73 -8.48
CA GLY A 55 10.17 5.92 -9.39
C GLY A 55 8.86 6.59 -9.73
N LYS A 56 8.53 6.59 -11.01
CA LYS A 56 7.28 7.19 -11.46
C LYS A 56 6.18 6.16 -11.48
N GLY A 57 5.04 6.53 -10.94
CA GLY A 57 3.91 5.65 -10.92
C GLY A 57 2.61 6.41 -10.81
N SER A 58 1.55 5.80 -11.29
CA SER A 58 0.23 6.34 -11.12
C SER A 58 -0.63 5.33 -10.37
N LEU A 59 -0.93 5.64 -9.12
CA LEU A 59 -1.73 4.77 -8.30
C LEU A 59 -3.18 5.19 -8.41
N LYS A 60 -3.99 4.30 -8.95
CA LYS A 60 -5.38 4.61 -9.23
C LYS A 60 -6.31 3.64 -8.52
N MET A 61 -7.53 4.08 -8.31
CA MET A 61 -8.56 3.26 -7.68
C MET A 61 -9.25 2.40 -8.74
N GLU A 62 -10.16 1.55 -8.30
CA GLU A 62 -10.88 0.67 -9.21
C GLU A 62 -11.63 1.45 -10.28
N ASP A 63 -12.02 2.67 -9.96
CA ASP A 63 -12.66 3.55 -10.92
C ASP A 63 -11.82 4.80 -11.14
N GLY A 64 -10.56 4.59 -11.53
CA GLY A 64 -9.69 5.70 -11.85
C GLY A 64 -9.29 6.48 -10.62
N THR A 65 -9.25 7.81 -10.75
CA THR A 65 -8.89 8.68 -9.63
C THR A 65 -7.41 8.56 -9.28
N VAL A 66 -6.64 9.58 -9.65
CA VAL A 66 -5.22 9.58 -9.40
C VAL A 66 -4.93 9.92 -7.94
N LEU A 67 -4.34 8.96 -7.25
CA LEU A 67 -3.97 9.13 -5.85
C LEU A 67 -2.61 9.81 -5.77
N LYS A 68 -2.62 11.06 -5.30
CA LYS A 68 -1.43 11.91 -5.36
C LYS A 68 -0.65 11.89 -4.05
N PRO A 69 0.69 12.00 -4.13
CA PRO A 69 1.56 12.13 -2.97
C PRO A 69 1.17 13.33 -2.11
N ASN A 70 1.25 13.16 -0.79
CA ASN A 70 0.89 14.20 0.18
C ASN A 70 -0.63 14.33 0.33
N ASP A 71 -1.35 13.98 -0.73
CA ASP A 71 -2.81 14.05 -0.71
C ASP A 71 -3.38 12.87 0.05
N ARG A 72 -4.62 12.99 0.47
CA ARG A 72 -5.25 11.97 1.29
C ARG A 72 -6.70 11.74 0.86
N TYR A 73 -7.02 10.48 0.61
CA TYR A 73 -8.37 10.10 0.25
C TYR A 73 -8.99 9.27 1.36
N LEU A 74 -10.30 9.32 1.48
CA LEU A 74 -10.98 8.69 2.60
C LEU A 74 -11.49 7.30 2.23
N LEU A 75 -11.18 6.32 3.07
CA LEU A 75 -11.65 4.96 2.87
C LEU A 75 -12.51 4.52 4.05
N ASN A 76 -13.75 4.20 3.77
CA ASN A 76 -14.69 3.78 4.81
C ASN A 76 -14.45 2.32 5.18
N GLU A 77 -13.83 1.60 4.26
CA GLU A 77 -13.55 0.18 4.45
C GLU A 77 -12.05 -0.06 4.43
N TRP A 78 -11.63 -1.15 5.07
CA TRP A 78 -10.20 -1.47 5.14
C TRP A 78 -9.84 -2.56 4.14
N LYS A 79 -10.70 -2.76 3.15
CA LYS A 79 -10.42 -3.69 2.07
C LYS A 79 -10.66 -3.02 0.74
N PHE A 80 -9.66 -3.07 -0.14
CA PHE A 80 -9.76 -2.48 -1.46
C PHE A 80 -8.56 -2.91 -2.29
N ARG A 81 -8.62 -2.70 -3.60
CA ARG A 81 -7.52 -3.03 -4.47
C ARG A 81 -7.08 -1.80 -5.25
N LEU A 82 -5.78 -1.55 -5.24
CA LEU A 82 -5.25 -0.36 -5.88
C LEU A 82 -4.44 -0.75 -7.11
N TYR A 83 -4.59 0.00 -8.17
CA TYR A 83 -3.91 -0.30 -9.42
C TYR A 83 -2.70 0.62 -9.59
N TYR A 84 -1.52 0.05 -9.43
CA TYR A 84 -0.29 0.81 -9.57
C TYR A 84 0.29 0.63 -10.96
N THR A 85 0.21 1.67 -11.76
CA THR A 85 0.81 1.65 -13.07
C THR A 85 2.12 2.43 -13.06
N SER A 86 3.21 1.77 -13.38
CA SER A 86 4.51 2.44 -13.43
C SER A 86 4.56 3.37 -14.63
N GLN A 87 5.24 4.50 -14.46
CA GLN A 87 5.36 5.47 -15.53
C GLN A 87 6.81 5.62 -15.97
N SER A 88 7.72 5.02 -15.22
CA SER A 88 9.13 5.05 -15.57
C SER A 88 9.66 3.62 -15.69
N ASP A 89 10.58 3.42 -16.62
CA ASP A 89 11.13 2.09 -16.88
C ASP A 89 12.47 1.94 -16.14
N LYS A 90 12.59 2.67 -15.04
CA LYS A 90 13.81 2.68 -14.27
C LYS A 90 13.75 1.63 -13.17
N GLU A 91 14.90 1.19 -12.70
CA GLU A 91 14.99 0.13 -11.72
C GLU A 91 14.82 0.67 -10.30
N ALA A 92 14.32 -0.19 -9.41
CA ALA A 92 14.09 0.16 -8.01
C ALA A 92 13.07 1.28 -7.84
N GLN A 93 11.81 0.91 -7.67
CA GLN A 93 10.74 1.89 -7.47
C GLN A 93 10.05 1.65 -6.14
N THR A 94 9.90 2.70 -5.35
CA THR A 94 9.39 2.58 -4.00
C THR A 94 8.21 3.53 -3.77
N ILE A 95 7.10 3.00 -3.27
CA ILE A 95 5.93 3.81 -2.96
C ILE A 95 5.53 3.66 -1.49
N ASP A 96 5.02 4.74 -0.92
CA ASP A 96 4.62 4.75 0.48
C ASP A 96 3.11 4.92 0.63
N LEU A 97 2.51 4.06 1.44
CA LEU A 97 1.09 4.18 1.76
C LEU A 97 0.91 4.45 3.26
N TYR A 98 0.32 5.58 3.59
CA TYR A 98 0.13 5.98 4.98
C TYR A 98 -1.33 5.89 5.39
N PHE A 99 -1.63 4.96 6.27
CA PHE A 99 -2.98 4.82 6.80
C PHE A 99 -3.12 5.60 8.10
N GLU A 100 -3.95 6.62 8.08
CA GLU A 100 -4.19 7.44 9.26
C GLU A 100 -5.69 7.52 9.53
N ASP A 101 -6.15 7.14 10.70
CA ASP A 101 -7.58 7.30 10.99
C ASP A 101 -7.79 8.02 12.31
N ASN A 102 -7.42 7.41 13.42
CA ASN A 102 -7.58 8.04 14.71
C ASN A 102 -6.25 8.57 15.20
N TRP A 103 -6.30 9.55 16.08
CA TRP A 103 -5.11 10.25 16.53
C TRP A 103 -4.18 9.32 17.28
N GLY A 104 -3.12 8.91 16.60
CA GLY A 104 -2.20 7.95 17.15
C GLY A 104 -2.04 6.74 16.25
N ASN A 105 -3.04 6.50 15.40
CA ASN A 105 -3.00 5.35 14.51
C ASN A 105 -2.57 5.76 13.11
N LEU A 106 -1.27 5.59 12.88
CA LEU A 106 -0.66 5.80 11.58
C LEU A 106 0.16 4.56 11.21
N GLN A 107 -0.21 3.92 10.13
CA GLN A 107 0.50 2.74 9.68
C GLN A 107 1.04 2.97 8.28
N GLN A 108 2.36 2.99 8.17
CA GLN A 108 3.01 3.20 6.89
C GLN A 108 3.38 1.87 6.25
N LEU A 109 2.89 1.65 5.04
CA LEU A 109 3.22 0.47 4.29
C LEU A 109 4.16 0.83 3.16
N THR A 110 5.39 0.38 3.26
CA THR A 110 6.40 0.65 2.25
C THR A 110 6.43 -0.46 1.21
N TYR A 111 6.07 -0.12 -0.01
CA TYR A 111 6.07 -1.08 -1.10
C TYR A 111 7.22 -0.80 -2.04
N ASP A 112 8.24 -1.64 -1.96
CA ASP A 112 9.44 -1.46 -2.76
C ASP A 112 9.56 -2.58 -3.79
N PHE A 113 9.43 -2.21 -5.06
CA PHE A 113 9.47 -3.19 -6.13
C PHE A 113 10.76 -3.04 -6.92
N ASN A 114 11.43 -4.17 -7.19
CA ASN A 114 12.69 -4.18 -7.94
C ASN A 114 13.76 -3.32 -7.24
N GLY A 115 13.51 -2.98 -5.97
CA GLY A 115 14.40 -2.10 -5.25
C GLY A 115 15.69 -2.76 -4.85
N LYS A 116 15.68 -4.08 -4.76
CA LYS A 116 16.86 -4.82 -4.37
C LYS A 116 17.62 -5.31 -5.59
N LEU A 117 18.73 -4.65 -5.87
CA LEU A 117 19.58 -5.01 -7.01
C LEU A 117 20.74 -5.88 -6.54
N GLU A 118 20.48 -6.70 -5.53
CA GLU A 118 21.47 -7.60 -4.99
C GLU A 118 21.71 -8.80 -5.90
N HIS A 119 22.86 -8.83 -6.54
CA HIS A 119 23.24 -9.96 -7.39
C HIS A 119 24.74 -10.22 -7.30
N HIS A 120 25.09 -11.47 -6.96
CA HIS A 120 26.47 -11.91 -6.86
C HIS A 120 27.24 -11.12 -5.79
N HIS A 121 27.88 -10.02 -6.20
CA HIS A 121 28.72 -9.20 -5.33
C HIS A 121 29.94 -9.98 -4.83
N HIS A 122 30.87 -9.26 -4.23
CA HIS A 122 32.01 -9.88 -3.57
C HIS A 122 31.83 -9.74 -2.06
N HIS A 123 31.13 -8.68 -1.67
CA HIS A 123 30.79 -8.44 -0.28
C HIS A 123 29.34 -7.99 -0.18
N HIS A 124 28.50 -8.85 0.36
CA HIS A 124 27.06 -8.57 0.47
C HIS A 124 26.56 -8.92 1.86
#